data_3DXR
# 
_entry.id   3DXR 
# 
_audit_conform.dict_name       mmcif_pdbx.dic 
_audit_conform.dict_version    5.398 
_audit_conform.dict_location   http://mmcif.pdb.org/dictionaries/ascii/mmcif_pdbx.dic 
# 
loop_
_database_2.database_id 
_database_2.database_code 
_database_2.pdbx_database_accession 
_database_2.pdbx_DOI 
PDB   3DXR         pdb_00003dxr 10.2210/pdb3dxr/pdb 
RCSB  RCSB048621   ?            ?                   
WWPDB D_1000048621 ?            ?                   
# 
loop_
_pdbx_audit_revision_history.ordinal 
_pdbx_audit_revision_history.data_content_type 
_pdbx_audit_revision_history.major_revision 
_pdbx_audit_revision_history.minor_revision 
_pdbx_audit_revision_history.revision_date 
1 'Structure model' 1 0 2008-12-23 
2 'Structure model' 1 1 2011-07-13 
3 'Structure model' 1 2 2017-10-25 
4 'Structure model' 1 3 2023-08-30 
5 'Structure model' 1 4 2024-11-13 
# 
_pdbx_audit_revision_details.ordinal             1 
_pdbx_audit_revision_details.revision_ordinal    1 
_pdbx_audit_revision_details.data_content_type   'Structure model' 
_pdbx_audit_revision_details.provider            repository 
_pdbx_audit_revision_details.type                'Initial release' 
_pdbx_audit_revision_details.description         ? 
_pdbx_audit_revision_details.details             ? 
# 
loop_
_pdbx_audit_revision_group.ordinal 
_pdbx_audit_revision_group.revision_ordinal 
_pdbx_audit_revision_group.data_content_type 
_pdbx_audit_revision_group.group 
1 2 'Structure model' 'Version format compliance' 
2 3 'Structure model' 'Refinement description'    
3 4 'Structure model' 'Data collection'           
4 4 'Structure model' 'Database references'       
5 4 'Structure model' 'Refinement description'    
6 5 'Structure model' 'Structure summary'         
# 
loop_
_pdbx_audit_revision_category.ordinal 
_pdbx_audit_revision_category.revision_ordinal 
_pdbx_audit_revision_category.data_content_type 
_pdbx_audit_revision_category.category 
1 3 'Structure model' software                      
2 4 'Structure model' chem_comp_atom                
3 4 'Structure model' chem_comp_bond                
4 4 'Structure model' database_2                    
5 4 'Structure model' pdbx_initial_refinement_model 
6 4 'Structure model' struct_ref_seq_dif            
7 5 'Structure model' pdbx_entry_details            
8 5 'Structure model' pdbx_modification_feature     
# 
loop_
_pdbx_audit_revision_item.ordinal 
_pdbx_audit_revision_item.revision_ordinal 
_pdbx_audit_revision_item.data_content_type 
_pdbx_audit_revision_item.item 
1 4 'Structure model' '_database_2.pdbx_DOI'                
2 4 'Structure model' '_database_2.pdbx_database_accession' 
3 4 'Structure model' '_struct_ref_seq_dif.details'         
# 
_pdbx_database_status.entry_id                        3DXR 
_pdbx_database_status.deposit_site                    RCSB 
_pdbx_database_status.process_site                    RCSB 
_pdbx_database_status.recvd_initial_deposition_date   2008-07-24 
_pdbx_database_status.status_code                     REL 
_pdbx_database_status.status_code_sf                  REL 
_pdbx_database_status.status_code_mr                  ? 
_pdbx_database_status.SG_entry                        ? 
_pdbx_database_status.pdb_format_compatible           Y 
_pdbx_database_status.status_code_cs                  ? 
_pdbx_database_status.methods_development_category    ? 
_pdbx_database_status.status_code_nmr_data            ? 
# 
loop_
_pdbx_database_related.db_name 
_pdbx_database_related.db_id 
_pdbx_database_related.details 
_pdbx_database_related.content_type 
PDB 2BSK 'Human Tim9-Tim10 hexameric assembly' unspecified 
PDB 3CJH 'Yeast Tim8-Tim13'                    unspecified 
# 
loop_
_audit_author.name 
_audit_author.pdbx_ordinal 
'Webb, C.T.'   1 
'Gulbis, J.M.' 2 
# 
_citation.id                        primary 
_citation.title                     
'Structural and functional requirements for activity of the Tim9-Tim10 complex in mitochondrial protein import' 
_citation.journal_abbrev            'Mol Biol Cell' 
_citation.journal_volume            20 
_citation.page_first                769 
_citation.page_last                 779 
_citation.year                      2009 
_citation.journal_id_ASTM           ? 
_citation.country                   US 
_citation.journal_id_ISSN           1059-1524 
_citation.journal_id_CSD            ? 
_citation.book_publisher            ? 
_citation.pdbx_database_id_PubMed   19037098 
_citation.pdbx_database_id_DOI      10.1091/mbc.E08-09-0903 
# 
loop_
_citation_author.citation_id 
_citation_author.name 
_citation_author.ordinal 
_citation_author.identifier_ORCID 
primary 'Baker, M.J.'   1 ? 
primary 'Webb, C.T.'    2 ? 
primary 'Stroud, D.A.'  3 ? 
primary 'Palmer, C.S.'  4 ? 
primary 'Frazier, A.E.' 5 ? 
primary 'Guiard, B.'    6 ? 
primary 'Chacinska, A.' 7 ? 
primary 'Gulbis, J.M.'  8 ? 
primary 'Ryan, M.T.'    9 ? 
# 
loop_
_entity.id 
_entity.type 
_entity.src_method 
_entity.pdbx_description 
_entity.formula_weight 
_entity.pdbx_number_of_molecules 
_entity.pdbx_ec 
_entity.pdbx_mutation 
_entity.pdbx_fragment 
_entity.details 
1 polymer man 'Mitochondrial import inner membrane translocase subunit TIM9'  10360.779 1  ? ? ? ? 
2 polymer man 'Mitochondrial import inner membrane translocase subunit TIM10' 10457.718 1  ? ? ? ? 
3 water   nat water                                                           18.015    43 ? ? ? ? 
# 
_entity_name_com.entity_id   2 
_entity_name_com.name        'Mitochondrial intermembrane protein MRS11' 
# 
loop_
_entity_poly.entity_id 
_entity_poly.type 
_entity_poly.nstd_linkage 
_entity_poly.nstd_monomer 
_entity_poly.pdbx_seq_one_letter_code 
_entity_poly.pdbx_seq_one_letter_code_can 
_entity_poly.pdbx_strand_id 
_entity_poly.pdbx_target_identifier 
1 'polypeptide(L)' no no 
;GSMDALNSKEQQEFQKVVEQKQMKDFMRLYSNLVERCFTDCVNDFTTSKLTNKEQTCIMKCSEKFLKHSERVGQRFQEQN
AALGQGLGR
;
;GSMDALNSKEQQEFQKVVEQKQMKDFMRLYSNLVERCFTDCVNDFTTSKLTNKEQTCIMKCSEKFLKHSERVGQRFQEQN
AALGQGLGR
;
A ? 
2 'polypeptide(L)' no no 
;GSMSFLGFGGGQPQLSSQQKIQAAEAELDLVTDMFNKLVNNCYKKCINTSYSEGELNKNESSCLDRCVAKYFETNVQVGE
NMQKMGQSFNAAGKF
;
;GSMSFLGFGGGQPQLSSQQKIQAAEAELDLVTDMFNKLVNNCYKKCINTSYSEGELNKNESSCLDRCVAKYFETNVQVGE
NMQKMGQSFNAAGKF
;
B ? 
# 
_pdbx_entity_nonpoly.entity_id   3 
_pdbx_entity_nonpoly.name        water 
_pdbx_entity_nonpoly.comp_id     HOH 
# 
loop_
_entity_poly_seq.entity_id 
_entity_poly_seq.num 
_entity_poly_seq.mon_id 
_entity_poly_seq.hetero 
1 1  GLY n 
1 2  SER n 
1 3  MET n 
1 4  ASP n 
1 5  ALA n 
1 6  LEU n 
1 7  ASN n 
1 8  SER n 
1 9  LYS n 
1 10 GLU n 
1 11 GLN n 
1 12 GLN n 
1 13 GLU n 
1 14 PHE n 
1 15 GLN n 
1 16 LYS n 
1 17 VAL n 
1 18 VAL n 
1 19 GLU n 
1 20 GLN n 
1 21 LYS n 
1 22 GLN n 
1 23 MET n 
1 24 LYS n 
1 25 ASP n 
1 26 PHE n 
1 27 MET n 
1 28 ARG n 
1 29 LEU n 
1 30 TYR n 
1 31 SER n 
1 32 ASN n 
1 33 LEU n 
1 34 VAL n 
1 35 GLU n 
1 36 ARG n 
1 37 CYS n 
1 38 PHE n 
1 39 THR n 
1 40 ASP n 
1 41 CYS n 
1 42 VAL n 
1 43 ASN n 
1 44 ASP n 
1 45 PHE n 
1 46 THR n 
1 47 THR n 
1 48 SER n 
1 49 LYS n 
1 50 LEU n 
1 51 THR n 
1 52 ASN n 
1 53 LYS n 
1 54 GLU n 
1 55 GLN n 
1 56 THR n 
1 57 CYS n 
1 58 ILE n 
1 59 MET n 
1 60 LYS n 
1 61 CYS n 
1 62 SER n 
1 63 GLU n 
1 64 LYS n 
1 65 PHE n 
1 66 LEU n 
1 67 LYS n 
1 68 HIS n 
1 69 SER n 
1 70 GLU n 
1 71 ARG n 
1 72 VAL n 
1 73 GLY n 
1 74 GLN n 
1 75 ARG n 
1 76 PHE n 
1 77 GLN n 
1 78 GLU n 
1 79 GLN n 
1 80 ASN n 
1 81 ALA n 
1 82 ALA n 
1 83 LEU n 
1 84 GLY n 
1 85 GLN n 
1 86 GLY n 
1 87 LEU n 
1 88 GLY n 
1 89 ARG n 
2 1  GLY n 
2 2  SER n 
2 3  MET n 
2 4  SER n 
2 5  PHE n 
2 6  LEU n 
2 7  GLY n 
2 8  PHE n 
2 9  GLY n 
2 10 GLY n 
2 11 GLY n 
2 12 GLN n 
2 13 PRO n 
2 14 GLN n 
2 15 LEU n 
2 16 SER n 
2 17 SER n 
2 18 GLN n 
2 19 GLN n 
2 20 LYS n 
2 21 ILE n 
2 22 GLN n 
2 23 ALA n 
2 24 ALA n 
2 25 GLU n 
2 26 ALA n 
2 27 GLU n 
2 28 LEU n 
2 29 ASP n 
2 30 LEU n 
2 31 VAL n 
2 32 THR n 
2 33 ASP n 
2 34 MET n 
2 35 PHE n 
2 36 ASN n 
2 37 LYS n 
2 38 LEU n 
2 39 VAL n 
2 40 ASN n 
2 41 ASN n 
2 42 CYS n 
2 43 TYR n 
2 44 LYS n 
2 45 LYS n 
2 46 CYS n 
2 47 ILE n 
2 48 ASN n 
2 49 THR n 
2 50 SER n 
2 51 TYR n 
2 52 SER n 
2 53 GLU n 
2 54 GLY n 
2 55 GLU n 
2 56 LEU n 
2 57 ASN n 
2 58 LYS n 
2 59 ASN n 
2 60 GLU n 
2 61 SER n 
2 62 SER n 
2 63 CYS n 
2 64 LEU n 
2 65 ASP n 
2 66 ARG n 
2 67 CYS n 
2 68 VAL n 
2 69 ALA n 
2 70 LYS n 
2 71 TYR n 
2 72 PHE n 
2 73 GLU n 
2 74 THR n 
2 75 ASN n 
2 76 VAL n 
2 77 GLN n 
2 78 VAL n 
2 79 GLY n 
2 80 GLU n 
2 81 ASN n 
2 82 MET n 
2 83 GLN n 
2 84 LYS n 
2 85 MET n 
2 86 GLY n 
2 87 GLN n 
2 88 SER n 
2 89 PHE n 
2 90 ASN n 
2 91 ALA n 
2 92 ALA n 
2 93 GLY n 
2 94 LYS n 
2 95 PHE n 
# 
loop_
_entity_src_gen.entity_id 
_entity_src_gen.pdbx_src_id 
_entity_src_gen.pdbx_alt_source_flag 
_entity_src_gen.pdbx_seq_type 
_entity_src_gen.pdbx_beg_seq_num 
_entity_src_gen.pdbx_end_seq_num 
_entity_src_gen.gene_src_common_name 
_entity_src_gen.gene_src_genus 
_entity_src_gen.pdbx_gene_src_gene 
_entity_src_gen.gene_src_species 
_entity_src_gen.gene_src_strain 
_entity_src_gen.gene_src_tissue 
_entity_src_gen.gene_src_tissue_fraction 
_entity_src_gen.gene_src_details 
_entity_src_gen.pdbx_gene_src_fragment 
_entity_src_gen.pdbx_gene_src_scientific_name 
_entity_src_gen.pdbx_gene_src_ncbi_taxonomy_id 
_entity_src_gen.pdbx_gene_src_variant 
_entity_src_gen.pdbx_gene_src_cell_line 
_entity_src_gen.pdbx_gene_src_atcc 
_entity_src_gen.pdbx_gene_src_organ 
_entity_src_gen.pdbx_gene_src_organelle 
_entity_src_gen.pdbx_gene_src_cell 
_entity_src_gen.pdbx_gene_src_cellular_location 
_entity_src_gen.host_org_common_name 
_entity_src_gen.pdbx_host_org_scientific_name 
_entity_src_gen.pdbx_host_org_ncbi_taxonomy_id 
_entity_src_gen.host_org_genus 
_entity_src_gen.pdbx_host_org_gene 
_entity_src_gen.pdbx_host_org_organ 
_entity_src_gen.host_org_species 
_entity_src_gen.pdbx_host_org_tissue 
_entity_src_gen.pdbx_host_org_tissue_fraction 
_entity_src_gen.pdbx_host_org_strain 
_entity_src_gen.pdbx_host_org_variant 
_entity_src_gen.pdbx_host_org_cell_line 
_entity_src_gen.pdbx_host_org_atcc 
_entity_src_gen.pdbx_host_org_culture_collection 
_entity_src_gen.pdbx_host_org_cell 
_entity_src_gen.pdbx_host_org_organelle 
_entity_src_gen.pdbx_host_org_cellular_location 
_entity_src_gen.pdbx_host_org_vector_type 
_entity_src_gen.pdbx_host_org_vector 
_entity_src_gen.host_org_details 
_entity_src_gen.expression_system_id 
_entity_src_gen.plasmid_name 
_entity_src_gen.plasmid_details 
_entity_src_gen.pdbx_description 
1 1 sample ? ? ? yeast ? TIM9           ? ? ? ? ? ? 'Saccharomyces cerevisiae' 4932 ? ? ? ? ? ? ? ? 'Escherichia coli' 562 ? ? ? ? 
? ? 'Origami DE3 pLysS' ? ? ? ? ? ? ? Plasmid ? ? ? PGEX-4T2 ? ? 
2 1 sample ? ? ? yeast ? 'MRS11, TIM10' ? ? ? ? ? ? 'Saccharomyces cerevisiae' 4932 ? ? ? ? ? ? ? ? 'Escherichia coli' 562 ? ? ? ? 
? ? 'Origami DE3 pLysS' ? ? ? ? ? ? ? Plasmid ? ? ? PGEX-4T2 ? ? 
# 
loop_
_chem_comp.id 
_chem_comp.type 
_chem_comp.mon_nstd_flag 
_chem_comp.name 
_chem_comp.pdbx_synonyms 
_chem_comp.formula 
_chem_comp.formula_weight 
ALA 'L-peptide linking' y ALANINE         ? 'C3 H7 N O2'     89.093  
ARG 'L-peptide linking' y ARGININE        ? 'C6 H15 N4 O2 1' 175.209 
ASN 'L-peptide linking' y ASPARAGINE      ? 'C4 H8 N2 O3'    132.118 
ASP 'L-peptide linking' y 'ASPARTIC ACID' ? 'C4 H7 N O4'     133.103 
CYS 'L-peptide linking' y CYSTEINE        ? 'C3 H7 N O2 S'   121.158 
GLN 'L-peptide linking' y GLUTAMINE       ? 'C5 H10 N2 O3'   146.144 
GLU 'L-peptide linking' y 'GLUTAMIC ACID' ? 'C5 H9 N O4'     147.129 
GLY 'peptide linking'   y GLYCINE         ? 'C2 H5 N O2'     75.067  
HIS 'L-peptide linking' y HISTIDINE       ? 'C6 H10 N3 O2 1' 156.162 
HOH non-polymer         . WATER           ? 'H2 O'           18.015  
ILE 'L-peptide linking' y ISOLEUCINE      ? 'C6 H13 N O2'    131.173 
LEU 'L-peptide linking' y LEUCINE         ? 'C6 H13 N O2'    131.173 
LYS 'L-peptide linking' y LYSINE          ? 'C6 H15 N2 O2 1' 147.195 
MET 'L-peptide linking' y METHIONINE      ? 'C5 H11 N O2 S'  149.211 
PHE 'L-peptide linking' y PHENYLALANINE   ? 'C9 H11 N O2'    165.189 
PRO 'L-peptide linking' y PROLINE         ? 'C5 H9 N O2'     115.130 
SER 'L-peptide linking' y SERINE          ? 'C3 H7 N O3'     105.093 
THR 'L-peptide linking' y THREONINE       ? 'C4 H9 N O3'     119.119 
TYR 'L-peptide linking' y TYROSINE        ? 'C9 H11 N O3'    181.189 
VAL 'L-peptide linking' y VALINE          ? 'C5 H11 N O2'    117.146 
# 
loop_
_pdbx_poly_seq_scheme.asym_id 
_pdbx_poly_seq_scheme.entity_id 
_pdbx_poly_seq_scheme.seq_id 
_pdbx_poly_seq_scheme.mon_id 
_pdbx_poly_seq_scheme.ndb_seq_num 
_pdbx_poly_seq_scheme.pdb_seq_num 
_pdbx_poly_seq_scheme.auth_seq_num 
_pdbx_poly_seq_scheme.pdb_mon_id 
_pdbx_poly_seq_scheme.auth_mon_id 
_pdbx_poly_seq_scheme.pdb_strand_id 
_pdbx_poly_seq_scheme.pdb_ins_code 
_pdbx_poly_seq_scheme.hetero 
A 1 1  GLY 1  -1 ?  ?   ?   A . n 
A 1 2  SER 2  0  ?  ?   ?   A . n 
A 1 3  MET 3  1  ?  ?   ?   A . n 
A 1 4  ASP 4  2  ?  ?   ?   A . n 
A 1 5  ALA 5  3  ?  ?   ?   A . n 
A 1 6  LEU 6  4  ?  ?   ?   A . n 
A 1 7  ASN 7  5  ?  ?   ?   A . n 
A 1 8  SER 8  6  ?  ?   ?   A . n 
A 1 9  LYS 9  7  ?  ?   ?   A . n 
A 1 10 GLU 10 8  ?  ?   ?   A . n 
A 1 11 GLN 11 9  ?  ?   ?   A . n 
A 1 12 GLN 12 10 ?  ?   ?   A . n 
A 1 13 GLU 13 11 ?  ?   ?   A . n 
A 1 14 PHE 14 12 12 PHE PHE A . n 
A 1 15 GLN 15 13 13 GLN GLN A . n 
A 1 16 LYS 16 14 14 LYS LYS A . n 
A 1 17 VAL 17 15 15 VAL VAL A . n 
A 1 18 VAL 18 16 16 VAL VAL A . n 
A 1 19 GLU 19 17 17 GLU GLU A . n 
A 1 20 GLN 20 18 18 GLN GLN A . n 
A 1 21 LYS 21 19 19 LYS LYS A . n 
A 1 22 GLN 22 20 20 GLN GLN A . n 
A 1 23 MET 23 21 21 MET MET A . n 
A 1 24 LYS 24 22 22 LYS LYS A . n 
A 1 25 ASP 25 23 23 ASP ASP A . n 
A 1 26 PHE 26 24 24 PHE PHE A . n 
A 1 27 MET 27 25 25 MET MET A . n 
A 1 28 ARG 28 26 26 ARG ARG A . n 
A 1 29 LEU 29 27 27 LEU LEU A . n 
A 1 30 TYR 30 28 28 TYR TYR A . n 
A 1 31 SER 31 29 29 SER SER A . n 
A 1 32 ASN 32 30 30 ASN ASN A . n 
A 1 33 LEU 33 31 31 LEU LEU A . n 
A 1 34 VAL 34 32 32 VAL VAL A . n 
A 1 35 GLU 35 33 33 GLU GLU A . n 
A 1 36 ARG 36 34 34 ARG ARG A . n 
A 1 37 CYS 37 35 35 CYS CYS A . n 
A 1 38 PHE 38 36 36 PHE PHE A . n 
A 1 39 THR 39 37 37 THR THR A . n 
A 1 40 ASP 40 38 38 ASP ASP A . n 
A 1 41 CYS 41 39 39 CYS CYS A . n 
A 1 42 VAL 42 40 40 VAL VAL A . n 
A 1 43 ASN 43 41 41 ASN ASN A . n 
A 1 44 ASP 44 42 42 ASP ASP A . n 
A 1 45 PHE 45 43 43 PHE PHE A . n 
A 1 46 THR 46 44 44 THR THR A . n 
A 1 47 THR 47 45 45 THR THR A . n 
A 1 48 SER 48 46 46 SER SER A . n 
A 1 49 LYS 49 47 47 LYS LYS A . n 
A 1 50 LEU 50 48 48 LEU LEU A . n 
A 1 51 THR 51 49 49 THR THR A . n 
A 1 52 ASN 52 50 50 ASN ASN A . n 
A 1 53 LYS 53 51 51 LYS LYS A . n 
A 1 54 GLU 54 52 52 GLU GLU A . n 
A 1 55 GLN 55 53 53 GLN GLN A . n 
A 1 56 THR 56 54 54 THR THR A . n 
A 1 57 CYS 57 55 55 CYS CYS A . n 
A 1 58 ILE 58 56 56 ILE ILE A . n 
A 1 59 MET 59 57 57 MET MET A . n 
A 1 60 LYS 60 58 58 LYS LYS A . n 
A 1 61 CYS 61 59 59 CYS CYS A . n 
A 1 62 SER 62 60 60 SER SER A . n 
A 1 63 GLU 63 61 61 GLU GLU A . n 
A 1 64 LYS 64 62 62 LYS LYS A . n 
A 1 65 PHE 65 63 63 PHE PHE A . n 
A 1 66 LEU 66 64 64 LEU LEU A . n 
A 1 67 LYS 67 65 65 LYS LYS A . n 
A 1 68 HIS 68 66 66 HIS HIS A . n 
A 1 69 SER 69 67 67 SER SER A . n 
A 1 70 GLU 70 68 68 GLU GLU A . n 
A 1 71 ARG 71 69 69 ARG ARG A . n 
A 1 72 VAL 72 70 70 VAL VAL A . n 
A 1 73 GLY 73 71 71 GLY GLY A . n 
A 1 74 GLN 74 72 72 GLN GLN A . n 
A 1 75 ARG 75 73 73 ARG ARG A . n 
A 1 76 PHE 76 74 74 PHE PHE A . n 
A 1 77 GLN 77 75 75 GLN GLN A . n 
A 1 78 GLU 78 76 76 GLU GLU A . n 
A 1 79 GLN 79 77 77 GLN GLN A . n 
A 1 80 ASN 80 78 78 ASN ASN A . n 
A 1 81 ALA 81 79 79 ALA ALA A . n 
A 1 82 ALA 82 80 80 ALA ALA A . n 
A 1 83 LEU 83 81 ?  ?   ?   A . n 
A 1 84 GLY 84 82 ?  ?   ?   A . n 
A 1 85 GLN 85 83 ?  ?   ?   A . n 
A 1 86 GLY 86 84 ?  ?   ?   A . n 
A 1 87 LEU 87 85 ?  ?   ?   A . n 
A 1 88 GLY 88 86 ?  ?   ?   A . n 
A 1 89 ARG 89 87 ?  ?   ?   A . n 
B 2 1  GLY 1  -1 ?  ?   ?   B . n 
B 2 2  SER 2  0  ?  ?   ?   B . n 
B 2 3  MET 3  1  ?  ?   ?   B . n 
B 2 4  SER 4  2  ?  ?   ?   B . n 
B 2 5  PHE 5  3  ?  ?   ?   B . n 
B 2 6  LEU 6  4  ?  ?   ?   B . n 
B 2 7  GLY 7  5  ?  ?   ?   B . n 
B 2 8  PHE 8  6  ?  ?   ?   B . n 
B 2 9  GLY 9  7  ?  ?   ?   B . n 
B 2 10 GLY 10 8  ?  ?   ?   B . n 
B 2 11 GLY 11 9  ?  ?   ?   B . n 
B 2 12 GLN 12 10 ?  ?   ?   B . n 
B 2 13 PRO 13 11 ?  ?   ?   B . n 
B 2 14 GLN 14 12 ?  ?   ?   B . n 
B 2 15 LEU 15 13 ?  ?   ?   B . n 
B 2 16 SER 16 14 ?  ?   ?   B . n 
B 2 17 SER 17 15 15 SER SER B . n 
B 2 18 GLN 18 16 16 GLN GLN B . n 
B 2 19 GLN 19 17 17 GLN GLN B . n 
B 2 20 LYS 20 18 18 LYS LYS B . n 
B 2 21 ILE 21 19 19 ILE ILE B . n 
B 2 22 GLN 22 20 20 GLN GLN B . n 
B 2 23 ALA 23 21 21 ALA ALA B . n 
B 2 24 ALA 24 22 22 ALA ALA B . n 
B 2 25 GLU 25 23 23 GLU GLU B . n 
B 2 26 ALA 26 24 24 ALA ALA B . n 
B 2 27 GLU 27 25 25 GLU GLU B . n 
B 2 28 LEU 28 26 26 LEU LEU B . n 
B 2 29 ASP 29 27 27 ASP ASP B . n 
B 2 30 LEU 30 28 28 LEU LEU B . n 
B 2 31 VAL 31 29 29 VAL VAL B . n 
B 2 32 THR 32 30 30 THR THR B . n 
B 2 33 ASP 33 31 31 ASP ASP B . n 
B 2 34 MET 34 32 32 MET MET B . n 
B 2 35 PHE 35 33 33 PHE PHE B . n 
B 2 36 ASN 36 34 34 ASN ASN B . n 
B 2 37 LYS 37 35 35 LYS LYS B . n 
B 2 38 LEU 38 36 36 LEU LEU B . n 
B 2 39 VAL 39 37 37 VAL VAL B . n 
B 2 40 ASN 40 38 38 ASN ASN B . n 
B 2 41 ASN 41 39 39 ASN ASN B . n 
B 2 42 CYS 42 40 40 CYS CYS B . n 
B 2 43 TYR 43 41 41 TYR TYR B . n 
B 2 44 LYS 44 42 42 LYS LYS B . n 
B 2 45 LYS 45 43 43 LYS LYS B . n 
B 2 46 CYS 46 44 44 CYS CYS B . n 
B 2 47 ILE 47 45 45 ILE ILE B . n 
B 2 48 ASN 48 46 46 ASN ASN B . n 
B 2 49 THR 49 47 47 THR THR B . n 
B 2 50 SER 50 48 48 SER SER B . n 
B 2 51 TYR 51 49 49 TYR TYR B . n 
B 2 52 SER 52 50 50 SER SER B . n 
B 2 53 GLU 53 51 51 GLU GLU B . n 
B 2 54 GLY 54 52 52 GLY GLY B . n 
B 2 55 GLU 55 53 53 GLU GLU B . n 
B 2 56 LEU 56 54 54 LEU LEU B . n 
B 2 57 ASN 57 55 55 ASN ASN B . n 
B 2 58 LYS 58 56 56 LYS LYS B . n 
B 2 59 ASN 59 57 57 ASN ASN B . n 
B 2 60 GLU 60 58 58 GLU GLU B . n 
B 2 61 SER 61 59 59 SER SER B . n 
B 2 62 SER 62 60 60 SER SER B . n 
B 2 63 CYS 63 61 61 CYS CYS B . n 
B 2 64 LEU 64 62 62 LEU LEU B . n 
B 2 65 ASP 65 63 63 ASP ASP B . n 
B 2 66 ARG 66 64 64 ARG ARG B . n 
B 2 67 CYS 67 65 65 CYS CYS B . n 
B 2 68 VAL 68 66 66 VAL VAL B . n 
B 2 69 ALA 69 67 67 ALA ALA B . n 
B 2 70 LYS 70 68 68 LYS LYS B . n 
B 2 71 TYR 71 69 69 TYR TYR B . n 
B 2 72 PHE 72 70 70 PHE PHE B . n 
B 2 73 GLU 73 71 71 GLU GLU B . n 
B 2 74 THR 74 72 72 THR THR B . n 
B 2 75 ASN 75 73 73 ASN ASN B . n 
B 2 76 VAL 76 74 74 VAL VAL B . n 
B 2 77 GLN 77 75 75 GLN GLN B . n 
B 2 78 VAL 78 76 76 VAL VAL B . n 
B 2 79 GLY 79 77 77 GLY GLY B . n 
B 2 80 GLU 80 78 78 GLU GLU B . n 
B 2 81 ASN 81 79 79 ASN ASN B . n 
B 2 82 MET 82 80 80 MET MET B . n 
B 2 83 GLN 83 81 81 GLN GLN B . n 
B 2 84 LYS 84 82 82 LYS LYS B . n 
B 2 85 MET 85 83 83 MET MET B . n 
B 2 86 GLY 86 84 ?  ?   ?   B . n 
B 2 87 GLN 87 85 ?  ?   ?   B . n 
B 2 88 SER 88 86 ?  ?   ?   B . n 
B 2 89 PHE 89 87 ?  ?   ?   B . n 
B 2 90 ASN 90 88 ?  ?   ?   B . n 
B 2 91 ALA 91 89 ?  ?   ?   B . n 
B 2 92 ALA 92 90 ?  ?   ?   B . n 
B 2 93 GLY 93 91 ?  ?   ?   B . n 
B 2 94 LYS 94 92 ?  ?   ?   B . n 
B 2 95 PHE 95 93 ?  ?   ?   B . n 
# 
loop_
_pdbx_nonpoly_scheme.asym_id 
_pdbx_nonpoly_scheme.entity_id 
_pdbx_nonpoly_scheme.mon_id 
_pdbx_nonpoly_scheme.ndb_seq_num 
_pdbx_nonpoly_scheme.pdb_seq_num 
_pdbx_nonpoly_scheme.auth_seq_num 
_pdbx_nonpoly_scheme.pdb_mon_id 
_pdbx_nonpoly_scheme.auth_mon_id 
_pdbx_nonpoly_scheme.pdb_strand_id 
_pdbx_nonpoly_scheme.pdb_ins_code 
C 3 HOH 1  88  1  HOH TIP A . 
C 3 HOH 2  89  4  HOH TIP A . 
C 3 HOH 3  90  5  HOH TIP A . 
C 3 HOH 4  91  7  HOH TIP A . 
C 3 HOH 5  92  8  HOH TIP A . 
C 3 HOH 6  93  9  HOH TIP A . 
C 3 HOH 7  94  10 HOH TIP A . 
C 3 HOH 8  95  11 HOH TIP A . 
C 3 HOH 9  96  12 HOH TIP A . 
C 3 HOH 10 97  13 HOH TIP A . 
C 3 HOH 11 98  14 HOH TIP A . 
C 3 HOH 12 99  15 HOH TIP A . 
C 3 HOH 13 100 16 HOH TIP A . 
C 3 HOH 14 101 17 HOH TIP A . 
C 3 HOH 15 102 18 HOH TIP A . 
C 3 HOH 16 103 19 HOH TIP A . 
C 3 HOH 17 104 23 HOH TIP A . 
C 3 HOH 18 105 25 HOH TIP A . 
C 3 HOH 19 106 29 HOH TIP A . 
C 3 HOH 20 107 30 HOH TIP A . 
C 3 HOH 21 108 31 HOH TIP A . 
C 3 HOH 22 109 33 HOH TIP A . 
C 3 HOH 23 110 37 HOH TIP A . 
C 3 HOH 24 111 38 HOH TIP A . 
C 3 HOH 25 112 41 HOH TIP A . 
C 3 HOH 26 113 42 HOH TIP A . 
C 3 HOH 27 114 43 HOH TIP A . 
C 3 HOH 28 115 6  HOH TIP A . 
C 3 HOH 29 116 32 HOH TIP A . 
C 3 HOH 30 117 35 HOH TIP A . 
D 3 HOH 1  94  3  HOH TIP B . 
D 3 HOH 2  95  36 HOH TIP B . 
D 3 HOH 3  96  2  HOH TIP B . 
D 3 HOH 4  97  20 HOH TIP B . 
D 3 HOH 5  98  21 HOH TIP B . 
D 3 HOH 6  99  22 HOH TIP B . 
D 3 HOH 7  100 24 HOH TIP B . 
D 3 HOH 8  101 26 HOH TIP B . 
D 3 HOH 9  102 27 HOH TIP B . 
D 3 HOH 10 103 28 HOH TIP B . 
D 3 HOH 11 104 34 HOH TIP B . 
D 3 HOH 12 105 39 HOH TIP B . 
D 3 HOH 13 106 40 HOH TIP B . 
# 
loop_
_pdbx_unobs_or_zero_occ_atoms.id 
_pdbx_unobs_or_zero_occ_atoms.PDB_model_num 
_pdbx_unobs_or_zero_occ_atoms.polymer_flag 
_pdbx_unobs_or_zero_occ_atoms.occupancy_flag 
_pdbx_unobs_or_zero_occ_atoms.auth_asym_id 
_pdbx_unobs_or_zero_occ_atoms.auth_comp_id 
_pdbx_unobs_or_zero_occ_atoms.auth_seq_id 
_pdbx_unobs_or_zero_occ_atoms.PDB_ins_code 
_pdbx_unobs_or_zero_occ_atoms.auth_atom_id 
_pdbx_unobs_or_zero_occ_atoms.label_alt_id 
_pdbx_unobs_or_zero_occ_atoms.label_asym_id 
_pdbx_unobs_or_zero_occ_atoms.label_comp_id 
_pdbx_unobs_or_zero_occ_atoms.label_seq_id 
_pdbx_unobs_or_zero_occ_atoms.label_atom_id 
1  1 Y 1 A PHE 12 ? CG  ? A PHE 14 CG  
2  1 Y 1 A PHE 12 ? CD1 ? A PHE 14 CD1 
3  1 Y 1 A PHE 12 ? CD2 ? A PHE 14 CD2 
4  1 Y 1 A PHE 12 ? CE1 ? A PHE 14 CE1 
5  1 Y 1 A PHE 12 ? CE2 ? A PHE 14 CE2 
6  1 Y 1 A PHE 12 ? CZ  ? A PHE 14 CZ  
7  1 Y 1 A GLN 13 ? CG  ? A GLN 15 CG  
8  1 Y 1 A GLN 13 ? CD  ? A GLN 15 CD  
9  1 Y 1 A GLN 13 ? OE1 ? A GLN 15 OE1 
10 1 Y 1 A GLN 13 ? NE2 ? A GLN 15 NE2 
11 1 Y 1 A LYS 14 ? CG  ? A LYS 16 CG  
12 1 Y 1 A LYS 14 ? CD  ? A LYS 16 CD  
13 1 Y 1 A LYS 14 ? CE  ? A LYS 16 CE  
14 1 Y 1 A LYS 14 ? NZ  ? A LYS 16 NZ  
15 1 Y 1 A GLU 17 ? CG  ? A GLU 19 CG  
16 1 Y 1 A GLU 17 ? CD  ? A GLU 19 CD  
17 1 Y 1 A GLU 17 ? OE1 ? A GLU 19 OE1 
18 1 Y 1 A GLU 17 ? OE2 ? A GLU 19 OE2 
19 1 Y 1 A GLN 18 ? CG  ? A GLN 20 CG  
20 1 Y 1 A GLN 18 ? CD  ? A GLN 20 CD  
21 1 Y 1 A GLN 18 ? OE1 ? A GLN 20 OE1 
22 1 Y 1 A GLN 18 ? NE2 ? A GLN 20 NE2 
23 1 Y 1 A LYS 19 ? CG  ? A LYS 21 CG  
24 1 Y 1 A LYS 19 ? CD  ? A LYS 21 CD  
25 1 Y 1 A LYS 19 ? CE  ? A LYS 21 CE  
26 1 Y 1 A LYS 19 ? NZ  ? A LYS 21 NZ  
27 1 Y 1 A GLN 20 ? CG  ? A GLN 22 CG  
28 1 Y 1 A GLN 20 ? CD  ? A GLN 22 CD  
29 1 Y 1 A GLN 20 ? OE1 ? A GLN 22 OE1 
30 1 Y 1 A GLN 20 ? NE2 ? A GLN 22 NE2 
31 1 Y 1 A MET 21 ? CG  ? A MET 23 CG  
32 1 Y 1 A MET 21 ? SD  ? A MET 23 SD  
33 1 Y 1 A MET 21 ? CE  ? A MET 23 CE  
34 1 Y 1 A LYS 22 ? CG  ? A LYS 24 CG  
35 1 Y 1 A LYS 22 ? CD  ? A LYS 24 CD  
36 1 Y 1 A LYS 22 ? CE  ? A LYS 24 CE  
37 1 Y 1 A LYS 22 ? NZ  ? A LYS 24 NZ  
38 1 Y 1 A ASP 23 ? CG  ? A ASP 25 CG  
39 1 Y 1 A ASP 23 ? OD1 ? A ASP 25 OD1 
40 1 Y 1 A ASP 23 ? OD2 ? A ASP 25 OD2 
41 1 Y 1 A ARG 26 ? CG  ? A ARG 28 CG  
42 1 Y 1 A ARG 26 ? CD  ? A ARG 28 CD  
43 1 Y 1 A ARG 26 ? NE  ? A ARG 28 NE  
44 1 Y 1 A ARG 26 ? CZ  ? A ARG 28 CZ  
45 1 Y 1 A ARG 26 ? NH1 ? A ARG 28 NH1 
46 1 Y 1 A ARG 26 ? NH2 ? A ARG 28 NH2 
47 1 Y 1 A LYS 65 ? CG  ? A LYS 67 CG  
48 1 Y 1 A LYS 65 ? CD  ? A LYS 67 CD  
49 1 Y 1 A LYS 65 ? CE  ? A LYS 67 CE  
50 1 Y 1 A LYS 65 ? NZ  ? A LYS 67 NZ  
51 1 Y 1 A GLN 77 ? CG  ? A GLN 79 CG  
52 1 Y 1 A GLN 77 ? CD  ? A GLN 79 CD  
53 1 Y 1 A GLN 77 ? OE1 ? A GLN 79 OE1 
54 1 Y 1 A GLN 77 ? NE2 ? A GLN 79 NE2 
55 1 Y 1 B SER 15 ? OG  ? B SER 17 OG  
56 1 Y 1 B GLN 16 ? CG  ? B GLN 18 CG  
57 1 Y 1 B GLN 16 ? CD  ? B GLN 18 CD  
58 1 Y 1 B GLN 16 ? OE1 ? B GLN 18 OE1 
59 1 Y 1 B GLN 16 ? NE2 ? B GLN 18 NE2 
60 1 Y 1 B GLN 17 ? CG  ? B GLN 19 CG  
61 1 Y 1 B GLN 17 ? CD  ? B GLN 19 CD  
62 1 Y 1 B GLN 17 ? OE1 ? B GLN 19 OE1 
63 1 Y 1 B GLN 17 ? NE2 ? B GLN 19 NE2 
64 1 Y 1 B LYS 18 ? CG  ? B LYS 20 CG  
65 1 Y 1 B LYS 18 ? CD  ? B LYS 20 CD  
66 1 Y 1 B LYS 18 ? CE  ? B LYS 20 CE  
67 1 Y 1 B LYS 18 ? NZ  ? B LYS 20 NZ  
68 1 Y 1 B GLU 23 ? CG  ? B GLU 25 CG  
69 1 Y 1 B GLU 23 ? CD  ? B GLU 25 CD  
70 1 Y 1 B GLU 23 ? OE1 ? B GLU 25 OE1 
71 1 Y 1 B GLU 23 ? OE2 ? B GLU 25 OE2 
72 1 Y 1 B GLU 25 ? CG  ? B GLU 27 CG  
73 1 Y 1 B GLU 25 ? CD  ? B GLU 27 CD  
74 1 Y 1 B GLU 25 ? OE1 ? B GLU 27 OE1 
75 1 Y 1 B GLU 25 ? OE2 ? B GLU 27 OE2 
76 1 Y 1 B ASP 27 ? CG  ? B ASP 29 CG  
77 1 Y 1 B ASP 27 ? OD1 ? B ASP 29 OD1 
78 1 Y 1 B ASP 27 ? OD2 ? B ASP 29 OD2 
79 1 Y 1 B ILE 45 ? CD1 ? B ILE 47 CD1 
80 1 Y 1 B LYS 56 ? CG  ? B LYS 58 CG  
81 1 Y 1 B LYS 56 ? CD  ? B LYS 58 CD  
82 1 Y 1 B LYS 56 ? CE  ? B LYS 58 CE  
83 1 Y 1 B LYS 56 ? NZ  ? B LYS 58 NZ  
84 1 Y 1 B GLN 81 ? CG  ? B GLN 83 CG  
85 1 Y 1 B GLN 81 ? CD  ? B GLN 83 CD  
86 1 Y 1 B GLN 81 ? OE1 ? B GLN 83 OE1 
87 1 Y 1 B GLN 81 ? NE2 ? B GLN 83 NE2 
88 1 Y 1 B MET 83 ? CG  ? B MET 85 CG  
89 1 Y 1 B MET 83 ? SD  ? B MET 85 SD  
90 1 Y 1 B MET 83 ? CE  ? B MET 85 CE  
# 
loop_
_software.name 
_software.version 
_software.date 
_software.type 
_software.contact_author 
_software.contact_author_email 
_software.classification 
_software.location 
_software.language 
_software.citation_id 
_software.pdbx_ordinal 
DENZO       .     ?               package 'Zbyszek Otwinowski' hkl@hkl-xray.com            'data reduction'  
http://www.hkl-xray.com/                    ?          ? 1 
SCALEPACK   .     ?               package 'Zbyszek Otwinowski' hkl@hkl-xray.com            'data scaling'    
http://www.hkl-xray.com/                    ?          ? 2 
PHASER      .     ?               program 'Randy J. Read'      cimr-phaser@lists.cam.ac.uk phasing           
http://www-structmed.cimr.cam.ac.uk/phaser/ ?          ? 3 
DM          .     ?               program 'Kevin Cowtan'       kowtan@ysbl.york.ac.uk      phasing           
http://www.ccp4.ac.uk/dist/html/dm.html     Fortran_77 ? 4 
CNS         .     ?               package 'Axel T. Brunger'    axel.brunger@yale.edu       refinement        
http://cns-online.org/                      Fortran_77 ? 5 
PDB_EXTRACT 3.006 'June 11, 2008' package PDB                  help@deposit.rcsb.org       'data extraction' 
http://sw-tools.pdb.org/apps/PDB_EXTRACT/   C++        ? 6 
HKL-2000    .     ?               ?       ?                    ?                           'data collection' ? ?          ? 7 
HKL-2000    .     ?               ?       ?                    ?                           'data reduction'  ? ?          ? 8 
HKL-2000    .     ?               ?       ?                    ?                           'data scaling'    ? ?          ? 9 
# 
_cell.length_a           58.198 
_cell.length_b           58.198 
_cell.length_c           243.731 
_cell.angle_alpha        90.000 
_cell.angle_beta         90.000 
_cell.angle_gamma        120.000 
_cell.entry_id           3DXR 
_cell.pdbx_unique_axis   ? 
_cell.Z_PDB              18 
_cell.length_a_esd       ? 
_cell.length_b_esd       ? 
_cell.length_c_esd       ? 
_cell.angle_alpha_esd    ? 
_cell.angle_beta_esd     ? 
_cell.angle_gamma_esd    ? 
# 
_symmetry.space_group_name_H-M             'H 3 2' 
_symmetry.entry_id                         3DXR 
_symmetry.Int_Tables_number                155 
_symmetry.pdbx_full_space_group_name_H-M   ? 
_symmetry.cell_setting                     ? 
_symmetry.space_group_name_Hall            ? 
# 
_exptl.crystals_number   1 
_exptl.entry_id          3DXR 
_exptl.method            'X-RAY DIFFRACTION' 
# 
_exptl_crystal.id                    1 
_exptl_crystal.density_Matthews      1.93 
_exptl_crystal.density_meas          ? 
_exptl_crystal.density_percent_sol   36.42 
_exptl_crystal.description           ? 
_exptl_crystal.F_000                 ? 
_exptl_crystal.preparation           ? 
# 
_exptl_crystal_grow.crystal_id      1 
_exptl_crystal_grow.method          'VAPOR DIFFUSION, HANGING DROP' 
_exptl_crystal_grow.pH              6.5 
_exptl_crystal_grow.temp            292 
_exptl_crystal_grow.temp_details    ? 
_exptl_crystal_grow.pdbx_details    '100 mM MES, 3M Na Formate, pH 6.5, VAPOR DIFFUSION, HANGING DROP, temperature 292K' 
_exptl_crystal_grow.pdbx_pH_range   . 
# 
_diffrn.id                     1 
_diffrn.ambient_temp           100 
_diffrn.ambient_temp_details   ? 
_diffrn.crystal_id             1 
# 
_diffrn_detector.diffrn_id              1 
_diffrn_detector.detector               CCD 
_diffrn_detector.type                   'ADSC QUANTUM 315' 
_diffrn_detector.pdbx_collection_date   2006-01-12 
_diffrn_detector.details                'Single Silicon (111) monochromator' 
# 
_diffrn_radiation.diffrn_id                        1 
_diffrn_radiation.wavelength_id                    1 
_diffrn_radiation.pdbx_diffrn_protocol             'SINGLE WAVELENGTH' 
_diffrn_radiation.monochromator                    'Silicon (111) crystal' 
_diffrn_radiation.pdbx_monochromatic_or_laue_m_l   M 
_diffrn_radiation.pdbx_scattering_type             x-ray 
# 
_diffrn_radiation_wavelength.id           1 
_diffrn_radiation_wavelength.wavelength   0.9762 
_diffrn_radiation_wavelength.wt           1.0 
# 
_diffrn_source.diffrn_id                   1 
_diffrn_source.source                      SYNCHROTRON 
_diffrn_source.type                        'ESRF BEAMLINE ID23-1' 
_diffrn_source.pdbx_wavelength             ? 
_diffrn_source.pdbx_wavelength_list        0.9762 
_diffrn_source.pdbx_synchrotron_site       ESRF 
_diffrn_source.pdbx_synchrotron_beamline   ID23-1 
# 
_reflns.entry_id                     3DXR 
_reflns.d_resolution_high            2.500 
_reflns.d_resolution_low             50.000 
_reflns.number_obs                   5723 
_reflns.pdbx_Rmerge_I_obs            0.087 
_reflns.pdbx_netI_over_sigmaI        19.800 
_reflns.pdbx_chi_squared             1.022 
_reflns.pdbx_redundancy              7.000 
_reflns.percent_possible_obs         97.800 
_reflns.observed_criterion_sigma_F   0.00 
_reflns.observed_criterion_sigma_I   0.00 
_reflns.number_all                   5852 
_reflns.pdbx_Rsym_value              ? 
_reflns.B_iso_Wilson_estimate        ? 
_reflns.R_free_details               ? 
_reflns.limit_h_max                  ? 
_reflns.limit_h_min                  ? 
_reflns.limit_k_max                  ? 
_reflns.limit_k_min                  ? 
_reflns.limit_l_max                  ? 
_reflns.limit_l_min                  ? 
_reflns.observed_criterion_F_max     ? 
_reflns.observed_criterion_F_min     ? 
_reflns.pdbx_scaling_rejects         ? 
_reflns.pdbx_diffrn_id               1 
_reflns.pdbx_ordinal                 1 
# 
_reflns_shell.d_res_high             2.50 
_reflns_shell.d_res_low              2.59 
_reflns_shell.number_measured_obs    ? 
_reflns_shell.number_measured_all    ? 
_reflns_shell.number_unique_obs      ? 
_reflns_shell.Rmerge_I_obs           0.400 
_reflns_shell.meanI_over_sigI_obs    5.47 
_reflns_shell.pdbx_Rsym_value        0.4 
_reflns_shell.pdbx_chi_squared       0.977 
_reflns_shell.pdbx_redundancy        7.10 
_reflns_shell.percent_possible_obs   ? 
_reflns_shell.number_unique_all      570 
_reflns_shell.percent_possible_all   99.70 
_reflns_shell.pdbx_diffrn_id         ? 
_reflns_shell.pdbx_ordinal           1 
# 
_refine.entry_id                                 3DXR 
_refine.ls_d_res_high                            2.500 
_refine.ls_d_res_low                             50.000 
_refine.pdbx_ls_sigma_F                          0.00 
_refine.ls_percent_reflns_obs                    97.600 
_refine.ls_number_reflns_obs                     5721 
_refine.ls_R_factor_R_work                       0.245 
_refine.ls_R_factor_R_free                       0.275 
_refine.ls_percent_reflns_R_free                 5.000 
_refine.ls_number_reflns_R_free                  294 
_refine.B_iso_mean                               78.151 
_refine.solvent_model_param_bsol                 92.938 
_refine.aniso_B[1][1]                            2.787 
_refine.aniso_B[2][2]                            2.787 
_refine.aniso_B[3][3]                            -5.574 
_refine.aniso_B[1][2]                            2.759 
_refine.aniso_B[1][3]                            0.000 
_refine.aniso_B[2][3]                            0.000 
_refine.pdbx_method_to_determine_struct          'MOLECULAR REPLACEMENT' 
_refine.B_iso_max                                153.34 
_refine.B_iso_min                                35.34 
_refine.occupancy_max                            1.00 
_refine.occupancy_min                            1.00 
_refine.pdbx_ls_sigma_I                          0.00 
_refine.ls_number_reflns_all                     5852 
_refine.ls_R_factor_all                          0.247 
_refine.ls_R_factor_obs                          0.247 
_refine.ls_redundancy_reflns_obs                 ? 
_refine.pdbx_data_cutoff_high_absF               ? 
_refine.pdbx_data_cutoff_low_absF                ? 
_refine.ls_number_parameters                     ? 
_refine.ls_number_restraints                     ? 
_refine.ls_R_factor_R_free_error                 ? 
_refine.ls_R_factor_R_free_error_details         ? 
_refine.pdbx_starting_model                      'PDB entry 2BSK' 
_refine.pdbx_ls_cross_valid_method               THROUGHOUT 
_refine.pdbx_R_Free_selection_details            '5 % random.' 
_refine.pdbx_stereochem_target_val_spec_case     ? 
_refine.pdbx_stereochemistry_target_values       'Engh & Huber' 
_refine.solvent_model_details                    ? 
_refine.solvent_model_param_ksol                 ? 
_refine.pdbx_isotropic_thermal_model             Isotropic 
_refine.details                                  'Maximum likelihood refinement in CNS' 
_refine.correlation_coeff_Fo_to_Fc               ? 
_refine.correlation_coeff_Fo_to_Fc_free          ? 
_refine.pdbx_solvent_vdw_probe_radii             ? 
_refine.pdbx_solvent_ion_probe_radii             ? 
_refine.pdbx_solvent_shrinkage_radii             ? 
_refine.overall_SU_R_Cruickshank_DPI             ? 
_refine.overall_SU_R_free                        ? 
_refine.overall_SU_ML                            ? 
_refine.overall_SU_B                             ? 
_refine.pdbx_overall_ESU_R_Free                  ? 
_refine.pdbx_data_cutoff_high_rms_absF           ? 
_refine.pdbx_overall_ESU_R                       ? 
_refine.ls_wR_factor_R_free                      ? 
_refine.ls_wR_factor_R_work                      ? 
_refine.overall_FOM_free_R_set                   ? 
_refine.overall_FOM_work_R_set                   ? 
_refine.pdbx_overall_phase_error                 ? 
_refine.pdbx_refine_id                           'X-RAY DIFFRACTION' 
_refine.pdbx_diffrn_id                           1 
_refine.pdbx_TLS_residual_ADP_flag               ? 
_refine.pdbx_overall_SU_R_free_Cruickshank_DPI   ? 
_refine.pdbx_overall_SU_R_Blow_DPI               ? 
_refine.pdbx_overall_SU_R_free_Blow_DPI          ? 
# 
_refine_analyze.entry_id                        3DXR 
_refine_analyze.Luzzati_coordinate_error_obs    0.00 
_refine_analyze.Luzzati_sigma_a_obs             0.00 
_refine_analyze.Luzzati_d_res_low_obs           0.00 
_refine_analyze.Luzzati_coordinate_error_free   0 
_refine_analyze.Luzzati_sigma_a_free            0 
_refine_analyze.Luzzati_d_res_low_free          ? 
_refine_analyze.number_disordered_residues      ? 
_refine_analyze.occupancy_sum_non_hydrogen      ? 
_refine_analyze.occupancy_sum_hydrogen          ? 
_refine_analyze.pdbx_Luzzati_d_res_high_obs     ? 
_refine_analyze.pdbx_refine_id                  'X-RAY DIFFRACTION' 
# 
_refine_hist.pdbx_refine_id                   'X-RAY DIFFRACTION' 
_refine_hist.cycle_id                         LAST 
_refine_hist.pdbx_number_atoms_protein        1029 
_refine_hist.pdbx_number_atoms_nucleic_acid   0 
_refine_hist.pdbx_number_atoms_ligand         0 
_refine_hist.number_atoms_solvent             43 
_refine_hist.number_atoms_total               1072 
_refine_hist.d_res_high                       2.500 
_refine_hist.d_res_low                        50.000 
# 
loop_
_refine_ls_restr.type 
_refine_ls_restr.number 
_refine_ls_restr.dev_ideal 
_refine_ls_restr.dev_ideal_target 
_refine_ls_restr.weight 
_refine_ls_restr.pdbx_refine_id 
_refine_ls_restr.pdbx_restraint_function 
c_bond_d    ? 0.006 ? ? 'X-RAY DIFFRACTION' ? 
c_angle_deg ? 1.112 ? ? 'X-RAY DIFFRACTION' ? 
# 
_refine_ls_shell.d_res_high                       2.50 
_refine_ls_shell.d_res_low                        2.61 
_refine_ls_shell.number_reflns_obs                707 
_refine_ls_shell.number_reflns_R_free             38 
_refine_ls_shell.R_factor_R_work                  0.274 
_refine_ls_shell.R_factor_R_free                  0.380 
_refine_ls_shell.R_factor_R_free_error            0.001 
_refine_ls_shell.percent_reflns_obs               99.0 
_refine_ls_shell.percent_reflns_R_free            ? 
_refine_ls_shell.pdbx_total_number_of_bins_used   ? 
_refine_ls_shell.number_reflns_R_work             ? 
_refine_ls_shell.redundancy_reflns_obs            ? 
_refine_ls_shell.number_reflns_all                ? 
_refine_ls_shell.R_factor_all                     ? 
_refine_ls_shell.pdbx_refine_id                   'X-RAY DIFFRACTION' 
# 
loop_
_pdbx_xplor_file.serial_no 
_pdbx_xplor_file.param_file 
_pdbx_xplor_file.topol_file 
_pdbx_xplor_file.pdbx_refine_id 
1 protein_rep.param ? 'X-RAY DIFFRACTION' 
2 water_rep.param   ? 'X-RAY DIFFRACTION' 
# 
_struct.entry_id                  3DXR 
_struct.title                     'Crystal structure of the yeast inter-membrane space chaperone assembly TIM9.10' 
_struct.pdbx_model_details        ? 
_struct.pdbx_CASP_flag            ? 
_struct.pdbx_model_type_details   ? 
# 
_struct_keywords.entry_id        3DXR 
_struct_keywords.pdbx_keywords   'PROTEIN TRANSPORT' 
_struct_keywords.text            
;Alpha-Propeller; Helix-Turn-Helix; Intramolecular Disulfides., Chaperone, Inner membrane, Membrane, Metal-binding, Mitochondrion, Protein transport, Translocation, Transport, Zinc
;
# 
loop_
_struct_asym.id 
_struct_asym.pdbx_blank_PDB_chainid_flag 
_struct_asym.pdbx_modified 
_struct_asym.entity_id 
_struct_asym.details 
A N N 1 ? 
B N N 2 ? 
C N N 3 ? 
D N N 3 ? 
# 
loop_
_struct_ref.id 
_struct_ref.db_name 
_struct_ref.db_code 
_struct_ref.pdbx_db_accession 
_struct_ref.entity_id 
_struct_ref.pdbx_seq_one_letter_code 
_struct_ref.pdbx_align_begin 
_struct_ref.pdbx_db_isoform 
1 UNP TIM9_YEAST  O74700 1 
;MDALNSKEQQEFQKVVEQKQMKDFMRLYSNLVERCFTDCVNDFTTSKLTNKEQTCIMKCSEKFLKHSERVGQRFQEQNAA
LGQGLGR
;
1 ? 
2 UNP TIM10_YEAST P87108 2 
;MSFLGFGGGQPQLSSQQKIQAAEAELDLVTDMFNKLVNNCYKKCINTSYSEGELNKNESSCLDRCVAKYFETNVQVGENM
QKMGQSFNAAGKF
;
1 ? 
# 
loop_
_struct_ref_seq.align_id 
_struct_ref_seq.ref_id 
_struct_ref_seq.pdbx_PDB_id_code 
_struct_ref_seq.pdbx_strand_id 
_struct_ref_seq.seq_align_beg 
_struct_ref_seq.pdbx_seq_align_beg_ins_code 
_struct_ref_seq.seq_align_end 
_struct_ref_seq.pdbx_seq_align_end_ins_code 
_struct_ref_seq.pdbx_db_accession 
_struct_ref_seq.db_align_beg 
_struct_ref_seq.pdbx_db_align_beg_ins_code 
_struct_ref_seq.db_align_end 
_struct_ref_seq.pdbx_db_align_end_ins_code 
_struct_ref_seq.pdbx_auth_seq_align_beg 
_struct_ref_seq.pdbx_auth_seq_align_end 
1 1 3DXR A 3 ? 89 ? O74700 1 ? 87 ? 1 87 
2 2 3DXR B 3 ? 95 ? P87108 1 ? 93 ? 1 93 
# 
loop_
_struct_ref_seq_dif.align_id 
_struct_ref_seq_dif.pdbx_pdb_id_code 
_struct_ref_seq_dif.mon_id 
_struct_ref_seq_dif.pdbx_pdb_strand_id 
_struct_ref_seq_dif.seq_num 
_struct_ref_seq_dif.pdbx_pdb_ins_code 
_struct_ref_seq_dif.pdbx_seq_db_name 
_struct_ref_seq_dif.pdbx_seq_db_accession_code 
_struct_ref_seq_dif.db_mon_id 
_struct_ref_seq_dif.pdbx_seq_db_seq_num 
_struct_ref_seq_dif.details 
_struct_ref_seq_dif.pdbx_auth_seq_num 
_struct_ref_seq_dif.pdbx_ordinal 
1 3DXR GLY A 1 ? UNP O74700 ? ? 'expression tag' -1 1 
1 3DXR SER A 2 ? UNP O74700 ? ? 'expression tag' 0  2 
2 3DXR GLY B 1 ? UNP P87108 ? ? 'expression tag' -1 3 
2 3DXR SER B 2 ? UNP P87108 ? ? 'expression tag' 0  4 
# 
loop_
_pdbx_struct_assembly.id 
_pdbx_struct_assembly.details 
_pdbx_struct_assembly.method_details 
_pdbx_struct_assembly.oligomeric_details 
_pdbx_struct_assembly.oligomeric_count 
1 author_and_software_defined_assembly PISA hexameric   6  
2 software_defined_assembly            PISA dodecameric 12 
# 
loop_
_pdbx_struct_assembly_prop.biol_id 
_pdbx_struct_assembly_prop.type 
_pdbx_struct_assembly_prop.value 
_pdbx_struct_assembly_prop.details 
1 'ABSA (A^2)' 13350 ? 
1 MORE         -101  ? 
1 'SSA (A^2)'  21970 ? 
2 'ABSA (A^2)' 33700 ? 
2 MORE         -216  ? 
2 'SSA (A^2)'  36940 ? 
# 
loop_
_pdbx_struct_assembly_gen.assembly_id 
_pdbx_struct_assembly_gen.oper_expression 
_pdbx_struct_assembly_gen.asym_id_list 
1 1,2,3       A,B,C,D 
2 1,2,3,4,5,6 A,B,C,D 
# 
loop_
_pdbx_struct_oper_list.id 
_pdbx_struct_oper_list.type 
_pdbx_struct_oper_list.name 
_pdbx_struct_oper_list.symmetry_operation 
_pdbx_struct_oper_list.matrix[1][1] 
_pdbx_struct_oper_list.matrix[1][2] 
_pdbx_struct_oper_list.matrix[1][3] 
_pdbx_struct_oper_list.vector[1] 
_pdbx_struct_oper_list.matrix[2][1] 
_pdbx_struct_oper_list.matrix[2][2] 
_pdbx_struct_oper_list.matrix[2][3] 
_pdbx_struct_oper_list.vector[2] 
_pdbx_struct_oper_list.matrix[3][1] 
_pdbx_struct_oper_list.matrix[3][2] 
_pdbx_struct_oper_list.matrix[3][3] 
_pdbx_struct_oper_list.vector[3] 
1 'identity operation'         1_555  x,y,z                  1.0000000000  0.0000000000  0.0000000000  0.0000000000  0.0000000000  1.0000000000  0.0000000000  0.0000000000   0.0000000000  0.0000000000  1.0000000000  0.0000000000   
2 'crystal symmetry operation' 2_545  -y,x-y-1,z             -0.4311098087 0.6831054505  0.5895008705  19.3700601696 -0.1330273052 0.5980734712  -0.7903238950 -9.1349523835  -0.8924393923 -0.4191360954 -0.1669636625 -7.7775627540  
3 'crystal symmetry operation' 3_655  -x+y+1,-x,z            -0.4311098087 -0.1330273052 -0.8924393923 0.1944214582  0.6831054505  0.5980734712  -0.4191360954 -11.0282782813 0.5895008705  -0.7903238950 -0.1669636625 -19.9368088427 
4 'crystal symmetry operation' 10_545 y+2/3,x-2/3,-z+1/3     -0.9954848857 0.0449194786  0.0836186745  21.3691626479 0.0449194786  -0.5531099687 0.8318963896  26.0234418316  0.0836186745  0.8318963896  0.5485948544  -15.1335052514 
5 'crystal symmetry operation' 11_445 x-y-1/3,-y-2/3,-z+1/3  0.3485631824  -0.6882036076 -0.6363014242 1.0258737270  -0.6882036076 -0.6487934628 0.3247196285  25.4760416872  -0.6363014242 0.3247196285  -0.6997697196 -25.3798713069 
6 'crystal symmetry operation' 12_555 -x+2/3,-x+y+1/3,-z+1/3 0.5091413208  0.0932059837  0.8556212714  19.0131449848 0.0932059837  -0.9942435110 0.0528439724  15.5466665004  0.8556212714  0.0528439724  -0.5148978098 -35.2288636165 
# 
_struct_biol.id        1 
_struct_biol.details   ? 
# 
loop_
_struct_conf.conf_type_id 
_struct_conf.id 
_struct_conf.pdbx_PDB_helix_id 
_struct_conf.beg_label_comp_id 
_struct_conf.beg_label_asym_id 
_struct_conf.beg_label_seq_id 
_struct_conf.pdbx_beg_PDB_ins_code 
_struct_conf.end_label_comp_id 
_struct_conf.end_label_asym_id 
_struct_conf.end_label_seq_id 
_struct_conf.pdbx_end_PDB_ins_code 
_struct_conf.beg_auth_comp_id 
_struct_conf.beg_auth_asym_id 
_struct_conf.beg_auth_seq_id 
_struct_conf.end_auth_comp_id 
_struct_conf.end_auth_asym_id 
_struct_conf.end_auth_seq_id 
_struct_conf.pdbx_PDB_helix_class 
_struct_conf.details 
_struct_conf.pdbx_PDB_helix_length 
HELX_P HELX_P1 1 GLN A 15 ? VAL A 42 ? GLN A 13 VAL A 40 1 ? 28 
HELX_P HELX_P2 2 THR A 51 ? GLN A 79 ? THR A 49 GLN A 77 1 ? 29 
HELX_P HELX_P3 3 ILE B 21 ? ILE B 47 ? ILE B 19 ILE B 45 1 ? 27 
HELX_P HELX_P4 4 ASN B 57 ? MET B 85 ? ASN B 55 MET B 83 1 ? 29 
# 
_struct_conf_type.id          HELX_P 
_struct_conf_type.criteria    ? 
_struct_conf_type.reference   ? 
# 
loop_
_struct_conn.id 
_struct_conn.conn_type_id 
_struct_conn.pdbx_leaving_atom_flag 
_struct_conn.pdbx_PDB_id 
_struct_conn.ptnr1_label_asym_id 
_struct_conn.ptnr1_label_comp_id 
_struct_conn.ptnr1_label_seq_id 
_struct_conn.ptnr1_label_atom_id 
_struct_conn.pdbx_ptnr1_label_alt_id 
_struct_conn.pdbx_ptnr1_PDB_ins_code 
_struct_conn.pdbx_ptnr1_standard_comp_id 
_struct_conn.ptnr1_symmetry 
_struct_conn.ptnr2_label_asym_id 
_struct_conn.ptnr2_label_comp_id 
_struct_conn.ptnr2_label_seq_id 
_struct_conn.ptnr2_label_atom_id 
_struct_conn.pdbx_ptnr2_label_alt_id 
_struct_conn.pdbx_ptnr2_PDB_ins_code 
_struct_conn.ptnr1_auth_asym_id 
_struct_conn.ptnr1_auth_comp_id 
_struct_conn.ptnr1_auth_seq_id 
_struct_conn.ptnr2_auth_asym_id 
_struct_conn.ptnr2_auth_comp_id 
_struct_conn.ptnr2_auth_seq_id 
_struct_conn.ptnr2_symmetry 
_struct_conn.pdbx_ptnr3_label_atom_id 
_struct_conn.pdbx_ptnr3_label_seq_id 
_struct_conn.pdbx_ptnr3_label_comp_id 
_struct_conn.pdbx_ptnr3_label_asym_id 
_struct_conn.pdbx_ptnr3_label_alt_id 
_struct_conn.pdbx_ptnr3_PDB_ins_code 
_struct_conn.details 
_struct_conn.pdbx_dist_value 
_struct_conn.pdbx_value_order 
_struct_conn.pdbx_role 
disulf1 disulf ? ? A CYS 37 SG ? ? ? 1_555 A CYS 61 SG ? ? A CYS 35 A CYS 59 1_555 ? ? ? ? ? ? ? 2.045 ? ? 
disulf2 disulf ? ? A CYS 41 SG ? ? ? 1_555 A CYS 57 SG ? ? A CYS 39 A CYS 55 1_555 ? ? ? ? ? ? ? 2.030 ? ? 
disulf3 disulf ? ? B CYS 42 SG ? ? ? 1_555 B CYS 67 SG ? ? B CYS 40 B CYS 65 1_555 ? ? ? ? ? ? ? 2.043 ? ? 
disulf4 disulf ? ? B CYS 46 SG ? ? ? 1_555 B CYS 63 SG ? ? B CYS 44 B CYS 61 1_555 ? ? ? ? ? ? ? 2.032 ? ? 
# 
_struct_conn_type.id          disulf 
_struct_conn_type.criteria    ? 
_struct_conn_type.reference   ? 
# 
loop_
_pdbx_modification_feature.ordinal 
_pdbx_modification_feature.label_comp_id 
_pdbx_modification_feature.label_asym_id 
_pdbx_modification_feature.label_seq_id 
_pdbx_modification_feature.label_alt_id 
_pdbx_modification_feature.modified_residue_label_comp_id 
_pdbx_modification_feature.modified_residue_label_asym_id 
_pdbx_modification_feature.modified_residue_label_seq_id 
_pdbx_modification_feature.modified_residue_label_alt_id 
_pdbx_modification_feature.auth_comp_id 
_pdbx_modification_feature.auth_asym_id 
_pdbx_modification_feature.auth_seq_id 
_pdbx_modification_feature.PDB_ins_code 
_pdbx_modification_feature.symmetry 
_pdbx_modification_feature.modified_residue_auth_comp_id 
_pdbx_modification_feature.modified_residue_auth_asym_id 
_pdbx_modification_feature.modified_residue_auth_seq_id 
_pdbx_modification_feature.modified_residue_PDB_ins_code 
_pdbx_modification_feature.modified_residue_symmetry 
_pdbx_modification_feature.comp_id_linking_atom 
_pdbx_modification_feature.modified_residue_id_linking_atom 
_pdbx_modification_feature.modified_residue_id 
_pdbx_modification_feature.ref_pcm_id 
_pdbx_modification_feature.ref_comp_id 
_pdbx_modification_feature.type 
_pdbx_modification_feature.category 
1 CYS A 37 ? CYS A 61 ? CYS A 35 ? 1_555 CYS A 59 ? 1_555 SG SG . . . None 'Disulfide bridge' 
2 CYS A 41 ? CYS A 57 ? CYS A 39 ? 1_555 CYS A 55 ? 1_555 SG SG . . . None 'Disulfide bridge' 
3 CYS B 42 ? CYS B 67 ? CYS B 40 ? 1_555 CYS B 65 ? 1_555 SG SG . . . None 'Disulfide bridge' 
4 CYS B 46 ? CYS B 63 ? CYS B 44 ? 1_555 CYS B 61 ? 1_555 SG SG . . . None 'Disulfide bridge' 
# 
_pdbx_entry_details.entry_id                   3DXR 
_pdbx_entry_details.compound_details           ? 
_pdbx_entry_details.source_details             ? 
_pdbx_entry_details.nonpolymer_details         ? 
_pdbx_entry_details.sequence_details           ? 
_pdbx_entry_details.has_ligand_of_interest     ? 
_pdbx_entry_details.has_protein_modification   Y 
# 
_pdbx_validate_close_contact.id               1 
_pdbx_validate_close_contact.PDB_model_num    1 
_pdbx_validate_close_contact.auth_atom_id_1   O 
_pdbx_validate_close_contact.auth_asym_id_1   A 
_pdbx_validate_close_contact.auth_comp_id_1   HOH 
_pdbx_validate_close_contact.auth_seq_id_1    89 
_pdbx_validate_close_contact.PDB_ins_code_1   ? 
_pdbx_validate_close_contact.label_alt_id_1   ? 
_pdbx_validate_close_contact.auth_atom_id_2   O 
_pdbx_validate_close_contact.auth_asym_id_2   A 
_pdbx_validate_close_contact.auth_comp_id_2   HOH 
_pdbx_validate_close_contact.auth_seq_id_2    112 
_pdbx_validate_close_contact.PDB_ins_code_2   ? 
_pdbx_validate_close_contact.label_alt_id_2   ? 
_pdbx_validate_close_contact.dist             2.15 
# 
_diffrn_reflns.diffrn_id                   1 
_diffrn_reflns.pdbx_d_res_high             2.500 
_diffrn_reflns.pdbx_d_res_low              50.000 
_diffrn_reflns.pdbx_number_obs             5723 
_diffrn_reflns.pdbx_Rmerge_I_obs           0.087 
_diffrn_reflns.pdbx_Rsym_value             ? 
_diffrn_reflns.pdbx_chi_squared            1.02 
_diffrn_reflns.av_sigmaI_over_netI         19.80 
_diffrn_reflns.pdbx_redundancy             7.00 
_diffrn_reflns.pdbx_percent_possible_obs   97.80 
_diffrn_reflns.number                      40039 
_diffrn_reflns.pdbx_observed_criterion     ? 
_diffrn_reflns.limit_h_max                 ? 
_diffrn_reflns.limit_h_min                 ? 
_diffrn_reflns.limit_k_max                 ? 
_diffrn_reflns.limit_k_min                 ? 
_diffrn_reflns.limit_l_max                 ? 
_diffrn_reflns.limit_l_min                 ? 
# 
loop_
_pdbx_diffrn_reflns_shell.diffrn_id 
_pdbx_diffrn_reflns_shell.d_res_high 
_pdbx_diffrn_reflns_shell.d_res_low 
_pdbx_diffrn_reflns_shell.number_obs 
_pdbx_diffrn_reflns_shell.rejects 
_pdbx_diffrn_reflns_shell.Rmerge_I_obs 
_pdbx_diffrn_reflns_shell.Rsym_value 
_pdbx_diffrn_reflns_shell.chi_squared 
_pdbx_diffrn_reflns_shell.redundancy 
_pdbx_diffrn_reflns_shell.percent_possible_obs 
1 5.38 50.00 ? ? 0.086 ? 1.089 6.20 89.90 
1 4.27 5.38  ? ? 0.072 ? 0.995 6.90 95.50 
1 3.73 4.27  ? ? 0.090 ? 1.005 7.00 98.10 
1 3.39 3.73  ? ? 0.084 ? 1.032 7.10 98.80 
1 3.15 3.39  ? ? 0.083 ? 1.008 7.10 98.80 
1 2.96 3.15  ? ? 0.097 ? 1.028 7.10 99.30 
1 2.82 2.96  ? ? 0.139 ? 1.016 7.20 99.50 
1 2.69 2.82  ? ? 0.183 ? 1.076 7.10 99.50 
1 2.59 2.69  ? ? 0.289 ? 1.005 7.20 99.80 
1 2.50 2.59  ? ? 0.400 ? 0.977 7.10 99.70 
# 
_phasing.method   MR 
# 
loop_
_pdbx_unobs_or_zero_occ_residues.id 
_pdbx_unobs_or_zero_occ_residues.PDB_model_num 
_pdbx_unobs_or_zero_occ_residues.polymer_flag 
_pdbx_unobs_or_zero_occ_residues.occupancy_flag 
_pdbx_unobs_or_zero_occ_residues.auth_asym_id 
_pdbx_unobs_or_zero_occ_residues.auth_comp_id 
_pdbx_unobs_or_zero_occ_residues.auth_seq_id 
_pdbx_unobs_or_zero_occ_residues.PDB_ins_code 
_pdbx_unobs_or_zero_occ_residues.label_asym_id 
_pdbx_unobs_or_zero_occ_residues.label_comp_id 
_pdbx_unobs_or_zero_occ_residues.label_seq_id 
1  1 Y 1 A GLY -1 ? A GLY 1  
2  1 Y 1 A SER 0  ? A SER 2  
3  1 Y 1 A MET 1  ? A MET 3  
4  1 Y 1 A ASP 2  ? A ASP 4  
5  1 Y 1 A ALA 3  ? A ALA 5  
6  1 Y 1 A LEU 4  ? A LEU 6  
7  1 Y 1 A ASN 5  ? A ASN 7  
8  1 Y 1 A SER 6  ? A SER 8  
9  1 Y 1 A LYS 7  ? A LYS 9  
10 1 Y 1 A GLU 8  ? A GLU 10 
11 1 Y 1 A GLN 9  ? A GLN 11 
12 1 Y 1 A GLN 10 ? A GLN 12 
13 1 Y 1 A GLU 11 ? A GLU 13 
14 1 Y 1 A LEU 81 ? A LEU 83 
15 1 Y 1 A GLY 82 ? A GLY 84 
16 1 Y 1 A GLN 83 ? A GLN 85 
17 1 Y 1 A GLY 84 ? A GLY 86 
18 1 Y 1 A LEU 85 ? A LEU 87 
19 1 Y 1 A GLY 86 ? A GLY 88 
20 1 Y 1 A ARG 87 ? A ARG 89 
21 1 Y 1 B GLY -1 ? B GLY 1  
22 1 Y 1 B SER 0  ? B SER 2  
23 1 Y 1 B MET 1  ? B MET 3  
24 1 Y 1 B SER 2  ? B SER 4  
25 1 Y 1 B PHE 3  ? B PHE 5  
26 1 Y 1 B LEU 4  ? B LEU 6  
27 1 Y 1 B GLY 5  ? B GLY 7  
28 1 Y 1 B PHE 6  ? B PHE 8  
29 1 Y 1 B GLY 7  ? B GLY 9  
30 1 Y 1 B GLY 8  ? B GLY 10 
31 1 Y 1 B GLY 9  ? B GLY 11 
32 1 Y 1 B GLN 10 ? B GLN 12 
33 1 Y 1 B PRO 11 ? B PRO 13 
34 1 Y 1 B GLN 12 ? B GLN 14 
35 1 Y 1 B LEU 13 ? B LEU 15 
36 1 Y 1 B SER 14 ? B SER 16 
37 1 Y 1 B GLY 84 ? B GLY 86 
38 1 Y 1 B GLN 85 ? B GLN 87 
39 1 Y 1 B SER 86 ? B SER 88 
40 1 Y 1 B PHE 87 ? B PHE 89 
41 1 Y 1 B ASN 88 ? B ASN 90 
42 1 Y 1 B ALA 89 ? B ALA 91 
43 1 Y 1 B ALA 90 ? B ALA 92 
44 1 Y 1 B GLY 91 ? B GLY 93 
45 1 Y 1 B LYS 92 ? B LYS 94 
46 1 Y 1 B PHE 93 ? B PHE 95 
# 
loop_
_chem_comp_atom.comp_id 
_chem_comp_atom.atom_id 
_chem_comp_atom.type_symbol 
_chem_comp_atom.pdbx_aromatic_flag 
_chem_comp_atom.pdbx_stereo_config 
_chem_comp_atom.pdbx_ordinal 
ALA N    N N N 1   
ALA CA   C N S 2   
ALA C    C N N 3   
ALA O    O N N 4   
ALA CB   C N N 5   
ALA OXT  O N N 6   
ALA H    H N N 7   
ALA H2   H N N 8   
ALA HA   H N N 9   
ALA HB1  H N N 10  
ALA HB2  H N N 11  
ALA HB3  H N N 12  
ALA HXT  H N N 13  
ARG N    N N N 14  
ARG CA   C N S 15  
ARG C    C N N 16  
ARG O    O N N 17  
ARG CB   C N N 18  
ARG CG   C N N 19  
ARG CD   C N N 20  
ARG NE   N N N 21  
ARG CZ   C N N 22  
ARG NH1  N N N 23  
ARG NH2  N N N 24  
ARG OXT  O N N 25  
ARG H    H N N 26  
ARG H2   H N N 27  
ARG HA   H N N 28  
ARG HB2  H N N 29  
ARG HB3  H N N 30  
ARG HG2  H N N 31  
ARG HG3  H N N 32  
ARG HD2  H N N 33  
ARG HD3  H N N 34  
ARG HE   H N N 35  
ARG HH11 H N N 36  
ARG HH12 H N N 37  
ARG HH21 H N N 38  
ARG HH22 H N N 39  
ARG HXT  H N N 40  
ASN N    N N N 41  
ASN CA   C N S 42  
ASN C    C N N 43  
ASN O    O N N 44  
ASN CB   C N N 45  
ASN CG   C N N 46  
ASN OD1  O N N 47  
ASN ND2  N N N 48  
ASN OXT  O N N 49  
ASN H    H N N 50  
ASN H2   H N N 51  
ASN HA   H N N 52  
ASN HB2  H N N 53  
ASN HB3  H N N 54  
ASN HD21 H N N 55  
ASN HD22 H N N 56  
ASN HXT  H N N 57  
ASP N    N N N 58  
ASP CA   C N S 59  
ASP C    C N N 60  
ASP O    O N N 61  
ASP CB   C N N 62  
ASP CG   C N N 63  
ASP OD1  O N N 64  
ASP OD2  O N N 65  
ASP OXT  O N N 66  
ASP H    H N N 67  
ASP H2   H N N 68  
ASP HA   H N N 69  
ASP HB2  H N N 70  
ASP HB3  H N N 71  
ASP HD2  H N N 72  
ASP HXT  H N N 73  
CYS N    N N N 74  
CYS CA   C N R 75  
CYS C    C N N 76  
CYS O    O N N 77  
CYS CB   C N N 78  
CYS SG   S N N 79  
CYS OXT  O N N 80  
CYS H    H N N 81  
CYS H2   H N N 82  
CYS HA   H N N 83  
CYS HB2  H N N 84  
CYS HB3  H N N 85  
CYS HG   H N N 86  
CYS HXT  H N N 87  
GLN N    N N N 88  
GLN CA   C N S 89  
GLN C    C N N 90  
GLN O    O N N 91  
GLN CB   C N N 92  
GLN CG   C N N 93  
GLN CD   C N N 94  
GLN OE1  O N N 95  
GLN NE2  N N N 96  
GLN OXT  O N N 97  
GLN H    H N N 98  
GLN H2   H N N 99  
GLN HA   H N N 100 
GLN HB2  H N N 101 
GLN HB3  H N N 102 
GLN HG2  H N N 103 
GLN HG3  H N N 104 
GLN HE21 H N N 105 
GLN HE22 H N N 106 
GLN HXT  H N N 107 
GLU N    N N N 108 
GLU CA   C N S 109 
GLU C    C N N 110 
GLU O    O N N 111 
GLU CB   C N N 112 
GLU CG   C N N 113 
GLU CD   C N N 114 
GLU OE1  O N N 115 
GLU OE2  O N N 116 
GLU OXT  O N N 117 
GLU H    H N N 118 
GLU H2   H N N 119 
GLU HA   H N N 120 
GLU HB2  H N N 121 
GLU HB3  H N N 122 
GLU HG2  H N N 123 
GLU HG3  H N N 124 
GLU HE2  H N N 125 
GLU HXT  H N N 126 
GLY N    N N N 127 
GLY CA   C N N 128 
GLY C    C N N 129 
GLY O    O N N 130 
GLY OXT  O N N 131 
GLY H    H N N 132 
GLY H2   H N N 133 
GLY HA2  H N N 134 
GLY HA3  H N N 135 
GLY HXT  H N N 136 
HIS N    N N N 137 
HIS CA   C N S 138 
HIS C    C N N 139 
HIS O    O N N 140 
HIS CB   C N N 141 
HIS CG   C Y N 142 
HIS ND1  N Y N 143 
HIS CD2  C Y N 144 
HIS CE1  C Y N 145 
HIS NE2  N Y N 146 
HIS OXT  O N N 147 
HIS H    H N N 148 
HIS H2   H N N 149 
HIS HA   H N N 150 
HIS HB2  H N N 151 
HIS HB3  H N N 152 
HIS HD1  H N N 153 
HIS HD2  H N N 154 
HIS HE1  H N N 155 
HIS HE2  H N N 156 
HIS HXT  H N N 157 
HOH O    O N N 158 
HOH H1   H N N 159 
HOH H2   H N N 160 
ILE N    N N N 161 
ILE CA   C N S 162 
ILE C    C N N 163 
ILE O    O N N 164 
ILE CB   C N S 165 
ILE CG1  C N N 166 
ILE CG2  C N N 167 
ILE CD1  C N N 168 
ILE OXT  O N N 169 
ILE H    H N N 170 
ILE H2   H N N 171 
ILE HA   H N N 172 
ILE HB   H N N 173 
ILE HG12 H N N 174 
ILE HG13 H N N 175 
ILE HG21 H N N 176 
ILE HG22 H N N 177 
ILE HG23 H N N 178 
ILE HD11 H N N 179 
ILE HD12 H N N 180 
ILE HD13 H N N 181 
ILE HXT  H N N 182 
LEU N    N N N 183 
LEU CA   C N S 184 
LEU C    C N N 185 
LEU O    O N N 186 
LEU CB   C N N 187 
LEU CG   C N N 188 
LEU CD1  C N N 189 
LEU CD2  C N N 190 
LEU OXT  O N N 191 
LEU H    H N N 192 
LEU H2   H N N 193 
LEU HA   H N N 194 
LEU HB2  H N N 195 
LEU HB3  H N N 196 
LEU HG   H N N 197 
LEU HD11 H N N 198 
LEU HD12 H N N 199 
LEU HD13 H N N 200 
LEU HD21 H N N 201 
LEU HD22 H N N 202 
LEU HD23 H N N 203 
LEU HXT  H N N 204 
LYS N    N N N 205 
LYS CA   C N S 206 
LYS C    C N N 207 
LYS O    O N N 208 
LYS CB   C N N 209 
LYS CG   C N N 210 
LYS CD   C N N 211 
LYS CE   C N N 212 
LYS NZ   N N N 213 
LYS OXT  O N N 214 
LYS H    H N N 215 
LYS H2   H N N 216 
LYS HA   H N N 217 
LYS HB2  H N N 218 
LYS HB3  H N N 219 
LYS HG2  H N N 220 
LYS HG3  H N N 221 
LYS HD2  H N N 222 
LYS HD3  H N N 223 
LYS HE2  H N N 224 
LYS HE3  H N N 225 
LYS HZ1  H N N 226 
LYS HZ2  H N N 227 
LYS HZ3  H N N 228 
LYS HXT  H N N 229 
MET N    N N N 230 
MET CA   C N S 231 
MET C    C N N 232 
MET O    O N N 233 
MET CB   C N N 234 
MET CG   C N N 235 
MET SD   S N N 236 
MET CE   C N N 237 
MET OXT  O N N 238 
MET H    H N N 239 
MET H2   H N N 240 
MET HA   H N N 241 
MET HB2  H N N 242 
MET HB3  H N N 243 
MET HG2  H N N 244 
MET HG3  H N N 245 
MET HE1  H N N 246 
MET HE2  H N N 247 
MET HE3  H N N 248 
MET HXT  H N N 249 
PHE N    N N N 250 
PHE CA   C N S 251 
PHE C    C N N 252 
PHE O    O N N 253 
PHE CB   C N N 254 
PHE CG   C Y N 255 
PHE CD1  C Y N 256 
PHE CD2  C Y N 257 
PHE CE1  C Y N 258 
PHE CE2  C Y N 259 
PHE CZ   C Y N 260 
PHE OXT  O N N 261 
PHE H    H N N 262 
PHE H2   H N N 263 
PHE HA   H N N 264 
PHE HB2  H N N 265 
PHE HB3  H N N 266 
PHE HD1  H N N 267 
PHE HD2  H N N 268 
PHE HE1  H N N 269 
PHE HE2  H N N 270 
PHE HZ   H N N 271 
PHE HXT  H N N 272 
PRO N    N N N 273 
PRO CA   C N S 274 
PRO C    C N N 275 
PRO O    O N N 276 
PRO CB   C N N 277 
PRO CG   C N N 278 
PRO CD   C N N 279 
PRO OXT  O N N 280 
PRO H    H N N 281 
PRO HA   H N N 282 
PRO HB2  H N N 283 
PRO HB3  H N N 284 
PRO HG2  H N N 285 
PRO HG3  H N N 286 
PRO HD2  H N N 287 
PRO HD3  H N N 288 
PRO HXT  H N N 289 
SER N    N N N 290 
SER CA   C N S 291 
SER C    C N N 292 
SER O    O N N 293 
SER CB   C N N 294 
SER OG   O N N 295 
SER OXT  O N N 296 
SER H    H N N 297 
SER H2   H N N 298 
SER HA   H N N 299 
SER HB2  H N N 300 
SER HB3  H N N 301 
SER HG   H N N 302 
SER HXT  H N N 303 
THR N    N N N 304 
THR CA   C N S 305 
THR C    C N N 306 
THR O    O N N 307 
THR CB   C N R 308 
THR OG1  O N N 309 
THR CG2  C N N 310 
THR OXT  O N N 311 
THR H    H N N 312 
THR H2   H N N 313 
THR HA   H N N 314 
THR HB   H N N 315 
THR HG1  H N N 316 
THR HG21 H N N 317 
THR HG22 H N N 318 
THR HG23 H N N 319 
THR HXT  H N N 320 
TYR N    N N N 321 
TYR CA   C N S 322 
TYR C    C N N 323 
TYR O    O N N 324 
TYR CB   C N N 325 
TYR CG   C Y N 326 
TYR CD1  C Y N 327 
TYR CD2  C Y N 328 
TYR CE1  C Y N 329 
TYR CE2  C Y N 330 
TYR CZ   C Y N 331 
TYR OH   O N N 332 
TYR OXT  O N N 333 
TYR H    H N N 334 
TYR H2   H N N 335 
TYR HA   H N N 336 
TYR HB2  H N N 337 
TYR HB3  H N N 338 
TYR HD1  H N N 339 
TYR HD2  H N N 340 
TYR HE1  H N N 341 
TYR HE2  H N N 342 
TYR HH   H N N 343 
TYR HXT  H N N 344 
VAL N    N N N 345 
VAL CA   C N S 346 
VAL C    C N N 347 
VAL O    O N N 348 
VAL CB   C N N 349 
VAL CG1  C N N 350 
VAL CG2  C N N 351 
VAL OXT  O N N 352 
VAL H    H N N 353 
VAL H2   H N N 354 
VAL HA   H N N 355 
VAL HB   H N N 356 
VAL HG11 H N N 357 
VAL HG12 H N N 358 
VAL HG13 H N N 359 
VAL HG21 H N N 360 
VAL HG22 H N N 361 
VAL HG23 H N N 362 
VAL HXT  H N N 363 
# 
loop_
_chem_comp_bond.comp_id 
_chem_comp_bond.atom_id_1 
_chem_comp_bond.atom_id_2 
_chem_comp_bond.value_order 
_chem_comp_bond.pdbx_aromatic_flag 
_chem_comp_bond.pdbx_stereo_config 
_chem_comp_bond.pdbx_ordinal 
ALA N   CA   sing N N 1   
ALA N   H    sing N N 2   
ALA N   H2   sing N N 3   
ALA CA  C    sing N N 4   
ALA CA  CB   sing N N 5   
ALA CA  HA   sing N N 6   
ALA C   O    doub N N 7   
ALA C   OXT  sing N N 8   
ALA CB  HB1  sing N N 9   
ALA CB  HB2  sing N N 10  
ALA CB  HB3  sing N N 11  
ALA OXT HXT  sing N N 12  
ARG N   CA   sing N N 13  
ARG N   H    sing N N 14  
ARG N   H2   sing N N 15  
ARG CA  C    sing N N 16  
ARG CA  CB   sing N N 17  
ARG CA  HA   sing N N 18  
ARG C   O    doub N N 19  
ARG C   OXT  sing N N 20  
ARG CB  CG   sing N N 21  
ARG CB  HB2  sing N N 22  
ARG CB  HB3  sing N N 23  
ARG CG  CD   sing N N 24  
ARG CG  HG2  sing N N 25  
ARG CG  HG3  sing N N 26  
ARG CD  NE   sing N N 27  
ARG CD  HD2  sing N N 28  
ARG CD  HD3  sing N N 29  
ARG NE  CZ   sing N N 30  
ARG NE  HE   sing N N 31  
ARG CZ  NH1  sing N N 32  
ARG CZ  NH2  doub N N 33  
ARG NH1 HH11 sing N N 34  
ARG NH1 HH12 sing N N 35  
ARG NH2 HH21 sing N N 36  
ARG NH2 HH22 sing N N 37  
ARG OXT HXT  sing N N 38  
ASN N   CA   sing N N 39  
ASN N   H    sing N N 40  
ASN N   H2   sing N N 41  
ASN CA  C    sing N N 42  
ASN CA  CB   sing N N 43  
ASN CA  HA   sing N N 44  
ASN C   O    doub N N 45  
ASN C   OXT  sing N N 46  
ASN CB  CG   sing N N 47  
ASN CB  HB2  sing N N 48  
ASN CB  HB3  sing N N 49  
ASN CG  OD1  doub N N 50  
ASN CG  ND2  sing N N 51  
ASN ND2 HD21 sing N N 52  
ASN ND2 HD22 sing N N 53  
ASN OXT HXT  sing N N 54  
ASP N   CA   sing N N 55  
ASP N   H    sing N N 56  
ASP N   H2   sing N N 57  
ASP CA  C    sing N N 58  
ASP CA  CB   sing N N 59  
ASP CA  HA   sing N N 60  
ASP C   O    doub N N 61  
ASP C   OXT  sing N N 62  
ASP CB  CG   sing N N 63  
ASP CB  HB2  sing N N 64  
ASP CB  HB3  sing N N 65  
ASP CG  OD1  doub N N 66  
ASP CG  OD2  sing N N 67  
ASP OD2 HD2  sing N N 68  
ASP OXT HXT  sing N N 69  
CYS N   CA   sing N N 70  
CYS N   H    sing N N 71  
CYS N   H2   sing N N 72  
CYS CA  C    sing N N 73  
CYS CA  CB   sing N N 74  
CYS CA  HA   sing N N 75  
CYS C   O    doub N N 76  
CYS C   OXT  sing N N 77  
CYS CB  SG   sing N N 78  
CYS CB  HB2  sing N N 79  
CYS CB  HB3  sing N N 80  
CYS SG  HG   sing N N 81  
CYS OXT HXT  sing N N 82  
GLN N   CA   sing N N 83  
GLN N   H    sing N N 84  
GLN N   H2   sing N N 85  
GLN CA  C    sing N N 86  
GLN CA  CB   sing N N 87  
GLN CA  HA   sing N N 88  
GLN C   O    doub N N 89  
GLN C   OXT  sing N N 90  
GLN CB  CG   sing N N 91  
GLN CB  HB2  sing N N 92  
GLN CB  HB3  sing N N 93  
GLN CG  CD   sing N N 94  
GLN CG  HG2  sing N N 95  
GLN CG  HG3  sing N N 96  
GLN CD  OE1  doub N N 97  
GLN CD  NE2  sing N N 98  
GLN NE2 HE21 sing N N 99  
GLN NE2 HE22 sing N N 100 
GLN OXT HXT  sing N N 101 
GLU N   CA   sing N N 102 
GLU N   H    sing N N 103 
GLU N   H2   sing N N 104 
GLU CA  C    sing N N 105 
GLU CA  CB   sing N N 106 
GLU CA  HA   sing N N 107 
GLU C   O    doub N N 108 
GLU C   OXT  sing N N 109 
GLU CB  CG   sing N N 110 
GLU CB  HB2  sing N N 111 
GLU CB  HB3  sing N N 112 
GLU CG  CD   sing N N 113 
GLU CG  HG2  sing N N 114 
GLU CG  HG3  sing N N 115 
GLU CD  OE1  doub N N 116 
GLU CD  OE2  sing N N 117 
GLU OE2 HE2  sing N N 118 
GLU OXT HXT  sing N N 119 
GLY N   CA   sing N N 120 
GLY N   H    sing N N 121 
GLY N   H2   sing N N 122 
GLY CA  C    sing N N 123 
GLY CA  HA2  sing N N 124 
GLY CA  HA3  sing N N 125 
GLY C   O    doub N N 126 
GLY C   OXT  sing N N 127 
GLY OXT HXT  sing N N 128 
HIS N   CA   sing N N 129 
HIS N   H    sing N N 130 
HIS N   H2   sing N N 131 
HIS CA  C    sing N N 132 
HIS CA  CB   sing N N 133 
HIS CA  HA   sing N N 134 
HIS C   O    doub N N 135 
HIS C   OXT  sing N N 136 
HIS CB  CG   sing N N 137 
HIS CB  HB2  sing N N 138 
HIS CB  HB3  sing N N 139 
HIS CG  ND1  sing Y N 140 
HIS CG  CD2  doub Y N 141 
HIS ND1 CE1  doub Y N 142 
HIS ND1 HD1  sing N N 143 
HIS CD2 NE2  sing Y N 144 
HIS CD2 HD2  sing N N 145 
HIS CE1 NE2  sing Y N 146 
HIS CE1 HE1  sing N N 147 
HIS NE2 HE2  sing N N 148 
HIS OXT HXT  sing N N 149 
HOH O   H1   sing N N 150 
HOH O   H2   sing N N 151 
ILE N   CA   sing N N 152 
ILE N   H    sing N N 153 
ILE N   H2   sing N N 154 
ILE CA  C    sing N N 155 
ILE CA  CB   sing N N 156 
ILE CA  HA   sing N N 157 
ILE C   O    doub N N 158 
ILE C   OXT  sing N N 159 
ILE CB  CG1  sing N N 160 
ILE CB  CG2  sing N N 161 
ILE CB  HB   sing N N 162 
ILE CG1 CD1  sing N N 163 
ILE CG1 HG12 sing N N 164 
ILE CG1 HG13 sing N N 165 
ILE CG2 HG21 sing N N 166 
ILE CG2 HG22 sing N N 167 
ILE CG2 HG23 sing N N 168 
ILE CD1 HD11 sing N N 169 
ILE CD1 HD12 sing N N 170 
ILE CD1 HD13 sing N N 171 
ILE OXT HXT  sing N N 172 
LEU N   CA   sing N N 173 
LEU N   H    sing N N 174 
LEU N   H2   sing N N 175 
LEU CA  C    sing N N 176 
LEU CA  CB   sing N N 177 
LEU CA  HA   sing N N 178 
LEU C   O    doub N N 179 
LEU C   OXT  sing N N 180 
LEU CB  CG   sing N N 181 
LEU CB  HB2  sing N N 182 
LEU CB  HB3  sing N N 183 
LEU CG  CD1  sing N N 184 
LEU CG  CD2  sing N N 185 
LEU CG  HG   sing N N 186 
LEU CD1 HD11 sing N N 187 
LEU CD1 HD12 sing N N 188 
LEU CD1 HD13 sing N N 189 
LEU CD2 HD21 sing N N 190 
LEU CD2 HD22 sing N N 191 
LEU CD2 HD23 sing N N 192 
LEU OXT HXT  sing N N 193 
LYS N   CA   sing N N 194 
LYS N   H    sing N N 195 
LYS N   H2   sing N N 196 
LYS CA  C    sing N N 197 
LYS CA  CB   sing N N 198 
LYS CA  HA   sing N N 199 
LYS C   O    doub N N 200 
LYS C   OXT  sing N N 201 
LYS CB  CG   sing N N 202 
LYS CB  HB2  sing N N 203 
LYS CB  HB3  sing N N 204 
LYS CG  CD   sing N N 205 
LYS CG  HG2  sing N N 206 
LYS CG  HG3  sing N N 207 
LYS CD  CE   sing N N 208 
LYS CD  HD2  sing N N 209 
LYS CD  HD3  sing N N 210 
LYS CE  NZ   sing N N 211 
LYS CE  HE2  sing N N 212 
LYS CE  HE3  sing N N 213 
LYS NZ  HZ1  sing N N 214 
LYS NZ  HZ2  sing N N 215 
LYS NZ  HZ3  sing N N 216 
LYS OXT HXT  sing N N 217 
MET N   CA   sing N N 218 
MET N   H    sing N N 219 
MET N   H2   sing N N 220 
MET CA  C    sing N N 221 
MET CA  CB   sing N N 222 
MET CA  HA   sing N N 223 
MET C   O    doub N N 224 
MET C   OXT  sing N N 225 
MET CB  CG   sing N N 226 
MET CB  HB2  sing N N 227 
MET CB  HB3  sing N N 228 
MET CG  SD   sing N N 229 
MET CG  HG2  sing N N 230 
MET CG  HG3  sing N N 231 
MET SD  CE   sing N N 232 
MET CE  HE1  sing N N 233 
MET CE  HE2  sing N N 234 
MET CE  HE3  sing N N 235 
MET OXT HXT  sing N N 236 
PHE N   CA   sing N N 237 
PHE N   H    sing N N 238 
PHE N   H2   sing N N 239 
PHE CA  C    sing N N 240 
PHE CA  CB   sing N N 241 
PHE CA  HA   sing N N 242 
PHE C   O    doub N N 243 
PHE C   OXT  sing N N 244 
PHE CB  CG   sing N N 245 
PHE CB  HB2  sing N N 246 
PHE CB  HB3  sing N N 247 
PHE CG  CD1  doub Y N 248 
PHE CG  CD2  sing Y N 249 
PHE CD1 CE1  sing Y N 250 
PHE CD1 HD1  sing N N 251 
PHE CD2 CE2  doub Y N 252 
PHE CD2 HD2  sing N N 253 
PHE CE1 CZ   doub Y N 254 
PHE CE1 HE1  sing N N 255 
PHE CE2 CZ   sing Y N 256 
PHE CE2 HE2  sing N N 257 
PHE CZ  HZ   sing N N 258 
PHE OXT HXT  sing N N 259 
PRO N   CA   sing N N 260 
PRO N   CD   sing N N 261 
PRO N   H    sing N N 262 
PRO CA  C    sing N N 263 
PRO CA  CB   sing N N 264 
PRO CA  HA   sing N N 265 
PRO C   O    doub N N 266 
PRO C   OXT  sing N N 267 
PRO CB  CG   sing N N 268 
PRO CB  HB2  sing N N 269 
PRO CB  HB3  sing N N 270 
PRO CG  CD   sing N N 271 
PRO CG  HG2  sing N N 272 
PRO CG  HG3  sing N N 273 
PRO CD  HD2  sing N N 274 
PRO CD  HD3  sing N N 275 
PRO OXT HXT  sing N N 276 
SER N   CA   sing N N 277 
SER N   H    sing N N 278 
SER N   H2   sing N N 279 
SER CA  C    sing N N 280 
SER CA  CB   sing N N 281 
SER CA  HA   sing N N 282 
SER C   O    doub N N 283 
SER C   OXT  sing N N 284 
SER CB  OG   sing N N 285 
SER CB  HB2  sing N N 286 
SER CB  HB3  sing N N 287 
SER OG  HG   sing N N 288 
SER OXT HXT  sing N N 289 
THR N   CA   sing N N 290 
THR N   H    sing N N 291 
THR N   H2   sing N N 292 
THR CA  C    sing N N 293 
THR CA  CB   sing N N 294 
THR CA  HA   sing N N 295 
THR C   O    doub N N 296 
THR C   OXT  sing N N 297 
THR CB  OG1  sing N N 298 
THR CB  CG2  sing N N 299 
THR CB  HB   sing N N 300 
THR OG1 HG1  sing N N 301 
THR CG2 HG21 sing N N 302 
THR CG2 HG22 sing N N 303 
THR CG2 HG23 sing N N 304 
THR OXT HXT  sing N N 305 
TYR N   CA   sing N N 306 
TYR N   H    sing N N 307 
TYR N   H2   sing N N 308 
TYR CA  C    sing N N 309 
TYR CA  CB   sing N N 310 
TYR CA  HA   sing N N 311 
TYR C   O    doub N N 312 
TYR C   OXT  sing N N 313 
TYR CB  CG   sing N N 314 
TYR CB  HB2  sing N N 315 
TYR CB  HB3  sing N N 316 
TYR CG  CD1  doub Y N 317 
TYR CG  CD2  sing Y N 318 
TYR CD1 CE1  sing Y N 319 
TYR CD1 HD1  sing N N 320 
TYR CD2 CE2  doub Y N 321 
TYR CD2 HD2  sing N N 322 
TYR CE1 CZ   doub Y N 323 
TYR CE1 HE1  sing N N 324 
TYR CE2 CZ   sing Y N 325 
TYR CE2 HE2  sing N N 326 
TYR CZ  OH   sing N N 327 
TYR OH  HH   sing N N 328 
TYR OXT HXT  sing N N 329 
VAL N   CA   sing N N 330 
VAL N   H    sing N N 331 
VAL N   H2   sing N N 332 
VAL CA  C    sing N N 333 
VAL CA  CB   sing N N 334 
VAL CA  HA   sing N N 335 
VAL C   O    doub N N 336 
VAL C   OXT  sing N N 337 
VAL CB  CG1  sing N N 338 
VAL CB  CG2  sing N N 339 
VAL CB  HB   sing N N 340 
VAL CG1 HG11 sing N N 341 
VAL CG1 HG12 sing N N 342 
VAL CG1 HG13 sing N N 343 
VAL CG2 HG21 sing N N 344 
VAL CG2 HG22 sing N N 345 
VAL CG2 HG23 sing N N 346 
VAL OXT HXT  sing N N 347 
# 
_pdbx_initial_refinement_model.id               1 
_pdbx_initial_refinement_model.entity_id_list   ? 
_pdbx_initial_refinement_model.type             'experimental model' 
_pdbx_initial_refinement_model.source_name      PDB 
_pdbx_initial_refinement_model.accession_code   2BSK 
_pdbx_initial_refinement_model.details          'PDB entry 2BSK' 
# 
_atom_sites.entry_id                    3DXR 
_atom_sites.fract_transf_matrix[1][1]   0.00886254 
_atom_sites.fract_transf_matrix[1][2]   -0.01021511 
_atom_sites.fract_transf_matrix[1][3]   -0.01451788 
_atom_sites.fract_transf_matrix[2][1]   -0.01049496 
_atom_sites.fract_transf_matrix[2][2]   -0.00602944 
_atom_sites.fract_transf_matrix[2][3]   -0.01572154 
_atom_sites.fract_transf_matrix[3][1]   0.00087929 
_atom_sites.fract_transf_matrix[3][2]   0.00351052 
_atom_sites.fract_transf_matrix[3][3]   -0.00193331 
_atom_sites.fract_transf_vector[1]      0.072777 
_atom_sites.fract_transf_vector[2]      -0.450654 
_atom_sites.fract_transf_vector[3]      0.096970 
# 
loop_
_atom_type.symbol 
C 
N 
O 
S 
# 
loop_
_atom_site.group_PDB 
_atom_site.id 
_atom_site.type_symbol 
_atom_site.label_atom_id 
_atom_site.label_alt_id 
_atom_site.label_comp_id 
_atom_site.label_asym_id 
_atom_site.label_entity_id 
_atom_site.label_seq_id 
_atom_site.pdbx_PDB_ins_code 
_atom_site.Cartn_x 
_atom_site.Cartn_y 
_atom_site.Cartn_z 
_atom_site.occupancy 
_atom_site.B_iso_or_equiv 
_atom_site.pdbx_formal_charge 
_atom_site.auth_seq_id 
_atom_site.auth_comp_id 
_atom_site.auth_asym_id 
_atom_site.auth_atom_id 
_atom_site.pdbx_PDB_model_num 
ATOM   1    N N   . PHE A 1 14 ? -8.539  -21.801 6.820   1.00 129.91 ? 12  PHE A N   1 
ATOM   2    C CA  . PHE A 1 14 ? -7.807  -21.859 8.118   1.00 128.80 ? 12  PHE A CA  1 
ATOM   3    C C   . PHE A 1 14 ? -7.927  -20.558 8.887   1.00 129.94 ? 12  PHE A C   1 
ATOM   4    O O   . PHE A 1 14 ? -8.648  -19.640 8.495   1.00 130.87 ? 12  PHE A O   1 
ATOM   5    C CB  . PHE A 1 14 ? -6.325  -22.154 7.876   1.00 126.27 ? 12  PHE A CB  1 
ATOM   6    N N   . GLN A 1 15 ? -7.207  -20.519 10.000  1.00 130.02 ? 13  GLN A N   1 
ATOM   7    C CA  . GLN A 1 15 ? -7.125  -19.366 10.879  1.00 128.09 ? 13  GLN A CA  1 
ATOM   8    C C   . GLN A 1 15 ? -5.619  -19.269 11.051  1.00 128.83 ? 13  GLN A C   1 
ATOM   9    O O   . GLN A 1 15 ? -5.056  -18.191 11.241  1.00 128.49 ? 13  GLN A O   1 
ATOM   10   C CB  . GLN A 1 15 ? -7.791  -19.661 12.226  1.00 125.72 ? 13  GLN A CB  1 
ATOM   11   N N   . LYS A 1 16 ? -4.981  -20.434 10.959  1.00 128.74 ? 14  LYS A N   1 
ATOM   12   C CA  . LYS A 1 16 ? -3.537  -20.547 11.065  1.00 128.46 ? 14  LYS A CA  1 
ATOM   13   C C   . LYS A 1 16 ? -2.947  -19.864 9.840   1.00 129.43 ? 14  LYS A C   1 
ATOM   14   O O   . LYS A 1 16 ? -1.873  -19.266 9.908   1.00 132.23 ? 14  LYS A O   1 
ATOM   15   C CB  . LYS A 1 16 ? -3.120  -22.020 11.089  1.00 126.75 ? 14  LYS A CB  1 
ATOM   16   N N   . VAL A 1 17 ? -3.657  -19.960 8.717   1.00 128.54 ? 15  VAL A N   1 
ATOM   17   C CA  . VAL A 1 17 ? -3.205  -19.326 7.487   1.00 124.80 ? 15  VAL A CA  1 
ATOM   18   C C   . VAL A 1 17 ? -3.235  -17.817 7.687   1.00 121.98 ? 15  VAL A C   1 
ATOM   19   O O   . VAL A 1 17 ? -2.319  -17.113 7.268   1.00 124.43 ? 15  VAL A O   1 
ATOM   20   C CB  . VAL A 1 17 ? -4.107  -19.685 6.278   1.00 124.11 ? 15  VAL A CB  1 
ATOM   21   C CG1 . VAL A 1 17 ? -3.994  -21.166 5.968   1.00 121.05 ? 15  VAL A CG1 1 
ATOM   22   C CG2 . VAL A 1 17 ? -5.555  -19.295 6.559   1.00 124.12 ? 15  VAL A CG2 1 
ATOM   23   N N   . VAL A 1 18 ? -4.285  -17.329 8.340   1.00 118.19 ? 16  VAL A N   1 
ATOM   24   C CA  . VAL A 1 18 ? -4.429  -15.901 8.595   1.00 117.37 ? 16  VAL A CA  1 
ATOM   25   C C   . VAL A 1 18 ? -3.251  -15.374 9.409   1.00 117.03 ? 16  VAL A C   1 
ATOM   26   O O   . VAL A 1 18 ? -2.679  -14.334 9.082   1.00 117.51 ? 16  VAL A O   1 
ATOM   27   C CB  . VAL A 1 18 ? -5.741  -15.592 9.350   1.00 114.99 ? 16  VAL A CB  1 
ATOM   28   C CG1 . VAL A 1 18 ? -5.809  -14.112 9.700   1.00 114.25 ? 16  VAL A CG1 1 
ATOM   29   C CG2 . VAL A 1 18 ? -6.935  -15.978 8.493   1.00 112.42 ? 16  VAL A CG2 1 
ATOM   30   N N   . GLU A 1 19 ? -2.896  -16.093 10.469  1.00 116.04 ? 17  GLU A N   1 
ATOM   31   C CA  . GLU A 1 19 ? -1.785  -15.694 11.323  1.00 114.92 ? 17  GLU A CA  1 
ATOM   32   C C   . GLU A 1 19 ? -0.481  -15.686 10.524  1.00 114.14 ? 17  GLU A C   1 
ATOM   33   O O   . GLU A 1 19 ? 0.390   -14.843 10.743  1.00 113.73 ? 17  GLU A O   1 
ATOM   34   C CB  . GLU A 1 19 ? -1.664  -16.651 12.514  1.00 111.42 ? 17  GLU A CB  1 
ATOM   35   N N   . GLN A 1 20 ? -0.354  -16.632 9.599   1.00 112.36 ? 18  GLN A N   1 
ATOM   36   C CA  . GLN A 1 20 ? 0.831   -16.721 8.755   1.00 111.82 ? 18  GLN A CA  1 
ATOM   37   C C   . GLN A 1 20 ? 0.762   -15.611 7.714   1.00 112.19 ? 18  GLN A C   1 
ATOM   38   O O   . GLN A 1 20 ? 1.735   -14.892 7.492   1.00 111.23 ? 18  GLN A O   1 
ATOM   39   C CB  . GLN A 1 20 ? 0.882   -18.082 8.054   1.00 110.15 ? 18  GLN A CB  1 
ATOM   40   N N   . LYS A 1 21 ? -0.402  -15.484 7.084   1.00 111.48 ? 19  LYS A N   1 
ATOM   41   C CA  . LYS A 1 21 ? -0.640  -14.465 6.073   1.00 109.79 ? 19  LYS A CA  1 
ATOM   42   C C   . LYS A 1 21 ? -0.428  -13.079 6.673   1.00 110.84 ? 19  LYS A C   1 
ATOM   43   O O   . LYS A 1 21 ? 0.032   -12.166 5.994   1.00 112.98 ? 19  LYS A O   1 
ATOM   44   C CB  . LYS A 1 21 ? -2.072  -14.571 5.543   1.00 109.17 ? 19  LYS A CB  1 
ATOM   45   N N   . GLN A 1 22 ? -0.775  -12.931 7.948   1.00 109.31 ? 20  GLN A N   1 
ATOM   46   C CA  . GLN A 1 22 ? -0.609  -11.663 8.637   1.00 108.03 ? 20  GLN A CA  1 
ATOM   47   C C   . GLN A 1 22 ? 0.881   -11.395 8.815   1.00 107.88 ? 20  GLN A C   1 
ATOM   48   O O   . GLN A 1 22 ? 1.339   -10.259 8.674   1.00 109.38 ? 20  GLN A O   1 
ATOM   49   C CB  . GLN A 1 22 ? -1.292  -11.704 10.008  1.00 108.74 ? 20  GLN A CB  1 
ATOM   50   N N   . MET A 1 23 ? 1.630   -12.450 9.122   1.00 105.28 ? 21  MET A N   1 
ATOM   51   C CA  . MET A 1 23 ? 3.068   -12.338 9.308   1.00 102.33 ? 21  MET A CA  1 
ATOM   52   C C   . MET A 1 23 ? 3.713   -11.967 7.977   1.00 100.67 ? 21  MET A C   1 
ATOM   53   O O   . MET A 1 23 ? 4.593   -11.111 7.920   1.00 99.44  ? 21  MET A O   1 
ATOM   54   C CB  . MET A 1 23 ? 3.643   -13.667 9.813   1.00 100.57 ? 21  MET A CB  1 
ATOM   55   N N   . LYS A 1 24 ? 3.264   -12.617 6.908   1.00 99.50  ? 22  LYS A N   1 
ATOM   56   C CA  . LYS A 1 24 ? 3.783   -12.357 5.575   1.00 98.46  ? 22  LYS A CA  1 
ATOM   57   C C   . LYS A 1 24 ? 3.437   -10.930 5.167   1.00 101.12 ? 22  LYS A C   1 
ATOM   58   O O   . LYS A 1 24 ? 4.236   -10.244 4.529   1.00 103.89 ? 22  LYS A O   1 
ATOM   59   C CB  . LYS A 1 24 ? 3.178   -13.345 4.574   1.00 99.29  ? 22  LYS A CB  1 
ATOM   60   N N   . ASP A 1 25 ? 2.241   -10.495 5.547   1.00 99.15  ? 23  ASP A N   1 
ATOM   61   C CA  . ASP A 1 25 ? 1.767   -9.153  5.238   1.00 97.37  ? 23  ASP A CA  1 
ATOM   62   C C   . ASP A 1 25 ? 2.663   -8.103  5.887   1.00 95.82  ? 23  ASP A C   1 
ATOM   63   O O   . ASP A 1 25 ? 3.030   -7.114  5.248   1.00 98.44  ? 23  ASP A O   1 
ATOM   64   C CB  . ASP A 1 25 ? 0.329   -8.972  5.736   1.00 94.26  ? 23  ASP A CB  1 
ATOM   65   N N   . PHE A 1 26 ? 3.014   -8.320  7.152   1.00 90.50  ? 24  PHE A N   1 
ATOM   66   C CA  . PHE A 1 26 ? 3.865   -7.381  7.872   1.00 88.66  ? 24  PHE A CA  1 
ATOM   67   C C   . PHE A 1 26 ? 5.250   -7.336  7.235   1.00 88.30  ? 24  PHE A C   1 
ATOM   68   O O   . PHE A 1 26 ? 5.854   -6.272  7.099   1.00 88.23  ? 24  PHE A O   1 
ATOM   69   C CB  . PHE A 1 26 ? 4.006   -7.785  9.340   1.00 86.57  ? 24  PHE A CB  1 
ATOM   70   C CG  . PHE A 1 26 ? 4.661   -6.733  10.194  1.00 85.75  ? 24  PHE A CG  1 
ATOM   71   C CD1 . PHE A 1 26 ? 3.932   -5.638  10.649  1.00 81.73  ? 24  PHE A CD1 1 
ATOM   72   C CD2 . PHE A 1 26 ? 6.018   -6.804  10.494  1.00 84.53  ? 24  PHE A CD2 1 
ATOM   73   C CE1 . PHE A 1 26 ? 4.542   -4.634  11.398  1.00 84.06  ? 24  PHE A CE1 1 
ATOM   74   C CE2 . PHE A 1 26 ? 6.641   -5.803  11.243  1.00 79.61  ? 24  PHE A CE2 1 
ATOM   75   C CZ  . PHE A 1 26 ? 5.902   -4.713  11.692  1.00 82.24  ? 24  PHE A CZ  1 
ATOM   76   N N   . MET A 1 27 ? 5.757   -8.502  6.861   1.00 88.46  ? 25  MET A N   1 
ATOM   77   C CA  . MET A 1 27 ? 7.062   -8.578  6.237   1.00 88.38  ? 25  MET A CA  1 
ATOM   78   C C   . MET A 1 27 ? 6.991   -7.842  4.912   1.00 87.05  ? 25  MET A C   1 
ATOM   79   O O   . MET A 1 27 ? 8.007   -7.399  4.379   1.00 90.11  ? 25  MET A O   1 
ATOM   80   C CB  . MET A 1 27 ? 7.455   -10.037 6.018   1.00 91.99  ? 25  MET A CB  1 
ATOM   81   C CG  . MET A 1 27 ? 7.658   -10.815 7.306   1.00 101.38 ? 25  MET A CG  1 
ATOM   82   S SD  . MET A 1 27 ? 8.285   -12.483 7.009   1.00 116.08 ? 25  MET A SD  1 
ATOM   83   C CE  . MET A 1 27 ? 6.913   -13.468 7.585   1.00 115.32 ? 25  MET A CE  1 
ATOM   84   N N   . ARG A 1 28 ? 5.776   -7.712  4.392   1.00 81.91  ? 26  ARG A N   1 
ATOM   85   C CA  . ARG A 1 28 ? 5.545   -7.022  3.131   1.00 81.91  ? 26  ARG A CA  1 
ATOM   86   C C   . ARG A 1 28 ? 5.780   -5.519  3.282   1.00 81.66  ? 26  ARG A C   1 
ATOM   87   O O   . ARG A 1 28 ? 6.703   -4.971  2.680   1.00 83.64  ? 26  ARG A O   1 
ATOM   88   C CB  . ARG A 1 28 ? 4.115   -7.278  2.642   1.00 77.66  ? 26  ARG A CB  1 
ATOM   89   N N   . LEU A 1 29 ? 4.957   -4.860  4.090   1.00 75.24  ? 27  LEU A N   1 
ATOM   90   C CA  . LEU A 1 29 ? 5.105   -3.427  4.302   1.00 79.26  ? 27  LEU A CA  1 
ATOM   91   C C   . LEU A 1 29 ? 6.562   -3.063  4.537   1.00 80.95  ? 27  LEU A C   1 
ATOM   92   O O   . LEU A 1 29 ? 7.154   -2.297  3.772   1.00 84.82  ? 27  LEU A O   1 
ATOM   93   C CB  . LEU A 1 29 ? 4.273   -2.964  5.502   1.00 77.85  ? 27  LEU A CB  1 
ATOM   94   C CG  . LEU A 1 29 ? 4.528   -1.511  5.936   1.00 88.44  ? 27  LEU A CG  1 
ATOM   95   C CD1 . LEU A 1 29 ? 4.270   -0.563  4.767   1.00 85.52  ? 27  LEU A CD1 1 
ATOM   96   C CD2 . LEU A 1 29 ? 3.645   -1.156  7.124   1.00 80.21  ? 27  LEU A CD2 1 
ATOM   97   N N   . TYR A 1 30 ? 7.128   -3.620  5.601   1.00 78.27  ? 28  TYR A N   1 
ATOM   98   C CA  . TYR A 1 30 ? 8.516   -3.371  5.971   1.00 74.03  ? 28  TYR A CA  1 
ATOM   99   C C   . TYR A 1 30 ? 9.414   -3.349  4.738   1.00 71.06  ? 28  TYR A C   1 
ATOM   100  O O   . TYR A 1 30 ? 10.144  -2.393  4.507   1.00 64.37  ? 28  TYR A O   1 
ATOM   101  C CB  . TYR A 1 30 ? 8.994   -4.456  6.943   1.00 66.72  ? 28  TYR A CB  1 
ATOM   102  C CG  . TYR A 1 30 ? 10.489  -4.463  7.181   1.00 67.50  ? 28  TYR A CG  1 
ATOM   103  C CD1 . TYR A 1 30 ? 11.105  -3.449  7.922   1.00 70.30  ? 28  TYR A CD1 1 
ATOM   104  C CD2 . TYR A 1 30 ? 11.295  -5.471  6.640   1.00 59.30  ? 28  TYR A CD2 1 
ATOM   105  C CE1 . TYR A 1 30 ? 12.488  -3.441  8.118   1.00 67.54  ? 28  TYR A CE1 1 
ATOM   106  C CE2 . TYR A 1 30 ? 12.678  -5.469  6.830   1.00 66.26  ? 28  TYR A CE2 1 
ATOM   107  C CZ  . TYR A 1 30 ? 13.266  -4.451  7.569   1.00 77.23  ? 28  TYR A CZ  1 
ATOM   108  O OH  . TYR A 1 30 ? 14.633  -4.443  7.751   1.00 87.03  ? 28  TYR A OH  1 
ATOM   109  N N   . SER A 1 31 ? 9.335   -4.417  3.954   1.00 70.99  ? 29  SER A N   1 
ATOM   110  C CA  . SER A 1 31 ? 10.128  -4.574  2.745   1.00 74.20  ? 29  SER A CA  1 
ATOM   111  C C   . SER A 1 31 ? 9.845   -3.468  1.720   1.00 75.00  ? 29  SER A C   1 
ATOM   112  O O   . SER A 1 31 ? 10.765  -2.809  1.226   1.00 73.53  ? 29  SER A O   1 
ATOM   113  C CB  . SER A 1 31 ? 9.839   -5.947  2.133   1.00 68.40  ? 29  SER A CB  1 
ATOM   114  O OG  . SER A 1 31 ? 10.959  -6.441  1.421   1.00 78.83  ? 29  SER A OG  1 
ATOM   115  N N   . ASN A 1 32 ? 8.567   -3.273  1.411   1.00 73.68  ? 30  ASN A N   1 
ATOM   116  C CA  . ASN A 1 32 ? 8.140   -2.260  0.453   1.00 73.85  ? 30  ASN A CA  1 
ATOM   117  C C   . ASN A 1 32 ? 8.532   -0.878  0.937   1.00 71.56  ? 30  ASN A C   1 
ATOM   118  O O   . ASN A 1 32 ? 8.851   0.002   0.141   1.00 71.87  ? 30  ASN A O   1 
ATOM   119  C CB  . ASN A 1 32 ? 6.622   -2.300  0.263   1.00 84.09  ? 30  ASN A CB  1 
ATOM   120  C CG  . ASN A 1 32 ? 6.136   -3.633  -0.256  1.00 85.42  ? 30  ASN A CG  1 
ATOM   121  O OD1 . ASN A 1 32 ? 6.731   -4.211  -1.167  1.00 86.93  ? 30  ASN A OD1 1 
ATOM   122  N ND2 . ASN A 1 32 ? 5.043   -4.128  0.315   1.00 89.19  ? 30  ASN A ND2 1 
ATOM   123  N N   . LEU A 1 33 ? 8.490   -0.688  2.249   1.00 65.80  ? 31  LEU A N   1 
ATOM   124  C CA  . LEU A 1 33 ? 8.850   0.588   2.830   1.00 62.20  ? 31  LEU A CA  1 
ATOM   125  C C   . LEU A 1 33 ? 10.338  0.820   2.648   1.00 60.22  ? 31  LEU A C   1 
ATOM   126  O O   . LEU A 1 33 ? 10.770  1.892   2.236   1.00 63.30  ? 31  LEU A O   1 
ATOM   127  C CB  . LEU A 1 33 ? 8.496   0.611   4.316   1.00 66.17  ? 31  LEU A CB  1 
ATOM   128  C CG  . LEU A 1 33 ? 8.866   1.901   5.058   1.00 74.05  ? 31  LEU A CG  1 
ATOM   129  C CD1 . LEU A 1 33 ? 8.282   3.107   4.335   1.00 69.74  ? 31  LEU A CD1 1 
ATOM   130  C CD2 . LEU A 1 33 ? 8.360   1.825   6.489   1.00 69.91  ? 31  LEU A CD2 1 
ATOM   131  N N   . VAL A 1 34 ? 11.123  -0.198  2.961   1.00 55.59  ? 32  VAL A N   1 
ATOM   132  C CA  . VAL A 1 34 ? 12.563  -0.100  2.829   1.00 59.15  ? 32  VAL A CA  1 
ATOM   133  C C   . VAL A 1 34 ? 12.903  0.276   1.386   1.00 62.98  ? 32  VAL A C   1 
ATOM   134  O O   . VAL A 1 34 ? 13.659  1.215   1.139   1.00 64.80  ? 32  VAL A O   1 
ATOM   135  C CB  . VAL A 1 34 ? 13.246  -1.445  3.194   1.00 57.64  ? 32  VAL A CB  1 
ATOM   136  C CG1 . VAL A 1 34 ? 14.747  -1.335  3.024   1.00 43.38  ? 32  VAL A CG1 1 
ATOM   137  C CG2 . VAL A 1 34 ? 12.915  -1.825  4.631   1.00 55.30  ? 32  VAL A CG2 1 
ATOM   138  N N   . GLU A 1 35 ? 12.319  -0.459  0.443   1.00 61.20  ? 33  GLU A N   1 
ATOM   139  C CA  . GLU A 1 35 ? 12.545  -0.235  -0.975  1.00 58.68  ? 33  GLU A CA  1 
ATOM   140  C C   . GLU A 1 35 ? 12.067  1.136   -1.442  1.00 58.08  ? 33  GLU A C   1 
ATOM   141  O O   . GLU A 1 35 ? 12.712  1.787   -2.264  1.00 53.69  ? 33  GLU A O   1 
ATOM   142  C CB  . GLU A 1 35 ? 11.843  -1.316  -1.797  1.00 63.19  ? 33  GLU A CB  1 
ATOM   143  C CG  . GLU A 1 35 ? 12.052  -1.138  -3.288  1.00 69.80  ? 33  GLU A CG  1 
ATOM   144  C CD  . GLU A 1 35 ? 11.517  -2.291  -4.108  1.00 72.28  ? 33  GLU A CD  1 
ATOM   145  O OE1 . GLU A 1 35 ? 10.281  -2.470  -4.175  1.00 67.85  ? 33  GLU A OE1 1 
ATOM   146  O OE2 . GLU A 1 35 ? 12.347  -3.020  -4.688  1.00 80.04  ? 33  GLU A OE2 1 
ATOM   147  N N   . ARG A 1 36 ? 10.930  1.566   -0.917  1.00 57.66  ? 34  ARG A N   1 
ATOM   148  C CA  . ARG A 1 36 ? 10.371  2.859   -1.278  1.00 53.44  ? 34  ARG A CA  1 
ATOM   149  C C   . ARG A 1 36 ? 11.332  3.981   -0.882  1.00 51.11  ? 34  ARG A C   1 
ATOM   150  O O   . ARG A 1 36 ? 11.679  4.840   -1.702  1.00 50.38  ? 34  ARG A O   1 
ATOM   151  C CB  . ARG A 1 36 ? 9.020   3.053   -0.573  1.00 49.65  ? 34  ARG A CB  1 
ATOM   152  C CG  . ARG A 1 36 ? 8.377   4.437   -0.744  1.00 62.42  ? 34  ARG A CG  1 
ATOM   153  C CD  . ARG A 1 36 ? 7.992   4.761   -2.192  1.00 73.22  ? 34  ARG A CD  1 
ATOM   154  N NE  . ARG A 1 36 ? 9.134   4.734   -3.110  1.00 71.88  ? 34  ARG A NE  1 
ATOM   155  C CZ  . ARG A 1 36 ? 9.104   5.207   -4.353  1.00 76.18  ? 34  ARG A CZ  1 
ATOM   156  N NH1 . ARG A 1 36 ? 7.992   5.749   -4.830  1.00 83.40  ? 34  ARG A NH1 1 
ATOM   157  N NH2 . ARG A 1 36 ? 10.185  5.148   -5.119  1.00 72.46  ? 34  ARG A NH2 1 
ATOM   158  N N   . CYS A 1 37 ? 11.777  3.948   0.370   1.00 46.90  ? 35  CYS A N   1 
ATOM   159  C CA  . CYS A 1 37 ? 12.657  4.973   0.897   1.00 46.23  ? 35  CYS A CA  1 
ATOM   160  C C   . CYS A 1 37 ? 14.103  4.888   0.426   1.00 46.28  ? 35  CYS A C   1 
ATOM   161  O O   . CYS A 1 37 ? 14.804  5.892   0.390   1.00 51.56  ? 35  CYS A O   1 
ATOM   162  C CB  . CYS A 1 37 ? 12.582  4.986   2.426   1.00 49.29  ? 35  CYS A CB  1 
ATOM   163  S SG  . CYS A 1 37 ? 10.901  5.319   3.050   1.00 65.97  ? 35  CYS A SG  1 
ATOM   164  N N   . PHE A 1 38 ? 14.559  3.701   0.065   1.00 44.87  ? 36  PHE A N   1 
ATOM   165  C CA  . PHE A 1 38 ? 15.918  3.586   -0.435  1.00 47.05  ? 36  PHE A CA  1 
ATOM   166  C C   . PHE A 1 38 ? 15.965  4.208   -1.830  1.00 42.31  ? 36  PHE A C   1 
ATOM   167  O O   . PHE A 1 38 ? 16.907  4.904   -2.182  1.00 45.33  ? 36  PHE A O   1 
ATOM   168  C CB  . PHE A 1 38 ? 16.342  2.127   -0.534  1.00 43.95  ? 36  PHE A CB  1 
ATOM   169  C CG  . PHE A 1 38 ? 17.748  1.952   -1.009  1.00 47.75  ? 36  PHE A CG  1 
ATOM   170  C CD1 . PHE A 1 38 ? 18.818  2.127   -0.137  1.00 43.53  ? 36  PHE A CD1 1 
ATOM   171  C CD2 . PHE A 1 38 ? 18.008  1.628   -2.336  1.00 45.21  ? 36  PHE A CD2 1 
ATOM   172  C CE1 . PHE A 1 38 ? 20.127  1.977   -0.580  1.00 46.35  ? 36  PHE A CE1 1 
ATOM   173  C CE2 . PHE A 1 38 ? 19.308  1.478   -2.792  1.00 41.18  ? 36  PHE A CE2 1 
ATOM   174  C CZ  . PHE A 1 38 ? 20.373  1.653   -1.912  1.00 44.96  ? 36  PHE A CZ  1 
ATOM   175  N N   . THR A 1 39 ? 14.930  3.940   -2.616  1.00 46.46  ? 37  THR A N   1 
ATOM   176  C CA  . THR A 1 39 ? 14.814  4.457   -3.976  1.00 43.41  ? 37  THR A CA  1 
ATOM   177  C C   . THR A 1 39 ? 14.711  5.984   -3.992  1.00 49.02  ? 37  THR A C   1 
ATOM   178  O O   . THR A 1 39 ? 15.379  6.637   -4.798  1.00 48.03  ? 37  THR A O   1 
ATOM   179  C CB  . THR A 1 39 ? 13.571  3.878   -4.681  1.00 44.48  ? 37  THR A CB  1 
ATOM   180  O OG1 . THR A 1 39 ? 13.663  2.454   -4.701  1.00 46.04  ? 37  THR A OG1 1 
ATOM   181  C CG2 . THR A 1 39 ? 13.457  4.402   -6.110  1.00 35.47  ? 37  THR A CG2 1 
ATOM   182  N N   . ASP A 1 40 ? 13.898  6.557   -3.101  1.00 42.23  ? 38  ASP A N   1 
ATOM   183  C CA  . ASP A 1 40 ? 13.740  8.019   -3.073  1.00 43.20  ? 38  ASP A CA  1 
ATOM   184  C C   . ASP A 1 40 ? 14.780  8.828   -2.321  1.00 48.88  ? 38  ASP A C   1 
ATOM   185  O O   . ASP A 1 40 ? 14.930  10.024  -2.589  1.00 46.66  ? 38  ASP A O   1 
ATOM   186  C CB  . ASP A 1 40 ? 12.386  8.428   -2.490  1.00 47.18  ? 38  ASP A CB  1 
ATOM   187  C CG  . ASP A 1 40 ? 11.224  8.005   -3.352  1.00 59.36  ? 38  ASP A CG  1 
ATOM   188  O OD1 . ASP A 1 40 ? 11.381  7.954   -4.593  1.00 64.27  ? 38  ASP A OD1 1 
ATOM   189  O OD2 . ASP A 1 40 ? 10.148  7.738   -2.780  1.00 70.54  ? 38  ASP A OD2 1 
ATOM   190  N N   . CYS A 1 41 ? 15.493  8.198   -1.388  1.00 50.41  ? 39  CYS A N   1 
ATOM   191  C CA  . CYS A 1 41 ? 16.452  8.923   -0.553  1.00 47.25  ? 39  CYS A CA  1 
ATOM   192  C C   . CYS A 1 41 ? 17.940  8.704   -0.724  1.00 49.25  ? 39  CYS A C   1 
ATOM   193  O O   . CYS A 1 41 ? 18.724  9.648   -0.605  1.00 49.29  ? 39  CYS A O   1 
ATOM   194  C CB  . CYS A 1 41 ? 16.128  8.675   0.913   1.00 46.24  ? 39  CYS A CB  1 
ATOM   195  S SG  . CYS A 1 41 ? 14.533  9.337   1.475   1.00 53.60  ? 39  CYS A SG  1 
ATOM   196  N N   . VAL A 1 42 ? 18.334  7.464   -0.978  1.00 49.52  ? 40  VAL A N   1 
ATOM   197  C CA  . VAL A 1 42 ? 19.741  7.138   -1.107  1.00 48.94  ? 40  VAL A CA  1 
ATOM   198  C C   . VAL A 1 42 ? 20.212  7.212   -2.537  1.00 45.50  ? 40  VAL A C   1 
ATOM   199  O O   . VAL A 1 42 ? 20.019  6.271   -3.295  1.00 49.48  ? 40  VAL A O   1 
ATOM   200  C CB  . VAL A 1 42 ? 20.004  5.730   -0.542  1.00 51.21  ? 40  VAL A CB  1 
ATOM   201  C CG1 . VAL A 1 42 ? 21.480  5.499   -0.395  1.00 50.00  ? 40  VAL A CG1 1 
ATOM   202  C CG2 . VAL A 1 42 ? 19.307  5.583   0.807   1.00 54.46  ? 40  VAL A CG2 1 
ATOM   203  N N   . ASN A 1 43 ? 20.844  8.325   -2.903  1.00 52.87  ? 41  ASN A N   1 
ATOM   204  C CA  . ASN A 1 43 ? 21.340  8.509   -4.272  1.00 52.50  ? 41  ASN A CA  1 
ATOM   205  C C   . ASN A 1 43 ? 22.835  8.751   -4.360  1.00 54.97  ? 41  ASN A C   1 
ATOM   206  O O   . ASN A 1 43 ? 23.378  8.877   -5.449  1.00 56.45  ? 41  ASN A O   1 
ATOM   207  C CB  . ASN A 1 43 ? 20.623  9.679   -4.945  1.00 59.95  ? 41  ASN A CB  1 
ATOM   208  C CG  . ASN A 1 43 ? 21.056  11.037  -4.398  1.00 78.54  ? 41  ASN A CG  1 
ATOM   209  O OD1 . ASN A 1 43 ? 21.828  11.124  -3.444  1.00 76.21  ? 41  ASN A OD1 1 
ATOM   210  N ND2 . ASN A 1 43 ? 20.552  12.108  -5.009  1.00 81.84  ? 41  ASN A ND2 1 
ATOM   211  N N   . ASP A 1 44 ? 23.495  8.834   -3.210  1.00 60.82  ? 42  ASP A N   1 
ATOM   212  C CA  . ASP A 1 44 ? 24.927  9.083   -3.177  1.00 56.77  ? 42  ASP A CA  1 
ATOM   213  C C   . ASP A 1 44 ? 25.616  7.808   -2.746  1.00 57.73  ? 42  ASP A C   1 
ATOM   214  O O   . ASP A 1 44 ? 25.254  7.221   -1.726  1.00 57.55  ? 42  ASP A O   1 
ATOM   215  C CB  . ASP A 1 44 ? 25.250  10.202  -2.182  1.00 58.91  ? 42  ASP A CB  1 
ATOM   216  C CG  . ASP A 1 44 ? 26.729  10.548  -2.143  1.00 70.98  ? 42  ASP A CG  1 
ATOM   217  O OD1 . ASP A 1 44 ? 27.210  11.271  -3.045  1.00 79.90  ? 42  ASP A OD1 1 
ATOM   218  O OD2 . ASP A 1 44 ? 27.417  10.084  -1.211  1.00 77.80  ? 42  ASP A OD2 1 
ATOM   219  N N   . PHE A 1 45 ? 26.596  7.377   -3.530  1.00 57.40  ? 43  PHE A N   1 
ATOM   220  C CA  . PHE A 1 45 ? 27.342  6.171   -3.213  1.00 61.34  ? 43  PHE A CA  1 
ATOM   221  C C   . PHE A 1 45 ? 28.844  6.415   -3.233  1.00 61.19  ? 43  PHE A C   1 
ATOM   222  O O   . PHE A 1 45 ? 29.620  5.577   -3.687  1.00 68.27  ? 43  PHE A O   1 
ATOM   223  C CB  . PHE A 1 45 ? 26.962  5.039   -4.172  1.00 53.54  ? 43  PHE A CB  1 
ATOM   224  C CG  . PHE A 1 45 ? 25.497  4.734   -4.173  1.00 58.99  ? 43  PHE A CG  1 
ATOM   225  C CD1 . PHE A 1 45 ? 24.654  5.327   -5.104  1.00 53.12  ? 43  PHE A CD1 1 
ATOM   226  C CD2 . PHE A 1 45 ? 24.942  3.943   -3.181  1.00 53.97  ? 43  PHE A CD2 1 
ATOM   227  C CE1 . PHE A 1 45 ? 23.286  5.132   -5.044  1.00 56.89  ? 43  PHE A CE1 1 
ATOM   228  C CE2 . PHE A 1 45 ? 23.570  3.742   -3.116  1.00 51.97  ? 43  PHE A CE2 1 
ATOM   229  C CZ  . PHE A 1 45 ? 22.741  4.341   -4.040  1.00 48.03  ? 43  PHE A CZ  1 
ATOM   230  N N   . THR A 1 46 ? 29.246  7.577   -2.738  1.00 59.97  ? 44  THR A N   1 
ATOM   231  C CA  . THR A 1 46 ? 30.658  7.924   -2.662  1.00 61.78  ? 44  THR A CA  1 
ATOM   232  C C   . THR A 1 46 ? 31.172  7.349   -1.337  1.00 63.33  ? 44  THR A C   1 
ATOM   233  O O   . THR A 1 46 ? 32.371  7.302   -1.088  1.00 67.02  ? 44  THR A O   1 
ATOM   234  C CB  . THR A 1 46 ? 30.874  9.465   -2.672  1.00 57.15  ? 44  THR A CB  1 
ATOM   235  O OG1 . THR A 1 46 ? 30.078  10.076  -1.647  1.00 50.55  ? 44  THR A OG1 1 
ATOM   236  C CG2 . THR A 1 46 ? 30.492  10.051  -4.017  1.00 50.15  ? 44  THR A CG2 1 
ATOM   237  N N   . THR A 1 47 ? 30.237  6.900   -0.504  1.00 64.60  ? 45  THR A N   1 
ATOM   238  C CA  . THR A 1 47 ? 30.544  6.324   0.802   1.00 64.64  ? 45  THR A CA  1 
ATOM   239  C C   . THR A 1 47 ? 29.643  5.112   1.047   1.00 67.15  ? 45  THR A C   1 
ATOM   240  O O   . THR A 1 47 ? 28.749  4.829   0.248   1.00 69.48  ? 45  THR A O   1 
ATOM   241  C CB  . THR A 1 47 ? 30.304  7.363   1.922   1.00 64.77  ? 45  THR A CB  1 
ATOM   242  O OG1 . THR A 1 47 ? 31.267  8.419   1.809   1.00 68.44  ? 45  THR A OG1 1 
ATOM   243  C CG2 . THR A 1 47 ? 30.425  6.727   3.284   1.00 72.17  ? 45  THR A CG2 1 
ATOM   244  N N   . SER A 1 48 ? 29.874  4.418   2.159   1.00 62.56  ? 46  SER A N   1 
ATOM   245  C CA  . SER A 1 48 ? 29.107  3.237   2.539   1.00 64.91  ? 46  SER A CA  1 
ATOM   246  C C   . SER A 1 48 ? 28.111  3.512   3.675   1.00 65.81  ? 46  SER A C   1 
ATOM   247  O O   . SER A 1 48 ? 27.428  2.603   4.157   1.00 63.82  ? 46  SER A O   1 
ATOM   248  C CB  . SER A 1 48 ? 30.068  2.130   2.972   1.00 73.95  ? 46  SER A CB  1 
ATOM   249  O OG  . SER A 1 48 ? 31.047  1.885   1.981   1.00 83.38  ? 46  SER A OG  1 
ATOM   250  N N   . LYS A 1 49 ? 28.029  4.761   4.109   1.00 65.31  ? 47  LYS A N   1 
ATOM   251  C CA  . LYS A 1 49 ? 27.122  5.102   5.191   1.00 67.27  ? 47  LYS A CA  1 
ATOM   252  C C   . LYS A 1 49 ? 26.176  6.240   4.849   1.00 63.12  ? 47  LYS A C   1 
ATOM   253  O O   . LYS A 1 49 ? 26.537  7.168   4.132   1.00 62.02  ? 47  LYS A O   1 
ATOM   254  C CB  . LYS A 1 49 ? 27.916  5.457   6.453   1.00 72.36  ? 47  LYS A CB  1 
ATOM   255  C CG  . LYS A 1 49 ? 28.641  4.279   7.071   1.00 80.80  ? 47  LYS A CG  1 
ATOM   256  C CD  . LYS A 1 49 ? 29.188  4.650   8.432   1.00 95.46  ? 47  LYS A CD  1 
ATOM   257  C CE  . LYS A 1 49 ? 29.190  3.448   9.354   1.00 105.49 ? 47  LYS A CE  1 
ATOM   258  N NZ  . LYS A 1 49 ? 29.650  3.807   10.723  1.00 112.30 ? 47  LYS A NZ  1 
ATOM   259  N N   . LEU A 1 50 ? 24.963  6.159   5.380   1.00 57.22  ? 48  LEU A N   1 
ATOM   260  C CA  . LEU A 1 50 ? 23.959  7.179   5.153   1.00 57.64  ? 48  LEU A CA  1 
ATOM   261  C C   . LEU A 1 50 ? 24.425  8.504   5.714   1.00 57.46  ? 48  LEU A C   1 
ATOM   262  O O   . LEU A 1 50 ? 24.928  8.560   6.829   1.00 68.48  ? 48  LEU A O   1 
ATOM   263  C CB  . LEU A 1 50 ? 22.648  6.791   5.836   1.00 55.08  ? 48  LEU A CB  1 
ATOM   264  C CG  . LEU A 1 50 ? 22.037  5.468   5.403   1.00 52.45  ? 48  LEU A CG  1 
ATOM   265  C CD1 . LEU A 1 50 ? 20.790  5.207   6.222   1.00 51.24  ? 48  LEU A CD1 1 
ATOM   266  C CD2 . LEU A 1 50 ? 21.720  5.514   3.918   1.00 56.61  ? 48  LEU A CD2 1 
ATOM   267  N N   . THR A 1 51 ? 24.257  9.571   4.943   1.00 62.48  ? 49  THR A N   1 
ATOM   268  C CA  . THR A 1 51 ? 24.641  10.897  5.401   1.00 66.69  ? 49  THR A CA  1 
ATOM   269  C C   . THR A 1 51 ? 23.576  11.346  6.400   1.00 72.92  ? 49  THR A C   1 
ATOM   270  O O   . THR A 1 51 ? 22.713  10.555  6.791   1.00 79.05  ? 49  THR A O   1 
ATOM   271  C CB  . THR A 1 51 ? 24.687  11.909  4.242   1.00 60.50  ? 49  THR A CB  1 
ATOM   272  O OG1 . THR A 1 51 ? 23.360  12.145  3.760   1.00 61.67  ? 49  THR A OG1 1 
ATOM   273  C CG2 . THR A 1 51 ? 25.546  11.384  3.109   1.00 64.97  ? 49  THR A CG2 1 
ATOM   274  N N   . ASN A 1 52 ? 23.622  12.609  6.802   1.00 68.38  ? 50  ASN A N   1 
ATOM   275  C CA  . ASN A 1 52 ? 22.650  13.116  7.756   1.00 73.80  ? 50  ASN A CA  1 
ATOM   276  C C   . ASN A 1 52 ? 21.334  13.300  7.028   1.00 72.01  ? 50  ASN A C   1 
ATOM   277  O O   . ASN A 1 52 ? 20.261  12.927  7.518   1.00 73.11  ? 50  ASN A O   1 
ATOM   278  C CB  . ASN A 1 52 ? 23.131  14.452  8.333   1.00 85.94  ? 50  ASN A CB  1 
ATOM   279  C CG  . ASN A 1 52 ? 22.310  14.901  9.529   1.00 93.74  ? 50  ASN A CG  1 
ATOM   280  O OD1 . ASN A 1 52 ? 21.230  15.470  9.382   1.00 94.67  ? 50  ASN A OD1 1 
ATOM   281  N ND2 . ASN A 1 52 ? 22.820  14.630  10.725  1.00 100.92 ? 50  ASN A ND2 1 
ATOM   282  N N   . LYS A 1 53 ? 21.448  13.867  5.834   1.00 69.47  ? 51  LYS A N   1 
ATOM   283  C CA  . LYS A 1 53 ? 20.321  14.150  4.967   1.00 59.54  ? 51  LYS A CA  1 
ATOM   284  C C   . LYS A 1 53 ? 19.566  12.908  4.518   1.00 62.05  ? 51  LYS A C   1 
ATOM   285  O O   . LYS A 1 53 ? 18.339  12.925  4.424   1.00 58.60  ? 51  LYS A O   1 
ATOM   286  C CB  . LYS A 1 53 ? 20.816  14.916  3.746   1.00 60.52  ? 51  LYS A CB  1 
ATOM   287  C CG  . LYS A 1 53 ? 21.416  16.272  4.085   1.00 68.53  ? 51  LYS A CG  1 
ATOM   288  C CD  . LYS A 1 53 ? 20.391  17.129  4.820   1.00 79.90  ? 51  LYS A CD  1 
ATOM   289  C CE  . LYS A 1 53 ? 20.911  18.517  5.153   1.00 77.38  ? 51  LYS A CE  1 
ATOM   290  N NZ  . LYS A 1 53 ? 19.839  19.316  5.813   1.00 69.05  ? 51  LYS A NZ  1 
ATOM   291  N N   . GLU A 1 54 ? 20.291  11.828  4.242   1.00 59.73  ? 52  GLU A N   1 
ATOM   292  C CA  . GLU A 1 54 ? 19.637  10.610  3.797   1.00 60.78  ? 52  GLU A CA  1 
ATOM   293  C C   . GLU A 1 54 ? 18.803  9.989   4.915   1.00 60.67  ? 52  GLU A C   1 
ATOM   294  O O   . GLU A 1 54 ? 17.748  9.404   4.652   1.00 62.84  ? 52  GLU A O   1 
ATOM   295  C CB  . GLU A 1 54 ? 20.673  9.611   3.235   1.00 53.71  ? 52  GLU A CB  1 
ATOM   296  C CG  . GLU A 1 54 ? 21.305  10.088  1.913   1.00 55.10  ? 52  GLU A CG  1 
ATOM   297  C CD  . GLU A 1 54 ? 22.432  9.187   1.389   1.00 69.51  ? 52  GLU A CD  1 
ATOM   298  O OE1 . GLU A 1 54 ? 23.335  8.806   2.173   1.00 60.41  ? 52  GLU A OE1 1 
ATOM   299  O OE2 . GLU A 1 54 ? 22.427  8.875   0.178   1.00 68.51  ? 52  GLU A OE2 1 
ATOM   300  N N   . GLN A 1 55 ? 19.246  10.137  6.161   1.00 58.97  ? 53  GLN A N   1 
ATOM   301  C CA  . GLN A 1 55 ? 18.500  9.572   7.286   1.00 58.99  ? 53  GLN A CA  1 
ATOM   302  C C   . GLN A 1 55 ? 17.238  10.378  7.532   1.00 58.86  ? 53  GLN A C   1 
ATOM   303  O O   . GLN A 1 55 ? 16.178  9.821   7.803   1.00 59.70  ? 53  GLN A O   1 
ATOM   304  C CB  . GLN A 1 55 ? 19.350  9.565   8.550   1.00 61.17  ? 53  GLN A CB  1 
ATOM   305  C CG  . GLN A 1 55 ? 20.694  8.889   8.370   1.00 75.00  ? 53  GLN A CG  1 
ATOM   306  C CD  . GLN A 1 55 ? 21.517  8.898   9.640   1.00 76.54  ? 53  GLN A CD  1 
ATOM   307  O OE1 . GLN A 1 55 ? 22.748  8.855   9.596   1.00 71.26  ? 53  GLN A OE1 1 
ATOM   308  N NE2 . GLN A 1 55 ? 20.838  8.943   10.783  1.00 72.07  ? 53  GLN A NE2 1 
ATOM   309  N N   . THR A 1 56 ? 17.358  11.696  7.448   1.00 63.89  ? 54  THR A N   1 
ATOM   310  C CA  . THR A 1 56 ? 16.202  12.550  7.638   1.00 66.75  ? 54  THR A CA  1 
ATOM   311  C C   . THR A 1 56 ? 15.202  12.203  6.534   1.00 64.64  ? 54  THR A C   1 
ATOM   312  O O   . THR A 1 56 ? 14.043  11.905  6.807   1.00 63.65  ? 54  THR A O   1 
ATOM   313  C CB  . THR A 1 56 ? 16.590  14.037  7.548   1.00 68.87  ? 54  THR A CB  1 
ATOM   314  O OG1 . THR A 1 56 ? 17.301  14.268  6.330   1.00 82.09  ? 54  THR A OG1 1 
ATOM   315  C CG2 . THR A 1 56 ? 17.471  14.430  8.725   1.00 75.09  ? 54  THR A CG2 1 
ATOM   316  N N   . CYS A 1 57 ? 15.661  12.238  5.285   1.00 60.01  ? 55  CYS A N   1 
ATOM   317  C CA  . CYS A 1 57 ? 14.807  11.900  4.153   1.00 59.05  ? 55  CYS A CA  1 
ATOM   318  C C   . CYS A 1 57 ? 14.096  10.565  4.430   1.00 59.51  ? 55  CYS A C   1 
ATOM   319  O O   . CYS A 1 57 ? 12.884  10.442  4.226   1.00 62.69  ? 55  CYS A O   1 
ATOM   320  C CB  . CYS A 1 57 ? 15.654  11.804  2.882   1.00 55.84  ? 55  CYS A CB  1 
ATOM   321  S SG  . CYS A 1 57 ? 14.793  11.345  1.333   1.00 58.68  ? 55  CYS A SG  1 
ATOM   322  N N   . ILE A 1 58 ? 14.842  9.570   4.900   1.00 55.17  ? 56  ILE A N   1 
ATOM   323  C CA  . ILE A 1 58 ? 14.254  8.265   5.206   1.00 58.14  ? 56  ILE A CA  1 
ATOM   324  C C   . ILE A 1 58 ? 13.257  8.390   6.356   1.00 62.09  ? 56  ILE A C   1 
ATOM   325  O O   . ILE A 1 58 ? 12.303  7.620   6.454   1.00 58.09  ? 56  ILE A O   1 
ATOM   326  C CB  . ILE A 1 58 ? 15.335  7.236   5.605   1.00 56.03  ? 56  ILE A CB  1 
ATOM   327  C CG1 . ILE A 1 58 ? 16.337  7.072   4.463   1.00 59.72  ? 56  ILE A CG1 1 
ATOM   328  C CG2 . ILE A 1 58 ? 14.695  5.884   5.929   1.00 45.34  ? 56  ILE A CG2 1 
ATOM   329  C CD1 . ILE A 1 58 ? 17.512  6.190   4.803   1.00 55.91  ? 56  ILE A CD1 1 
ATOM   330  N N   . MET A 1 59 ? 13.486  9.360   7.235   1.00 62.90  ? 57  MET A N   1 
ATOM   331  C CA  . MET A 1 59 ? 12.591  9.576   8.362   1.00 62.28  ? 57  MET A CA  1 
ATOM   332  C C   . MET A 1 59 ? 11.251  10.065  7.814   1.00 61.75  ? 57  MET A C   1 
ATOM   333  O O   . MET A 1 59 ? 10.203  9.493   8.108   1.00 61.32  ? 57  MET A O   1 
ATOM   334  C CB  . MET A 1 59 ? 13.188  10.605  9.323   1.00 66.91  ? 57  MET A CB  1 
ATOM   335  C CG  . MET A 1 59 ? 12.333  10.890  10.544  1.00 88.40  ? 57  MET A CG  1 
ATOM   336  S SD  . MET A 1 59 ? 12.207  9.479   11.671  1.00 108.79 ? 57  MET A SD  1 
ATOM   337  C CE  . MET A 1 59 ? 13.397  9.957   12.950  1.00 98.08  ? 57  MET A CE  1 
ATOM   338  N N   . LYS A 1 60 ? 11.299  11.119  7.002   1.00 61.16  ? 58  LYS A N   1 
ATOM   339  C CA  . LYS A 1 60 ? 10.096  11.679  6.399   1.00 58.44  ? 58  LYS A CA  1 
ATOM   340  C C   . LYS A 1 60 ? 9.402   10.664  5.494   1.00 60.16  ? 58  LYS A C   1 
ATOM   341  O O   . LYS A 1 60 ? 8.186   10.479  5.583   1.00 66.48  ? 58  LYS A O   1 
ATOM   342  C CB  . LYS A 1 60 ? 10.441  12.924  5.589   1.00 56.58  ? 58  LYS A CB  1 
ATOM   343  C CG  . LYS A 1 60 ? 11.268  13.958  6.341   1.00 48.86  ? 58  LYS A CG  1 
ATOM   344  C CD  . LYS A 1 60 ? 11.222  15.280  5.606   1.00 52.47  ? 58  LYS A CD  1 
ATOM   345  C CE  . LYS A 1 60 ? 12.519  16.041  5.736   1.00 52.82  ? 58  LYS A CE  1 
ATOM   346  N NZ  . LYS A 1 60 ? 12.508  17.309  4.952   1.00 58.53  ? 58  LYS A NZ  1 
ATOM   347  N N   . CYS A 1 61 ? 10.168  10.007  4.623   1.00 59.68  ? 59  CYS A N   1 
ATOM   348  C CA  . CYS A 1 61 ? 9.598   9.001   3.723   1.00 56.06  ? 59  CYS A CA  1 
ATOM   349  C C   . CYS A 1 61 ? 8.873   7.938   4.544   1.00 55.44  ? 59  CYS A C   1 
ATOM   350  O O   . CYS A 1 61 ? 7.744   7.568   4.237   1.00 58.80  ? 59  CYS A O   1 
ATOM   351  C CB  . CYS A 1 61 ? 10.703  8.355   2.865   1.00 51.40  ? 59  CYS A CB  1 
ATOM   352  S SG  . CYS A 1 61 ? 10.221  6.872   1.906   1.00 55.93  ? 59  CYS A SG  1 
ATOM   353  N N   . SER A 1 62 ? 9.530   7.456   5.593   1.00 58.54  ? 60  SER A N   1 
ATOM   354  C CA  . SER A 1 62 ? 8.953   6.440   6.477   1.00 63.62  ? 60  SER A CA  1 
ATOM   355  C C   . SER A 1 62 ? 7.589   6.880   6.986   1.00 62.60  ? 60  SER A C   1 
ATOM   356  O O   . SER A 1 62 ? 6.602   6.145   6.913   1.00 58.31  ? 60  SER A O   1 
ATOM   357  C CB  . SER A 1 62 ? 9.863   6.208   7.689   1.00 57.87  ? 60  SER A CB  1 
ATOM   358  O OG  . SER A 1 62 ? 11.104  5.642   7.313   1.00 71.64  ? 60  SER A OG  1 
ATOM   359  N N   . GLU A 1 63 ? 7.561   8.095   7.517   1.00 64.94  ? 61  GLU A N   1 
ATOM   360  C CA  . GLU A 1 63 ? 6.355   8.672   8.072   1.00 69.25  ? 61  GLU A CA  1 
ATOM   361  C C   . GLU A 1 63 ? 5.276   8.811   7.016   1.00 67.16  ? 61  GLU A C   1 
ATOM   362  O O   . GLU A 1 63 ? 4.177   8.279   7.169   1.00 67.72  ? 61  GLU A O   1 
ATOM   363  C CB  . GLU A 1 63 ? 6.680   10.036  8.681   1.00 72.02  ? 61  GLU A CB  1 
ATOM   364  C CG  . GLU A 1 63 ? 5.470   10.829  9.134   1.00 80.70  ? 61  GLU A CG  1 
ATOM   365  C CD  . GLU A 1 63 ? 5.869   12.132  9.789   1.00 92.98  ? 61  GLU A CD  1 
ATOM   366  O OE1 . GLU A 1 63 ? 4.982   12.973  10.056  1.00 90.16  ? 61  GLU A OE1 1 
ATOM   367  O OE2 . GLU A 1 63 ? 7.081   12.308  10.039  1.00 98.81  ? 61  GLU A OE2 1 
ATOM   368  N N   . LYS A 1 64 ? 5.600   9.526   5.944   1.00 65.29  ? 62  LYS A N   1 
ATOM   369  C CA  . LYS A 1 64 ? 4.658   9.751   4.855   1.00 57.91  ? 62  LYS A CA  1 
ATOM   370  C C   . LYS A 1 64 ? 4.057   8.455   4.337   1.00 56.26  ? 62  LYS A C   1 
ATOM   371  O O   . LYS A 1 64 ? 2.851   8.369   4.126   1.00 63.38  ? 62  LYS A O   1 
ATOM   372  C CB  . LYS A 1 64 ? 5.348   10.468  3.704   1.00 57.36  ? 62  LYS A CB  1 
ATOM   373  C CG  . LYS A 1 64 ? 4.507   10.540  2.440   1.00 60.07  ? 62  LYS A CG  1 
ATOM   374  C CD  . LYS A 1 64 ? 3.583   11.740  2.449   1.00 52.06  ? 62  LYS A CD  1 
ATOM   375  C CE  . LYS A 1 64 ? 4.335   13.001  2.076   1.00 48.88  ? 62  LYS A CE  1 
ATOM   376  N NZ  . LYS A 1 64 ? 3.421   14.170  2.033   1.00 59.91  ? 62  LYS A NZ  1 
ATOM   377  N N   . PHE A 1 65 ? 4.903   7.452   4.133   1.00 55.15  ? 63  PHE A N   1 
ATOM   378  C CA  . PHE A 1 65 ? 4.445   6.176   3.619   1.00 55.67  ? 63  PHE A CA  1 
ATOM   379  C C   . PHE A 1 65 ? 3.552   5.434   4.588   1.00 55.57  ? 63  PHE A C   1 
ATOM   380  O O   . PHE A 1 65 ? 2.504   4.931   4.196   1.00 62.32  ? 63  PHE A O   1 
ATOM   381  C CB  . PHE A 1 65 ? 5.628   5.288   3.222   1.00 59.55  ? 63  PHE A CB  1 
ATOM   382  C CG  . PHE A 1 65 ? 5.221   4.100   2.397   1.00 62.29  ? 63  PHE A CG  1 
ATOM   383  C CD1 . PHE A 1 65 ? 4.574   4.281   1.178   1.00 56.59  ? 63  PHE A CD1 1 
ATOM   384  C CD2 . PHE A 1 65 ? 5.425   2.805   2.859   1.00 62.68  ? 63  PHE A CD2 1 
ATOM   385  C CE1 . PHE A 1 65 ? 4.130   3.193   0.440   1.00 53.18  ? 63  PHE A CE1 1 
ATOM   386  C CE2 . PHE A 1 65 ? 4.984   1.711   2.129   1.00 62.35  ? 63  PHE A CE2 1 
ATOM   387  C CZ  . PHE A 1 65 ? 4.336   1.908   0.916   1.00 67.38  ? 63  PHE A CZ  1 
ATOM   388  N N   . LEU A 1 66 ? 3.958   5.361   5.853   1.00 66.06  ? 64  LEU A N   1 
ATOM   389  C CA  . LEU A 1 66 ? 3.148   4.681   6.869   1.00 66.64  ? 64  LEU A CA  1 
ATOM   390  C C   . LEU A 1 66 ? 1.803   5.379   7.012   1.00 62.83  ? 64  LEU A C   1 
ATOM   391  O O   . LEU A 1 66 ? 0.761   4.727   7.115   1.00 64.91  ? 64  LEU A O   1 
ATOM   392  C CB  . LEU A 1 66 ? 3.869   4.658   8.222   1.00 69.12  ? 64  LEU A CB  1 
ATOM   393  C CG  . LEU A 1 66 ? 5.049   3.680   8.334   1.00 72.44  ? 64  LEU A CG  1 
ATOM   394  C CD1 . LEU A 1 66 ? 5.620   3.710   9.750   1.00 70.12  ? 64  LEU A CD1 1 
ATOM   395  C CD2 . LEU A 1 66 ? 4.581   2.277   7.985   1.00 73.35  ? 64  LEU A CD2 1 
ATOM   396  N N   . LYS A 1 67 ? 1.825   6.706   7.008   1.00 55.94  ? 65  LYS A N   1 
ATOM   397  C CA  . LYS A 1 67 ? 0.586   7.468   7.116   1.00 64.50  ? 65  LYS A CA  1 
ATOM   398  C C   . LYS A 1 67 ? -0.300  7.123   5.911   1.00 69.72  ? 65  LYS A C   1 
ATOM   399  O O   . LYS A 1 67 ? -1.443  6.687   6.074   1.00 73.96  ? 65  LYS A O   1 
ATOM   400  C CB  . LYS A 1 67 ? 0.884   8.973   7.150   1.00 61.44  ? 65  LYS A CB  1 
ATOM   401  N N   . HIS A 1 68 ? 0.243   7.314   4.708   1.00 67.53  ? 66  HIS A N   1 
ATOM   402  C CA  . HIS A 1 68 ? -0.459  7.009   3.465   1.00 59.59  ? 66  HIS A CA  1 
ATOM   403  C C   . HIS A 1 68 ? -1.031  5.597   3.521   1.00 61.81  ? 66  HIS A C   1 
ATOM   404  O O   . HIS A 1 68 ? -2.192  5.361   3.202   1.00 64.83  ? 66  HIS A O   1 
ATOM   405  C CB  . HIS A 1 68 ? 0.523   7.104   2.288   1.00 60.25  ? 66  HIS A CB  1 
ATOM   406  C CG  . HIS A 1 68 ? 0.108   6.312   1.083   1.00 57.45  ? 66  HIS A CG  1 
ATOM   407  N ND1 . HIS A 1 68 ? -0.864  6.745   0.202   1.00 51.14  ? 66  HIS A ND1 1 
ATOM   408  C CD2 . HIS A 1 68 ? 0.490   5.088   0.649   1.00 49.40  ? 66  HIS A CD2 1 
ATOM   409  C CE1 . HIS A 1 68 ? -1.061  5.820   -0.719  1.00 48.39  ? 66  HIS A CE1 1 
ATOM   410  N NE2 . HIS A 1 68 ? -0.253  4.804   -0.472  1.00 54.41  ? 66  HIS A NE2 1 
ATOM   411  N N   . SER A 1 69 ? -0.184  4.663   3.929   1.00 59.93  ? 67  SER A N   1 
ATOM   412  C CA  . SER A 1 69 ? -0.550  3.266   4.024   1.00 64.92  ? 67  SER A CA  1 
ATOM   413  C C   . SER A 1 69 ? -1.660  3.047   5.053   1.00 71.21  ? 67  SER A C   1 
ATOM   414  O O   . SER A 1 69 ? -2.465  2.113   4.935   1.00 68.90  ? 67  SER A O   1 
ATOM   415  C CB  . SER A 1 69 ? 0.692   2.448   4.389   1.00 60.47  ? 67  SER A CB  1 
ATOM   416  O OG  . SER A 1 69 ? 0.466   1.067   4.180   1.00 83.03  ? 67  SER A OG  1 
ATOM   417  N N   . GLU A 1 70 ? -1.696  3.917   6.058   1.00 74.07  ? 68  GLU A N   1 
ATOM   418  C CA  . GLU A 1 70 ? -2.701  3.846   7.115   1.00 73.43  ? 68  GLU A CA  1 
ATOM   419  C C   . GLU A 1 70 ? -4.042  4.322   6.573   1.00 70.48  ? 68  GLU A C   1 
ATOM   420  O O   . GLU A 1 70 ? -5.057  3.639   6.691   1.00 73.69  ? 68  GLU A O   1 
ATOM   421  C CB  . GLU A 1 70 ? -2.274  4.731   8.292   1.00 83.98  ? 68  GLU A CB  1 
ATOM   422  C CG  . GLU A 1 70 ? -3.276  4.812   9.434   1.00 88.45  ? 68  GLU A CG  1 
ATOM   423  C CD  . GLU A 1 70 ? -2.854  5.806   10.500  1.00 98.08  ? 68  GLU A CD  1 
ATOM   424  O OE1 . GLU A 1 70 ? -2.774  7.015   10.191  1.00 97.73  ? 68  GLU A OE1 1 
ATOM   425  O OE2 . GLU A 1 70 ? -2.597  5.378   11.646  1.00 108.09 ? 68  GLU A OE2 1 
ATOM   426  N N   . ARG A 1 71 ? -4.031  5.504   5.976   1.00 68.04  ? 69  ARG A N   1 
ATOM   427  C CA  . ARG A 1 71 ? -5.232  6.093   5.409   1.00 65.35  ? 69  ARG A CA  1 
ATOM   428  C C   . ARG A 1 71 ? -5.893  5.128   4.414   1.00 67.60  ? 69  ARG A C   1 
ATOM   429  O O   . ARG A 1 71 ? -7.080  4.828   4.536   1.00 67.13  ? 69  ARG A O   1 
ATOM   430  C CB  . ARG A 1 71 ? -4.865  7.405   4.718   1.00 63.18  ? 69  ARG A CB  1 
ATOM   431  C CG  . ARG A 1 71 ? -6.034  8.250   4.281   1.00 65.31  ? 69  ARG A CG  1 
ATOM   432  C CD  . ARG A 1 71 ? -6.469  9.184   5.380   1.00 75.95  ? 69  ARG A CD  1 
ATOM   433  N NE  . ARG A 1 71 ? -7.527  10.080  4.932   1.00 84.99  ? 69  ARG A NE  1 
ATOM   434  C CZ  . ARG A 1 71 ? -7.925  11.157  5.600   1.00 83.08  ? 69  ARG A CZ  1 
ATOM   435  N NH1 . ARG A 1 71 ? -7.353  11.476  6.752   1.00 89.74  ? 69  ARG A NH1 1 
ATOM   436  N NH2 . ARG A 1 71 ? -8.890  11.925  5.111   1.00 80.17  ? 69  ARG A NH2 1 
ATOM   437  N N   . VAL A 1 72 ? -5.124  4.638   3.440   1.00 66.67  ? 70  VAL A N   1 
ATOM   438  C CA  . VAL A 1 72 ? -5.665  3.718   2.436   1.00 66.58  ? 70  VAL A CA  1 
ATOM   439  C C   . VAL A 1 72 ? -6.253  2.476   3.101   1.00 71.60  ? 70  VAL A C   1 
ATOM   440  O O   . VAL A 1 72 ? -7.257  1.932   2.643   1.00 71.31  ? 70  VAL A O   1 
ATOM   441  C CB  . VAL A 1 72 ? -4.579  3.309   1.398   1.00 63.75  ? 70  VAL A CB  1 
ATOM   442  C CG1 . VAL A 1 72 ? -5.081  2.182   0.510   1.00 47.52  ? 70  VAL A CG1 1 
ATOM   443  C CG2 . VAL A 1 72 ? -4.222  4.514   0.524   1.00 59.55  ? 70  VAL A CG2 1 
ATOM   444  N N   . GLY A 1 73 ? -5.627  2.029   4.183   1.00 76.50  ? 71  GLY A N   1 
ATOM   445  C CA  . GLY A 1 73 ? -6.136  0.868   4.886   1.00 76.49  ? 71  GLY A CA  1 
ATOM   446  C C   . GLY A 1 73 ? -7.503  1.162   5.480   1.00 79.26  ? 71  GLY A C   1 
ATOM   447  O O   . GLY A 1 73 ? -8.391  0.310   5.479   1.00 79.89  ? 71  GLY A O   1 
ATOM   448  N N   . GLN A 1 74 ? -7.674  2.379   5.985   1.00 76.31  ? 72  GLN A N   1 
ATOM   449  C CA  . GLN A 1 74 ? -8.937  2.788   6.581   1.00 79.78  ? 72  GLN A CA  1 
ATOM   450  C C   . GLN A 1 74 ? -10.037 2.818   5.524   1.00 82.84  ? 72  GLN A C   1 
ATOM   451  O O   . GLN A 1 74 ? -11.130 2.299   5.739   1.00 87.07  ? 72  GLN A O   1 
ATOM   452  C CB  . GLN A 1 74 ? -8.793  4.171   7.224   1.00 80.96  ? 72  GLN A CB  1 
ATOM   453  C CG  . GLN A 1 74 ? -7.650  4.272   8.226   1.00 89.34  ? 72  GLN A CG  1 
ATOM   454  C CD  . GLN A 1 74 ? -7.545  5.647   8.870   1.00 104.02 ? 72  GLN A CD  1 
ATOM   455  O OE1 . GLN A 1 74 ? -7.399  6.664   8.187   1.00 97.74  ? 72  GLN A OE1 1 
ATOM   456  N NE2 . GLN A 1 74 ? -7.615  5.682   10.196  1.00 111.66 ? 72  GLN A NE2 1 
ATOM   457  N N   . ARG A 1 75 ? -9.746  3.430   4.382   1.00 82.45  ? 73  ARG A N   1 
ATOM   458  C CA  . ARG A 1 75 ? -10.723 3.505   3.306   1.00 80.27  ? 73  ARG A CA  1 
ATOM   459  C C   . ARG A 1 75 ? -11.002 2.104   2.785   1.00 79.71  ? 73  ARG A C   1 
ATOM   460  O O   . ARG A 1 75 ? -12.136 1.760   2.466   1.00 81.99  ? 73  ARG A O   1 
ATOM   461  C CB  . ARG A 1 75 ? -10.197 4.365   2.158   1.00 78.72  ? 73  ARG A CB  1 
ATOM   462  C CG  . ARG A 1 75 ? -9.853  5.800   2.527   1.00 86.98  ? 73  ARG A CG  1 
ATOM   463  C CD  . ARG A 1 75 ? -10.998 6.500   3.242   1.00 97.85  ? 73  ARG A CD  1 
ATOM   464  N NE  . ARG A 1 75 ? -10.969 6.257   4.684   1.00 109.68 ? 73  ARG A NE  1 
ATOM   465  C CZ  . ARG A 1 75 ? -11.828 6.783   5.552   1.00 107.53 ? 73  ARG A CZ  1 
ATOM   466  N NH1 . ARG A 1 75 ? -12.794 7.586   5.130   1.00 113.37 ? 73  ARG A NH1 1 
ATOM   467  N NH2 . ARG A 1 75 ? -11.718 6.511   6.844   1.00 99.81  ? 73  ARG A NH2 1 
ATOM   468  N N   . PHE A 1 76 ? -9.952  1.298   2.703   1.00 81.30  ? 74  PHE A N   1 
ATOM   469  C CA  . PHE A 1 76 ? -10.058 -0.063  2.205   1.00 85.85  ? 74  PHE A CA  1 
ATOM   470  C C   . PHE A 1 76 ? -11.024 -0.899  3.038   1.00 94.81  ? 74  PHE A C   1 
ATOM   471  O O   . PHE A 1 76 ? -11.684 -1.797  2.516   1.00 96.73  ? 74  PHE A O   1 
ATOM   472  C CB  . PHE A 1 76 ? -8.675  -0.715  2.198   1.00 86.12  ? 74  PHE A CB  1 
ATOM   473  C CG  . PHE A 1 76 ? -8.641  -2.071  1.552   1.00 88.41  ? 74  PHE A CG  1 
ATOM   474  C CD1 . PHE A 1 76 ? -8.905  -2.217  0.194   1.00 92.30  ? 74  PHE A CD1 1 
ATOM   475  C CD2 . PHE A 1 76 ? -8.332  -3.204  2.299   1.00 91.85  ? 74  PHE A CD2 1 
ATOM   476  C CE1 . PHE A 1 76 ? -8.860  -3.470  -0.414  1.00 92.77  ? 74  PHE A CE1 1 
ATOM   477  C CE2 . PHE A 1 76 ? -8.285  -4.462  1.701   1.00 90.47  ? 74  PHE A CE2 1 
ATOM   478  C CZ  . PHE A 1 76 ? -8.550  -4.594  0.342   1.00 95.55  ? 74  PHE A CZ  1 
ATOM   479  N N   . GLN A 1 77 ? -11.105 -0.605  4.332   1.00 99.31  ? 75  GLN A N   1 
ATOM   480  C CA  . GLN A 1 77 ? -11.995 -1.345  5.221   1.00 100.34 ? 75  GLN A CA  1 
ATOM   481  C C   . GLN A 1 77 ? -13.438 -0.884  5.064   1.00 99.24  ? 75  GLN A C   1 
ATOM   482  O O   . GLN A 1 77 ? -14.363 -1.692  5.066   1.00 102.26 ? 75  GLN A O   1 
ATOM   483  C CB  . GLN A 1 77 ? -11.556 -1.175  6.677   1.00 104.11 ? 75  GLN A CB  1 
ATOM   484  C CG  . GLN A 1 77 ? -10.109 -1.554  6.939   1.00 110.72 ? 75  GLN A CG  1 
ATOM   485  C CD  . GLN A 1 77 ? -9.753  -2.929  6.398   1.00 118.67 ? 75  GLN A CD  1 
ATOM   486  O OE1 . GLN A 1 77 ? -10.338 -3.939  6.793   1.00 112.93 ? 75  GLN A OE1 1 
ATOM   487  N NE2 . GLN A 1 77 ? -8.785  -2.971  5.486   1.00 122.82 ? 75  GLN A NE2 1 
ATOM   488  N N   . GLU A 1 78 ? -13.626 0.423   4.928   1.00 98.87  ? 76  GLU A N   1 
ATOM   489  C CA  . GLU A 1 78 ? -14.958 0.979   4.763   1.00 101.87 ? 76  GLU A CA  1 
ATOM   490  C C   . GLU A 1 78 ? -15.599 0.424   3.496   1.00 107.07 ? 76  GLU A C   1 
ATOM   491  O O   . GLU A 1 78 ? -16.648 -0.218  3.547   1.00 110.11 ? 76  GLU A O   1 
ATOM   492  C CB  . GLU A 1 78 ? -14.886 2.503   4.667   1.00 97.94  ? 76  GLU A CB  1 
ATOM   493  C CG  . GLU A 1 78 ? -14.107 3.176   5.778   1.00 95.42  ? 76  GLU A CG  1 
ATOM   494  C CD  . GLU A 1 78 ? -14.170 4.690   5.687   1.00 104.55 ? 76  GLU A CD  1 
ATOM   495  O OE1 . GLU A 1 78 ? -13.893 5.233   4.595   1.00 103.04 ? 76  GLU A OE1 1 
ATOM   496  O OE2 . GLU A 1 78 ? -14.497 5.336   6.706   1.00 110.06 ? 76  GLU A OE2 1 
ATOM   497  N N   . GLN A 1 79 ? -14.954 0.673   2.360   1.00 111.35 ? 77  GLN A N   1 
ATOM   498  C CA  . GLN A 1 79 ? -15.446 0.219   1.063   1.00 111.66 ? 77  GLN A CA  1 
ATOM   499  C C   . GLN A 1 79 ? -15.446 -1.301  0.930   1.00 111.11 ? 77  GLN A C   1 
ATOM   500  O O   . GLN A 1 79 ? -16.050 -1.849  0.011   1.00 112.33 ? 77  GLN A O   1 
ATOM   501  C CB  . GLN A 1 79 ? -14.602 0.827   -0.063  1.00 110.70 ? 77  GLN A CB  1 
ATOM   502  N N   . ASN A 1 80 ? -14.773 -1.984  1.847   1.00 112.42 ? 78  ASN A N   1 
ATOM   503  C CA  . ASN A 1 80 ? -14.710 -3.439  1.798   1.00 113.74 ? 78  ASN A CA  1 
ATOM   504  C C   . ASN A 1 80 ? -15.979 -4.061  2.375   1.00 114.87 ? 78  ASN A C   1 
ATOM   505  O O   . ASN A 1 80 ? -16.429 -5.110  1.916   1.00 115.30 ? 78  ASN A O   1 
ATOM   506  C CB  . ASN A 1 80 ? -13.488 -3.940  2.569   1.00 112.77 ? 78  ASN A CB  1 
ATOM   507  C CG  . ASN A 1 80 ? -13.146 -5.377  2.243   1.00 116.42 ? 78  ASN A CG  1 
ATOM   508  O OD1 . ASN A 1 80 ? -12.943 -5.728  1.079   1.00 111.09 ? 78  ASN A OD1 1 
ATOM   509  N ND2 . ASN A 1 80 ? -13.070 -6.219  3.269   1.00 116.40 ? 78  ASN A ND2 1 
ATOM   510  N N   . ALA A 1 81 ? -16.553 -3.405  3.379   1.00 116.62 ? 79  ALA A N   1 
ATOM   511  C CA  . ALA A 1 81 ? -17.769 -3.893  4.019   1.00 118.20 ? 79  ALA A CA  1 
ATOM   512  C C   . ALA A 1 81 ? -18.976 -3.781  3.091   1.00 119.06 ? 79  ALA A C   1 
ATOM   513  O O   . ALA A 1 81 ? -20.026 -4.370  3.350   1.00 121.17 ? 79  ALA A O   1 
ATOM   514  C CB  . ALA A 1 81 ? -18.028 -3.117  5.309   1.00 116.76 ? 79  ALA A CB  1 
ATOM   515  N N   . ALA A 1 82 ? -18.822 -3.023  2.011   1.00 117.43 ? 80  ALA A N   1 
ATOM   516  C CA  . ALA A 1 82 ? -19.902 -2.835  1.049   1.00 116.55 ? 80  ALA A CA  1 
ATOM   517  C C   . ALA A 1 82 ? -19.680 -3.686  -0.198  1.00 116.17 ? 80  ALA A C   1 
ATOM   518  O O   . ALA A 1 82 ? -18.959 -4.698  -0.078  1.00 116.26 ? 80  ALA A O   1 
ATOM   519  C CB  . ALA A 1 82 ? -20.009 -1.359  0.667   1.00 113.68 ? 80  ALA A CB  1 
ATOM   520  N N   . SER B 2 17 ? -15.599 -29.069 3.230   1.00 153.34 ? 15  SER B N   1 
ATOM   521  C CA  . SER B 2 17 ? -14.478 -29.593 2.397   1.00 152.82 ? 15  SER B CA  1 
ATOM   522  C C   . SER B 2 17 ? -13.154 -28.936 2.770   1.00 153.01 ? 15  SER B C   1 
ATOM   523  O O   . SER B 2 17 ? -13.044 -27.709 2.810   1.00 152.93 ? 15  SER B O   1 
ATOM   524  C CB  . SER B 2 17 ? -14.775 -29.353 0.912   1.00 152.33 ? 15  SER B CB  1 
ATOM   525  N N   . GLN B 2 18 ? -12.154 -29.768 3.043   1.00 152.96 ? 16  GLN B N   1 
ATOM   526  C CA  . GLN B 2 18 ? -10.830 -29.294 3.422   1.00 152.31 ? 16  GLN B CA  1 
ATOM   527  C C   . GLN B 2 18 ? -10.217 -28.445 2.317   1.00 151.74 ? 16  GLN B C   1 
ATOM   528  O O   . GLN B 2 18 ? -9.700  -27.364 2.573   1.00 153.17 ? 16  GLN B O   1 
ATOM   529  C CB  . GLN B 2 18 ? -9.911  -30.482 3.720   1.00 152.62 ? 16  GLN B CB  1 
ATOM   530  N N   . GLN B 2 19 ? -10.271 -28.941 1.086   1.00 150.50 ? 17  GLN B N   1 
ATOM   531  C CA  . GLN B 2 19 ? -9.716  -28.207 -0.042  1.00 148.14 ? 17  GLN B CA  1 
ATOM   532  C C   . GLN B 2 19 ? -10.573 -26.981 -0.341  1.00 146.12 ? 17  GLN B C   1 
ATOM   533  O O   . GLN B 2 19 ? -10.082 -25.993 -0.878  1.00 146.38 ? 17  GLN B O   1 
ATOM   534  C CB  . GLN B 2 19 ? -9.646  -29.103 -1.281  1.00 147.03 ? 17  GLN B CB  1 
ATOM   535  N N   . LYS B 2 20 ? -11.854 -27.040 0.003   1.00 142.84 ? 18  LYS B N   1 
ATOM   536  C CA  . LYS B 2 20 ? -12.728 -25.904 -0.242  1.00 139.92 ? 18  LYS B CA  1 
ATOM   537  C C   . LYS B 2 20 ? -12.230 -24.697 0.545   1.00 138.03 ? 18  LYS B C   1 
ATOM   538  O O   . LYS B 2 20 ? -12.297 -23.566 0.064   1.00 140.15 ? 18  LYS B O   1 
ATOM   539  C CB  . LYS B 2 20 ? -14.168 -26.232 0.164   1.00 139.91 ? 18  LYS B CB  1 
ATOM   540  N N   . ILE B 2 21 ? -11.728 -24.939 1.753   1.00 133.14 ? 19  ILE B N   1 
ATOM   541  C CA  . ILE B 2 21 ? -11.221 -23.845 2.565   1.00 127.34 ? 19  ILE B CA  1 
ATOM   542  C C   . ILE B 2 21 ? -10.119 -23.140 1.791   1.00 125.55 ? 19  ILE B C   1 
ATOM   543  O O   . ILE B 2 21 ? -9.812  -21.982 2.054   1.00 125.66 ? 19  ILE B O   1 
ATOM   544  C CB  . ILE B 2 21 ? -10.656 -24.327 3.921   1.00 127.74 ? 19  ILE B CB  1 
ATOM   545  C CG1 . ILE B 2 21 ? -9.293  -24.994 3.729   1.00 123.63 ? 19  ILE B CG1 1 
ATOM   546  C CG2 . ILE B 2 21 ? -11.642 -25.276 4.585   1.00 131.47 ? 19  ILE B CG2 1 
ATOM   547  C CD1 . ILE B 2 21 ? -8.626  -25.423 5.021   1.00 118.66 ? 19  ILE B CD1 1 
ATOM   548  N N   . GLN B 2 22 ? -9.528  -23.846 0.829   1.00 123.28 ? 20  GLN B N   1 
ATOM   549  C CA  . GLN B 2 22 ? -8.476  -23.268 -0.006  1.00 121.63 ? 20  GLN B CA  1 
ATOM   550  C C   . GLN B 2 22 ? -8.964  -21.907 -0.492  1.00 120.64 ? 20  GLN B C   1 
ATOM   551  O O   . GLN B 2 22 ? -8.171  -21.042 -0.859  1.00 120.91 ? 20  GLN B O   1 
ATOM   552  C CB  . GLN B 2 22 ? -8.166  -24.173 -1.213  1.00 119.47 ? 20  GLN B CB  1 
ATOM   553  C CG  . GLN B 2 22 ? -7.425  -25.467 -0.877  1.00 119.38 ? 20  GLN B CG  1 
ATOM   554  C CD  . GLN B 2 22 ? -7.192  -26.351 -2.095  1.00 119.92 ? 20  GLN B CD  1 
ATOM   555  O OE1 . GLN B 2 22 ? -7.342  -25.910 -3.235  1.00 121.98 ? 20  GLN B OE1 1 
ATOM   556  N NE2 . GLN B 2 22 ? -6.810  -27.601 -1.857  1.00 123.42 ? 20  GLN B NE2 1 
ATOM   557  N N   . ALA B 2 23 ? -10.282 -21.730 -0.481  1.00 120.44 ? 21  ALA B N   1 
ATOM   558  C CA  . ALA B 2 23 ? -10.912 -20.481 -0.892  1.00 121.69 ? 21  ALA B CA  1 
ATOM   559  C C   . ALA B 2 23 ? -10.420 -19.324 -0.033  1.00 122.23 ? 21  ALA B C   1 
ATOM   560  O O   . ALA B 2 23 ? -10.220 -18.214 -0.528  1.00 125.76 ? 21  ALA B O   1 
ATOM   561  C CB  . ALA B 2 23 ? -12.427 -20.601 -0.782  1.00 118.92 ? 21  ALA B CB  1 
ATOM   562  N N   . ALA B 2 24 ? -10.241 -19.583 1.257   1.00 121.65 ? 22  ALA B N   1 
ATOM   563  C CA  . ALA B 2 24 ? -9.765  -18.563 2.181   1.00 120.01 ? 22  ALA B CA  1 
ATOM   564  C C   . ALA B 2 24 ? -8.374  -18.126 1.773   1.00 118.56 ? 22  ALA B C   1 
ATOM   565  O O   . ALA B 2 24 ? -8.045  -16.947 1.786   1.00 120.16 ? 22  ALA B O   1 
ATOM   566  C CB  . ALA B 2 24 ? -9.750  -19.109 3.603   1.00 125.20 ? 22  ALA B CB  1 
ATOM   567  N N   . GLU B 2 25 ? -7.554  -19.098 1.406   1.00 115.54 ? 23  GLU B N   1 
ATOM   568  C CA  . GLU B 2 25 ? -6.194  -18.815 0.974   1.00 113.08 ? 23  GLU B CA  1 
ATOM   569  C C   . GLU B 2 25 ? -6.254  -18.082 -0.356  1.00 110.91 ? 23  GLU B C   1 
ATOM   570  O O   . GLU B 2 25 ? -5.536  -17.113 -0.572  1.00 112.88 ? 23  GLU B O   1 
ATOM   571  C CB  . GLU B 2 25 ? -5.400  -20.121 0.813   1.00 115.11 ? 23  GLU B CB  1 
ATOM   572  N N   . ALA B 2 26 ? -7.138  -18.549 -1.232  1.00 107.70 ? 24  ALA B N   1 
ATOM   573  C CA  . ALA B 2 26 ? -7.318  -17.961 -2.551  1.00 104.97 ? 24  ALA B CA  1 
ATOM   574  C C   . ALA B 2 26 ? -7.908  -16.559 -2.482  1.00 104.69 ? 24  ALA B C   1 
ATOM   575  O O   . ALA B 2 26 ? -7.431  -15.642 -3.151  1.00 107.06 ? 24  ALA B O   1 
ATOM   576  C CB  . ALA B 2 26 ? -8.208  -18.858 -3.396  1.00 106.32 ? 24  ALA B CB  1 
ATOM   577  N N   . GLU B 2 27 ? -8.950  -16.398 -1.676  1.00 102.38 ? 25  GLU B N   1 
ATOM   578  C CA  . GLU B 2 27 ? -9.609  -15.111 -1.519  1.00 103.26 ? 25  GLU B CA  1 
ATOM   579  C C   . GLU B 2 27 ? -8.712  -14.117 -0.793  1.00 104.25 ? 25  GLU B C   1 
ATOM   580  O O   . GLU B 2 27 ? -8.444  -13.032 -1.300  1.00 108.08 ? 25  GLU B O   1 
ATOM   581  C CB  . GLU B 2 27 ? -10.923 -15.280 -0.749  1.00 98.14  ? 25  GLU B CB  1 
ATOM   582  N N   . LEU B 2 28 ? -8.250  -14.489 0.396   1.00 102.71 ? 26  LEU B N   1 
ATOM   583  C CA  . LEU B 2 28 ? -7.372  -13.617 1.165   1.00 101.78 ? 26  LEU B CA  1 
ATOM   584  C C   . LEU B 2 28 ? -6.109  -13.349 0.355   1.00 97.68  ? 26  LEU B C   1 
ATOM   585  O O   . LEU B 2 28 ? -5.365  -12.411 0.638   1.00 93.67  ? 26  LEU B O   1 
ATOM   586  C CB  . LEU B 2 28 ? -7.006  -14.267 2.501   1.00 105.51 ? 26  LEU B CB  1 
ATOM   587  C CG  . LEU B 2 28 ? -8.186  -14.562 3.428   1.00 108.52 ? 26  LEU B CG  1 
ATOM   588  C CD1 . LEU B 2 28 ? -7.678  -15.206 4.705   1.00 109.91 ? 26  LEU B CD1 1 
ATOM   589  C CD2 . LEU B 2 28 ? -8.947  -13.277 3.734   1.00 111.23 ? 26  LEU B CD2 1 
ATOM   590  N N   . ASP B 2 29 ? -5.872  -14.186 -0.649  1.00 98.21  ? 27  ASP B N   1 
ATOM   591  C CA  . ASP B 2 29 ? -4.718  -14.021 -1.513  1.00 101.86 ? 27  ASP B CA  1 
ATOM   592  C C   . ASP B 2 29 ? -4.983  -12.815 -2.408  1.00 102.57 ? 27  ASP B C   1 
ATOM   593  O O   . ASP B 2 29 ? -4.140  -11.929 -2.536  1.00 102.59 ? 27  ASP B O   1 
ATOM   594  C CB  . ASP B 2 29 ? -4.512  -15.270 -2.377  1.00 103.58 ? 27  ASP B CB  1 
ATOM   595  N N   . LEU B 2 30 ? -6.167  -12.785 -3.013  1.00 100.48 ? 28  LEU B N   1 
ATOM   596  C CA  . LEU B 2 30 ? -6.541  -11.687 -3.894  1.00 101.19 ? 28  LEU B CA  1 
ATOM   597  C C   . LEU B 2 30 ? -6.837  -10.411 -3.115  1.00 100.77 ? 28  LEU B C   1 
ATOM   598  O O   . LEU B 2 30 ? -6.665  -9.309  -3.634  1.00 104.14 ? 28  LEU B O   1 
ATOM   599  C CB  . LEU B 2 30 ? -7.767  -12.064 -4.731  1.00 101.76 ? 28  LEU B CB  1 
ATOM   600  C CG  . LEU B 2 30 ? -8.315  -10.952 -5.633  1.00 108.42 ? 28  LEU B CG  1 
ATOM   601  C CD1 . LEU B 2 30 ? -7.240  -10.491 -6.615  1.00 106.41 ? 28  LEU B CD1 1 
ATOM   602  C CD2 . LEU B 2 30 ? -9.541  -11.455 -6.379  1.00 108.94 ? 28  LEU B CD2 1 
ATOM   603  N N   . VAL B 2 31 ? -7.282  -10.558 -1.873  1.00 99.18  ? 29  VAL B N   1 
ATOM   604  C CA  . VAL B 2 31 ? -7.599  -9.406  -1.039  1.00 94.84  ? 29  VAL B CA  1 
ATOM   605  C C   . VAL B 2 31 ? -6.322  -8.685  -0.632  1.00 92.38  ? 29  VAL B C   1 
ATOM   606  O O   . VAL B 2 31 ? -6.267  -7.453  -0.611  1.00 92.18  ? 29  VAL B O   1 
ATOM   607  C CB  . VAL B 2 31 ? -8.352  -9.828  0.236   1.00 95.68  ? 29  VAL B CB  1 
ATOM   608  C CG1 . VAL B 2 31 ? -8.823  -8.598  0.990   1.00 95.36  ? 29  VAL B CG1 1 
ATOM   609  C CG2 . VAL B 2 31 ? -9.528  -10.716 -0.121  1.00 93.15  ? 29  VAL B CG2 1 
ATOM   610  N N   . THR B 2 32 ? -5.297  -9.459  -0.302  1.00 88.19  ? 30  THR B N   1 
ATOM   611  C CA  . THR B 2 32 ? -4.019  -8.892  0.097   1.00 87.83  ? 30  THR B CA  1 
ATOM   612  C C   . THR B 2 32 ? -3.347  -8.260  -1.123  1.00 84.68  ? 30  THR B C   1 
ATOM   613  O O   . THR B 2 32 ? -2.916  -7.111  -1.081  1.00 81.11  ? 30  THR B O   1 
ATOM   614  C CB  . THR B 2 32 ? -3.085  -9.994  0.682   1.00 88.01  ? 30  THR B CB  1 
ATOM   615  O OG1 . THR B 2 32 ? -3.701  -10.582 1.834   1.00 98.43  ? 30  THR B OG1 1 
ATOM   616  C CG2 . THR B 2 32 ? -1.744  -9.403  1.096   1.00 86.80  ? 30  THR B CG2 1 
ATOM   617  N N   . ASP B 2 33 ? -3.290  -9.016  -2.214  1.00 84.19  ? 31  ASP B N   1 
ATOM   618  C CA  . ASP B 2 33 ? -2.677  -8.540  -3.446  1.00 85.37  ? 31  ASP B CA  1 
ATOM   619  C C   . ASP B 2 33 ? -3.330  -7.248  -3.944  1.00 80.49  ? 31  ASP B C   1 
ATOM   620  O O   . ASP B 2 33 ? -2.642  -6.303  -4.326  1.00 77.73  ? 31  ASP B O   1 
ATOM   621  C CB  . ASP B 2 33 ? -2.780  -9.615  -4.524  1.00 88.64  ? 31  ASP B CB  1 
ATOM   622  C CG  . ASP B 2 33 ? -1.993  -9.266  -5.770  1.00 97.61  ? 31  ASP B CG  1 
ATOM   623  O OD1 . ASP B 2 33 ? -0.764  -9.501  -5.800  1.00 91.87  ? 31  ASP B OD1 1 
ATOM   624  O OD2 . ASP B 2 33 ? -2.607  -8.740  -6.719  1.00 103.16 ? 31  ASP B OD2 1 
ATOM   625  N N   . MET B 2 34 ? -4.657  -7.216  -3.938  1.00 77.92  ? 32  MET B N   1 
ATOM   626  C CA  . MET B 2 34 ? -5.385  -6.038  -4.383  1.00 78.02  ? 32  MET B CA  1 
ATOM   627  C C   . MET B 2 34 ? -5.039  -4.846  -3.499  1.00 77.49  ? 32  MET B C   1 
ATOM   628  O O   . MET B 2 34 ? -4.734  -3.764  -3.997  1.00 83.21  ? 32  MET B O   1 
ATOM   629  C CB  . MET B 2 34 ? -6.891  -6.273  -4.325  1.00 77.87  ? 32  MET B CB  1 
ATOM   630  C CG  . MET B 2 34 ? -7.676  -5.252  -5.131  1.00 89.61  ? 32  MET B CG  1 
ATOM   631  S SD  . MET B 2 34 ? -9.410  -5.120  -4.670  1.00 90.45  ? 32  MET B SD  1 
ATOM   632  C CE  . MET B 2 34 ? -9.508  -3.369  -4.245  1.00 82.88  ? 32  MET B CE  1 
ATOM   633  N N   . PHE B 2 35 ? -5.097  -5.051  -2.186  1.00 73.27  ? 33  PHE B N   1 
ATOM   634  C CA  . PHE B 2 35 ? -4.783  -3.999  -1.227  1.00 61.39  ? 33  PHE B CA  1 
ATOM   635  C C   . PHE B 2 35 ? -3.389  -3.416  -1.481  1.00 60.33  ? 33  PHE B C   1 
ATOM   636  O O   . PHE B 2 35 ? -3.173  -2.215  -1.322  1.00 64.64  ? 33  PHE B O   1 
ATOM   637  C CB  . PHE B 2 35 ? -4.850  -4.546  0.200   1.00 60.65  ? 33  PHE B CB  1 
ATOM   638  C CG  . PHE B 2 35 ? -4.296  -3.605  1.232   1.00 56.04  ? 33  PHE B CG  1 
ATOM   639  C CD1 . PHE B 2 35 ? -5.062  -2.548  1.713   1.00 56.61  ? 33  PHE B CD1 1 
ATOM   640  C CD2 . PHE B 2 35 ? -2.977  -3.733  1.666   1.00 40.73  ? 33  PHE B CD2 1 
ATOM   641  C CE1 . PHE B 2 35 ? -4.527  -1.626  2.604   1.00 54.17  ? 33  PHE B CE1 1 
ATOM   642  C CE2 . PHE B 2 35 ? -2.426  -2.813  2.559   1.00 48.15  ? 33  PHE B CE2 1 
ATOM   643  C CZ  . PHE B 2 35 ? -3.205  -1.757  3.030   1.00 59.01  ? 33  PHE B CZ  1 
ATOM   644  N N   . ASN B 2 36 ? -2.447  -4.267  -1.872  1.00 58.13  ? 34  ASN B N   1 
ATOM   645  C CA  . ASN B 2 36 ? -1.084  -3.820  -2.142  1.00 62.66  ? 34  ASN B CA  1 
ATOM   646  C C   . ASN B 2 36 ? -0.984  -3.024  -3.440  1.00 66.38  ? 34  ASN B C   1 
ATOM   647  O O   . ASN B 2 36 ? -0.223  -2.063  -3.528  1.00 63.01  ? 34  ASN B O   1 
ATOM   648  C CB  . ASN B 2 36 ? -0.142  -5.016  -2.198  1.00 66.93  ? 34  ASN B CB  1 
ATOM   649  C CG  . ASN B 2 36 ? -0.151  -5.810  -0.917  1.00 82.80  ? 34  ASN B CG  1 
ATOM   650  O OD1 . ASN B 2 36 ? 0.058   -5.261  0.166   1.00 87.40  ? 34  ASN B OD1 1 
ATOM   651  N ND2 . ASN B 2 36 ? -0.394  -7.113  -1.028  1.00 79.90  ? 34  ASN B ND2 1 
ATOM   652  N N   . LYS B 2 37 ? -1.745  -3.431  -4.450  1.00 63.62  ? 35  LYS B N   1 
ATOM   653  C CA  . LYS B 2 37 ? -1.741  -2.711  -5.710  1.00 65.24  ? 35  LYS B CA  1 
ATOM   654  C C   . LYS B 2 37 ? -2.379  -1.350  -5.446  1.00 64.64  ? 35  LYS B C   1 
ATOM   655  O O   . LYS B 2 37 ? -1.933  -0.321  -5.957  1.00 63.49  ? 35  LYS B O   1 
ATOM   656  C CB  . LYS B 2 37 ? -2.544  -3.479  -6.759  1.00 65.10  ? 35  LYS B CB  1 
ATOM   657  C CG  . LYS B 2 37 ? -1.925  -4.820  -7.123  1.00 64.54  ? 35  LYS B CG  1 
ATOM   658  C CD  . LYS B 2 37 ? -2.631  -5.459  -8.292  1.00 58.02  ? 35  LYS B CD  1 
ATOM   659  C CE  . LYS B 2 37 ? -1.957  -6.754  -8.674  1.00 60.98  ? 35  LYS B CE  1 
ATOM   660  N NZ  . LYS B 2 37 ? -0.475  -6.594  -8.747  1.00 71.67  ? 35  LYS B NZ  1 
ATOM   661  N N   . LEU B 2 38 ? -3.422  -1.373  -4.625  1.00 63.55  ? 36  LEU B N   1 
ATOM   662  C CA  . LEU B 2 38 ? -4.165  -0.186  -4.241  1.00 58.93  ? 36  LEU B CA  1 
ATOM   663  C C   . LEU B 2 38 ? -3.215  0.808   -3.592  1.00 59.79  ? 36  LEU B C   1 
ATOM   664  O O   . LEU B 2 38 ? -3.158  1.974   -3.969  1.00 60.18  ? 36  LEU B O   1 
ATOM   665  C CB  . LEU B 2 38 ? -5.265  -0.585  -3.250  1.00 59.72  ? 36  LEU B CB  1 
ATOM   666  C CG  . LEU B 2 38 ? -6.208  0.482   -2.692  1.00 66.55  ? 36  LEU B CG  1 
ATOM   667  C CD1 . LEU B 2 38 ? -7.202  0.903   -3.743  1.00 63.45  ? 36  LEU B CD1 1 
ATOM   668  C CD2 . LEU B 2 38 ? -6.952  -0.080  -1.491  1.00 73.37  ? 36  LEU B CD2 1 
ATOM   669  N N   . VAL B 2 39 ? -2.464  0.329   -2.609  1.00 60.55  ? 37  VAL B N   1 
ATOM   670  C CA  . VAL B 2 39 ? -1.514  1.163   -1.890  1.00 52.78  ? 37  VAL B CA  1 
ATOM   671  C C   . VAL B 2 39 ? -0.485  1.779   -2.821  1.00 50.78  ? 37  VAL B C   1 
ATOM   672  O O   . VAL B 2 39 ? -0.194  2.970   -2.733  1.00 53.62  ? 37  VAL B O   1 
ATOM   673  C CB  . VAL B 2 39 ? -0.774  0.342   -0.789  1.00 58.90  ? 37  VAL B CB  1 
ATOM   674  C CG1 . VAL B 2 39 ? 0.336   1.184   -0.133  1.00 47.89  ? 37  VAL B CG1 1 
ATOM   675  C CG2 . VAL B 2 39 ? -1.769  -0.116  0.261   1.00 62.14  ? 37  VAL B CG2 1 
ATOM   676  N N   . ASN B 2 40 ? 0.078   0.964   -3.702  1.00 50.59  ? 38  ASN B N   1 
ATOM   677  C CA  . ASN B 2 40 ? 1.088   1.454   -4.625  1.00 54.36  ? 38  ASN B CA  1 
ATOM   678  C C   . ASN B 2 40 ? 0.512   2.352   -5.718  1.00 56.39  ? 38  ASN B C   1 
ATOM   679  O O   . ASN B 2 40 ? 1.110   3.363   -6.092  1.00 51.70  ? 38  ASN B O   1 
ATOM   680  C CB  . ASN B 2 40 ? 1.839   0.280   -5.240  1.00 53.91  ? 38  ASN B CB  1 
ATOM   681  C CG  . ASN B 2 40 ? 2.742   -0.411  -4.238  1.00 65.15  ? 38  ASN B CG  1 
ATOM   682  O OD1 . ASN B 2 40 ? 3.581   0.231   -3.601  1.00 77.31  ? 38  ASN B OD1 1 
ATOM   683  N ND2 . ASN B 2 40 ? 2.580   -1.717  -4.090  1.00 73.71  ? 38  ASN B ND2 1 
ATOM   684  N N   . ASN B 2 41 ? -0.658  1.980   -6.219  1.00 55.33  ? 39  ASN B N   1 
ATOM   685  C CA  . ASN B 2 41 ? -1.305  2.752   -7.254  1.00 50.39  ? 39  ASN B CA  1 
ATOM   686  C C   . ASN B 2 41 ? -1.644  4.148   -6.765  1.00 48.99  ? 39  ASN B C   1 
ATOM   687  O O   . ASN B 2 41 ? -1.219  5.146   -7.365  1.00 46.50  ? 39  ASN B O   1 
ATOM   688  C CB  . ASN B 2 41 ? -2.560  2.031   -7.720  1.00 53.02  ? 39  ASN B CB  1 
ATOM   689  C CG  . ASN B 2 41 ? -2.315  1.183   -8.960  1.00 72.52  ? 39  ASN B CG  1 
ATOM   690  O OD1 . ASN B 2 41 ? -2.116  1.708   -10.062 1.00 67.58  ? 39  ASN B OD1 1 
ATOM   691  N ND2 . ASN B 2 41 ? -2.321  -0.135  -8.784  1.00 80.51  ? 39  ASN B ND2 1 
ATOM   692  N N   . CYS B 2 42 ? -2.398  4.211   -5.669  1.00 48.45  ? 40  CYS B N   1 
ATOM   693  C CA  . CYS B 2 42 ? -2.818  5.477   -5.086  1.00 47.99  ? 40  CYS B CA  1 
ATOM   694  C C   . CYS B 2 42 ? -1.682  6.350   -4.595  1.00 48.89  ? 40  CYS B C   1 
ATOM   695  O O   . CYS B 2 42 ? -1.851  7.559   -4.448  1.00 53.67  ? 40  CYS B O   1 
ATOM   696  C CB  . CYS B 2 42 ? -3.838  5.238   -3.977  1.00 50.77  ? 40  CYS B CB  1 
ATOM   697  S SG  . CYS B 2 42 ? -5.444  4.758   -4.678  1.00 62.45  ? 40  CYS B SG  1 
ATOM   698  N N   . TYR B 2 43 ? -0.522  5.749   -4.360  1.00 45.41  ? 41  TYR B N   1 
ATOM   699  C CA  . TYR B 2 43 ? 0.642   6.509   -3.934  1.00 48.51  ? 41  TYR B CA  1 
ATOM   700  C C   . TYR B 2 43 ? 1.120   7.345   -5.126  1.00 55.22  ? 41  TYR B C   1 
ATOM   701  O O   . TYR B 2 43 ? 1.403   8.533   -4.996  1.00 54.05  ? 41  TYR B O   1 
ATOM   702  C CB  . TYR B 2 43 ? 1.761   5.563   -3.505  1.00 56.79  ? 41  TYR B CB  1 
ATOM   703  C CG  . TYR B 2 43 ? 3.061   6.272   -3.223  1.00 55.27  ? 41  TYR B CG  1 
ATOM   704  C CD1 . TYR B 2 43 ? 3.332   6.802   -1.964  1.00 57.74  ? 41  TYR B CD1 1 
ATOM   705  C CD2 . TYR B 2 43 ? 3.997   6.473   -4.236  1.00 60.49  ? 41  TYR B CD2 1 
ATOM   706  C CE1 . TYR B 2 43 ? 4.499   7.517   -1.724  1.00 49.40  ? 41  TYR B CE1 1 
ATOM   707  C CE2 . TYR B 2 43 ? 5.162   7.190   -4.006  1.00 59.71  ? 41  TYR B CE2 1 
ATOM   708  C CZ  . TYR B 2 43 ? 5.406   7.707   -2.751  1.00 60.09  ? 41  TYR B CZ  1 
ATOM   709  O OH  . TYR B 2 43 ? 6.568   8.411   -2.528  1.00 80.51  ? 41  TYR B OH  1 
ATOM   710  N N   . LYS B 2 44 ? 1.213   6.695   -6.286  1.00 58.79  ? 42  LYS B N   1 
ATOM   711  C CA  . LYS B 2 44 ? 1.649   7.320   -7.528  1.00 59.81  ? 42  LYS B CA  1 
ATOM   712  C C   . LYS B 2 44 ? 0.653   8.372   -8.007  1.00 61.45  ? 42  LYS B C   1 
ATOM   713  O O   . LYS B 2 44 ? 1.039   9.392   -8.575  1.00 56.49  ? 42  LYS B O   1 
ATOM   714  C CB  . LYS B 2 44 ? 1.801   6.266   -8.630  1.00 64.47  ? 42  LYS B CB  1 
ATOM   715  C CG  . LYS B 2 44 ? 2.883   5.222   -8.399  1.00 71.74  ? 42  LYS B CG  1 
ATOM   716  C CD  . LYS B 2 44 ? 2.953   4.254   -9.583  1.00 75.68  ? 42  LYS B CD  1 
ATOM   717  C CE  . LYS B 2 44 ? 4.068   3.233   -9.414  1.00 76.56  ? 42  LYS B CE  1 
ATOM   718  N NZ  . LYS B 2 44 ? 4.136   2.288   -10.562 1.00 84.97  ? 42  LYS B NZ  1 
ATOM   719  N N   . LYS B 2 45 ? -0.632  8.112   -7.789  1.00 55.79  ? 43  LYS B N   1 
ATOM   720  C CA  . LYS B 2 45 ? -1.676  9.042   -8.210  1.00 56.07  ? 43  LYS B CA  1 
ATOM   721  C C   . LYS B 2 45 ? -1.788  10.271  -7.321  1.00 55.20  ? 43  LYS B C   1 
ATOM   722  O O   . LYS B 2 45 ? -2.076  11.362  -7.806  1.00 53.14  ? 43  LYS B O   1 
ATOM   723  C CB  . LYS B 2 45 ? -3.045  8.352   -8.206  1.00 42.26  ? 43  LYS B CB  1 
ATOM   724  C CG  . LYS B 2 45 ? -3.165  7.157   -9.111  1.00 52.80  ? 43  LYS B CG  1 
ATOM   725  C CD  . LYS B 2 45 ? -3.326  7.580   -10.554 1.00 46.64  ? 43  LYS B CD  1 
ATOM   726  C CE  . LYS B 2 45 ? -3.529  6.384   -11.465 1.00 35.34  ? 43  LYS B CE  1 
ATOM   727  N NZ  . LYS B 2 45 ? -3.814  6.854   -12.840 1.00 49.44  ? 43  LYS B NZ  1 
ATOM   728  N N   . CYS B 2 46 ? -1.536  10.086  -6.026  1.00 52.84  ? 44  CYS B N   1 
ATOM   729  C CA  . CYS B 2 46 ? -1.722  11.147  -5.040  1.00 55.95  ? 44  CYS B CA  1 
ATOM   730  C C   . CYS B 2 46 ? -0.549  11.722  -4.265  1.00 60.18  ? 44  CYS B C   1 
ATOM   731  O O   . CYS B 2 46 ? -0.661  12.802  -3.687  1.00 59.48  ? 44  CYS B O   1 
ATOM   732  C CB  . CYS B 2 46 ? -2.746  10.669  -4.015  1.00 49.04  ? 44  CYS B CB  1 
ATOM   733  S SG  . CYS B 2 46 ? -4.402  10.353  -4.690  1.00 53.81  ? 44  CYS B SG  1 
ATOM   734  N N   . ILE B 2 47 ? 0.565   11.008  -4.222  1.00 59.30  ? 45  ILE B N   1 
ATOM   735  C CA  . ILE B 2 47 ? 1.696   11.489  -3.455  1.00 56.61  ? 45  ILE B CA  1 
ATOM   736  C C   . ILE B 2 47 ? 2.834   12.135  -4.236  1.00 55.45  ? 45  ILE B C   1 
ATOM   737  O O   . ILE B 2 47 ? 3.390   11.562  -5.170  1.00 52.34  ? 45  ILE B O   1 
ATOM   738  C CB  . ILE B 2 47 ? 2.262   10.363  -2.583  1.00 54.80  ? 45  ILE B CB  1 
ATOM   739  C CG1 . ILE B 2 47 ? 1.173   9.851   -1.631  1.00 61.70  ? 45  ILE B CG1 1 
ATOM   740  C CG2 . ILE B 2 47 ? 3.439   10.875  -1.784  1.00 62.64  ? 45  ILE B CG2 1 
ATOM   741  N N   . ASN B 2 48 ? 3.160   13.351  -3.822  1.00 51.15  ? 46  ASN B N   1 
ATOM   742  C CA  . ASN B 2 48 ? 4.228   14.128  -4.407  1.00 52.48  ? 46  ASN B CA  1 
ATOM   743  C C   . ASN B 2 48 ? 5.280   14.220  -3.317  1.00 59.15  ? 46  ASN B C   1 
ATOM   744  O O   . ASN B 2 48 ? 5.026   14.775  -2.249  1.00 59.49  ? 46  ASN B O   1 
ATOM   745  C CB  . ASN B 2 48 ? 3.724   15.519  -4.754  1.00 62.40  ? 46  ASN B CB  1 
ATOM   746  C CG  . ASN B 2 48 ? 4.793   16.378  -5.353  1.00 64.88  ? 46  ASN B CG  1 
ATOM   747  O OD1 . ASN B 2 48 ? 4.585   17.562  -5.632  1.00 78.42  ? 46  ASN B OD1 1 
ATOM   748  N ND2 . ASN B 2 48 ? 5.959   15.791  -5.551  1.00 62.03  ? 46  ASN B ND2 1 
ATOM   749  N N   . THR B 2 49 ? 6.463   13.681  -3.576  1.00 62.39  ? 47  THR B N   1 
ATOM   750  C CA  . THR B 2 49 ? 7.509   13.693  -2.565  1.00 55.71  ? 47  THR B CA  1 
ATOM   751  C C   . THR B 2 49 ? 8.463   14.864  -2.701  1.00 53.26  ? 47  THR B C   1 
ATOM   752  O O   . THR B 2 49 ? 9.238   15.139  -1.782  1.00 54.41  ? 47  THR B O   1 
ATOM   753  C CB  . THR B 2 49 ? 8.309   12.368  -2.594  1.00 55.71  ? 47  THR B CB  1 
ATOM   754  O OG1 . THR B 2 49 ? 9.062   12.285  -3.808  1.00 51.45  ? 47  THR B OG1 1 
ATOM   755  C CG2 . THR B 2 49 ? 7.347   11.176  -2.526  1.00 46.87  ? 47  THR B CG2 1 
ATOM   756  N N   . SER B 2 50 ? 8.402   15.564  -3.832  1.00 45.72  ? 48  SER B N   1 
ATOM   757  C CA  . SER B 2 50 ? 9.284   16.701  -4.047  1.00 52.10  ? 48  SER B CA  1 
ATOM   758  C C   . SER B 2 50 ? 9.179   17.721  -2.918  1.00 59.24  ? 48  SER B C   1 
ATOM   759  O O   . SER B 2 50 ? 8.095   18.259  -2.654  1.00 57.70  ? 48  SER B O   1 
ATOM   760  C CB  . SER B 2 50 ? 8.967   17.384  -5.378  1.00 63.70  ? 48  SER B CB  1 
ATOM   761  O OG  . SER B 2 50 ? 9.250   16.532  -6.478  1.00 74.76  ? 48  SER B OG  1 
ATOM   762  N N   . TYR B 2 51 ? 10.312  17.972  -2.261  1.00 60.22  ? 49  TYR B N   1 
ATOM   763  C CA  . TYR B 2 51 ? 10.407  18.930  -1.159  1.00 58.75  ? 49  TYR B CA  1 
ATOM   764  C C   . TYR B 2 51 ? 9.281   18.809  -0.145  1.00 62.20  ? 49  TYR B C   1 
ATOM   765  O O   . TYR B 2 51 ? 8.876   19.797  0.463   1.00 65.77  ? 49  TYR B O   1 
ATOM   766  C CB  . TYR B 2 51 ? 10.426  20.355  -1.707  1.00 52.33  ? 49  TYR B CB  1 
ATOM   767  C CG  . TYR B 2 51 ? 11.517  20.606  -2.720  1.00 52.40  ? 49  TYR B CG  1 
ATOM   768  C CD1 . TYR B 2 51 ? 11.225  20.718  -4.074  1.00 47.14  ? 49  TYR B CD1 1 
ATOM   769  C CD2 . TYR B 2 51 ? 12.841  20.759  -2.319  1.00 59.50  ? 49  TYR B CD2 1 
ATOM   770  C CE1 . TYR B 2 51 ? 12.225  20.979  -5.007  1.00 50.43  ? 49  TYR B CE1 1 
ATOM   771  C CE2 . TYR B 2 51 ? 13.851  21.022  -3.245  1.00 61.64  ? 49  TYR B CE2 1 
ATOM   772  C CZ  . TYR B 2 51 ? 13.534  21.129  -4.583  1.00 51.71  ? 49  TYR B CZ  1 
ATOM   773  O OH  . TYR B 2 51 ? 14.532  21.367  -5.494  1.00 64.16  ? 49  TYR B OH  1 
ATOM   774  N N   . SER B 2 52 ? 8.791   17.590  0.042   1.00 68.41  ? 50  SER B N   1 
ATOM   775  C CA  . SER B 2 52 ? 7.688   17.324  0.959   1.00 68.74  ? 50  SER B CA  1 
ATOM   776  C C   . SER B 2 52 ? 8.138   17.094  2.404   1.00 69.72  ? 50  SER B C   1 
ATOM   777  O O   . SER B 2 52 ? 9.308   16.813  2.666   1.00 74.63  ? 50  SER B O   1 
ATOM   778  C CB  . SER B 2 52 ? 6.894   16.108  0.448   1.00 63.71  ? 50  SER B CB  1 
ATOM   779  O OG  . SER B 2 52 ? 5.948   15.640  1.394   1.00 61.47  ? 50  SER B OG  1 
ATOM   780  N N   . GLU B 2 53 ? 7.196   17.218  3.333   1.00 69.12  ? 51  GLU B N   1 
ATOM   781  C CA  . GLU B 2 53 ? 7.460   17.014  4.752   1.00 69.31  ? 51  GLU B CA  1 
ATOM   782  C C   . GLU B 2 53 ? 6.630   15.836  5.253   1.00 74.63  ? 51  GLU B C   1 
ATOM   783  O O   . GLU B 2 53 ? 5.412   15.829  5.103   1.00 86.05  ? 51  GLU B O   1 
ATOM   784  C CB  . GLU B 2 53 ? 7.093   18.274  5.540   1.00 75.29  ? 51  GLU B CB  1 
ATOM   785  C CG  . GLU B 2 53 ? 7.949   19.501  5.232   1.00 76.95  ? 51  GLU B CG  1 
ATOM   786  C CD  . GLU B 2 53 ? 9.258   19.510  6.005   1.00 80.24  ? 51  GLU B CD  1 
ATOM   787  O OE1 . GLU B 2 53 ? 9.443   18.630  6.874   1.00 85.34  ? 51  GLU B OE1 1 
ATOM   788  O OE2 . GLU B 2 53 ? 10.095  20.401  5.752   1.00 80.02  ? 51  GLU B OE2 1 
ATOM   789  N N   . GLY B 2 54 ? 7.306   14.857  5.845   1.00 72.48  ? 52  GLY B N   1 
ATOM   790  C CA  . GLY B 2 54 ? 6.675   13.658  6.382   1.00 73.70  ? 52  GLY B CA  1 
ATOM   791  C C   . GLY B 2 54 ? 5.187   13.614  6.703   1.00 77.53  ? 52  GLY B C   1 
ATOM   792  O O   . GLY B 2 54 ? 4.616   12.527  6.830   1.00 79.16  ? 52  GLY B O   1 
ATOM   793  N N   . GLU B 2 55 ? 4.552   14.768  6.862   1.00 78.37  ? 53  GLU B N   1 
ATOM   794  C CA  . GLU B 2 55 ? 3.127   14.807  7.152   1.00 80.19  ? 53  GLU B CA  1 
ATOM   795  C C   . GLU B 2 55 ? 2.326   14.627  5.866   1.00 80.58  ? 53  GLU B C   1 
ATOM   796  O O   . GLU B 2 55 ? 2.724   15.089  4.798   1.00 84.38  ? 53  GLU B O   1 
ATOM   797  C CB  . GLU B 2 55 ? 2.751   16.139  7.805   1.00 75.57  ? 53  GLU B CB  1 
ATOM   798  C CG  . GLU B 2 55 ? 1.278   16.267  8.143   1.00 99.46  ? 53  GLU B CG  1 
ATOM   799  C CD  . GLU B 2 55 ? 0.939   17.609  8.766   1.00 113.14 ? 53  GLU B CD  1 
ATOM   800  O OE1 . GLU B 2 55 ? 1.823   18.493  8.795   1.00 113.01 ? 53  GLU B OE1 1 
ATOM   801  O OE2 . GLU B 2 55 ? -0.215  17.780  9.219   1.00 116.95 ? 53  GLU B OE2 1 
ATOM   802  N N   . LEU B 2 56 ? 1.199   13.938  5.983   1.00 79.77  ? 54  LEU B N   1 
ATOM   803  C CA  . LEU B 2 56 ? 0.302   13.693  4.861   1.00 76.14  ? 54  LEU B CA  1 
ATOM   804  C C   . LEU B 2 56 ? -0.674  14.867  4.891   1.00 71.09  ? 54  LEU B C   1 
ATOM   805  O O   . LEU B 2 56 ? -1.522  14.933  5.781   1.00 71.84  ? 54  LEU B O   1 
ATOM   806  C CB  . LEU B 2 56 ? -0.435  12.373  5.101   1.00 73.04  ? 54  LEU B CB  1 
ATOM   807  C CG  . LEU B 2 56 ? -1.435  11.808  4.095   1.00 70.25  ? 54  LEU B CG  1 
ATOM   808  C CD1 . LEU B 2 56 ? -0.727  11.431  2.803   1.00 62.25  ? 54  LEU B CD1 1 
ATOM   809  C CD2 . LEU B 2 56 ? -2.105  10.588  4.724   1.00 56.37  ? 54  LEU B CD2 1 
ATOM   810  N N   . ASN B 2 57 ? -0.553  15.793  3.940   1.00 70.04  ? 55  ASN B N   1 
ATOM   811  C CA  . ASN B 2 57 ? -1.430  16.966  3.933   1.00 71.50  ? 55  ASN B CA  1 
ATOM   812  C C   . ASN B 2 57 ? -2.880  16.694  3.511   1.00 71.22  ? 55  ASN B C   1 
ATOM   813  O O   . ASN B 2 57 ? -3.210  15.629  2.978   1.00 67.87  ? 55  ASN B O   1 
ATOM   814  C CB  . ASN B 2 57 ? -0.818  18.096  3.087   1.00 75.53  ? 55  ASN B CB  1 
ATOM   815  C CG  . ASN B 2 57 ? -1.022  17.908  1.595   1.00 84.80  ? 55  ASN B CG  1 
ATOM   816  O OD1 . ASN B 2 57 ? -2.152  17.854  1.111   1.00 89.30  ? 55  ASN B OD1 1 
ATOM   817  N ND2 . ASN B 2 57 ? 0.078   17.825  0.856   1.00 84.80  ? 55  ASN B ND2 1 
ATOM   818  N N   . LYS B 2 58 ? -3.742  17.672  3.765   1.00 68.45  ? 56  LYS B N   1 
ATOM   819  C CA  . LYS B 2 58 ? -5.166  17.562  3.469   1.00 69.28  ? 56  LYS B CA  1 
ATOM   820  C C   . LYS B 2 58 ? -5.490  17.144  2.041   1.00 69.04  ? 56  LYS B C   1 
ATOM   821  O O   . LYS B 2 58 ? -6.314  16.255  1.818   1.00 74.65  ? 56  LYS B O   1 
ATOM   822  C CB  . LYS B 2 58 ? -5.865  18.889  3.787   1.00 72.40  ? 56  LYS B CB  1 
ATOM   823  N N   . ASN B 2 59 ? -4.847  17.792  1.079   1.00 64.00  ? 57  ASN B N   1 
ATOM   824  C CA  . ASN B 2 59 ? -5.071  17.489  -0.326  1.00 62.61  ? 57  ASN B CA  1 
ATOM   825  C C   . ASN B 2 59 ? -4.648  16.075  -0.695  1.00 63.11  ? 57  ASN B C   1 
ATOM   826  O O   . ASN B 2 59 ? -5.312  15.415  -1.489  1.00 65.41  ? 57  ASN B O   1 
ATOM   827  C CB  . ASN B 2 59 ? -4.351  18.514  -1.191  1.00 67.01  ? 57  ASN B CB  1 
ATOM   828  C CG  . ASN B 2 59 ? -5.114  19.816  -1.281  1.00 70.89  ? 57  ASN B CG  1 
ATOM   829  O OD1 . ASN B 2 59 ? -5.737  20.249  -0.309  1.00 81.54  ? 57  ASN B OD1 1 
ATOM   830  N ND2 . ASN B 2 59 ? -5.069  20.451  -2.443  1.00 84.91  ? 57  ASN B ND2 1 
ATOM   831  N N   . GLU B 2 60 ? -3.541  15.615  -0.122  1.00 64.07  ? 58  GLU B N   1 
ATOM   832  C CA  . GLU B 2 60 ? -3.063  14.264  -0.362  1.00 61.41  ? 58  GLU B CA  1 
ATOM   833  C C   . GLU B 2 60 ? -4.052  13.308  0.292   1.00 63.82  ? 58  GLU B C   1 
ATOM   834  O O   . GLU B 2 60 ? -4.372  12.252  -0.259  1.00 61.44  ? 58  GLU B O   1 
ATOM   835  C CB  . GLU B 2 60 ? -1.682  14.069  0.269   1.00 61.36  ? 58  GLU B CB  1 
ATOM   836  C CG  . GLU B 2 60 ? -0.534  14.676  -0.504  1.00 66.36  ? 58  GLU B CG  1 
ATOM   837  C CD  . GLU B 2 60 ? 0.759   14.717  0.297   1.00 78.52  ? 58  GLU B CD  1 
ATOM   838  O OE1 . GLU B 2 60 ? 1.846   14.736  -0.326  1.00 69.93  ? 58  GLU B OE1 1 
ATOM   839  O OE2 . GLU B 2 60 ? 0.687   14.743  1.546   1.00 83.37  ? 58  GLU B OE2 1 
ATOM   840  N N   . SER B 2 61 ? -4.540  13.699  1.467   1.00 67.09  ? 59  SER B N   1 
ATOM   841  C CA  . SER B 2 61 ? -5.486  12.889  2.236   1.00 63.95  ? 59  SER B CA  1 
ATOM   842  C C   . SER B 2 61 ? -6.809  12.637  1.530   1.00 62.56  ? 59  SER B C   1 
ATOM   843  O O   . SER B 2 61 ? -7.302  11.508  1.514   1.00 60.22  ? 59  SER B O   1 
ATOM   844  C CB  . SER B 2 61 ? -5.765  13.545  3.586   1.00 71.45  ? 59  SER B CB  1 
ATOM   845  O OG  . SER B 2 61 ? -4.564  13.751  4.305   1.00 80.96  ? 59  SER B OG  1 
ATOM   846  N N   . SER B 2 62 ? -7.405  13.679  0.959   1.00 60.87  ? 60  SER B N   1 
ATOM   847  C CA  . SER B 2 62 ? -8.678  13.483  0.266   1.00 64.08  ? 60  SER B CA  1 
ATOM   848  C C   . SER B 2 62 ? -8.455  12.744  -1.056  1.00 62.08  ? 60  SER B C   1 
ATOM   849  O O   . SER B 2 62 ? -9.253  11.894  -1.442  1.00 65.11  ? 60  SER B O   1 
ATOM   850  C CB  . SER B 2 62 ? -9.386  14.826  0.035   1.00 62.62  ? 60  SER B CB  1 
ATOM   851  O OG  . SER B 2 62 ? -8.501  15.803  -0.486  1.00 82.67  ? 60  SER B OG  1 
ATOM   852  N N   . CYS B 2 63 ? -7.363  13.066  -1.740  1.00 57.64  ? 61  CYS B N   1 
ATOM   853  C CA  . CYS B 2 63 ? -7.021  12.403  -2.994  1.00 62.02  ? 61  CYS B CA  1 
ATOM   854  C C   . CYS B 2 63 ? -7.040  10.895  -2.742  1.00 58.42  ? 61  CYS B C   1 
ATOM   855  O O   . CYS B 2 63 ? -7.597  10.131  -3.526  1.00 59.86  ? 61  CYS B O   1 
ATOM   856  C CB  . CYS B 2 63 ? -5.628  12.842  -3.453  1.00 51.69  ? 61  CYS B CB  1 
ATOM   857  S SG  . CYS B 2 63 ? -5.060  12.236  -5.077  1.00 59.38  ? 61  CYS B SG  1 
ATOM   858  N N   . LEU B 2 64 ? -6.441  10.478  -1.633  1.00 56.09  ? 62  LEU B N   1 
ATOM   859  C CA  . LEU B 2 64 ? -6.411  9.070   -1.272  1.00 58.43  ? 62  LEU B CA  1 
ATOM   860  C C   . LEU B 2 64 ? -7.817  8.485   -1.163  1.00 62.17  ? 62  LEU B C   1 
ATOM   861  O O   . LEU B 2 64 ? -8.108  7.456   -1.766  1.00 65.67  ? 62  LEU B O   1 
ATOM   862  C CB  . LEU B 2 64 ? -5.678  8.875   0.057   1.00 62.43  ? 62  LEU B CB  1 
ATOM   863  C CG  . LEU B 2 64 ? -4.201  9.264   0.066   1.00 65.24  ? 62  LEU B CG  1 
ATOM   864  C CD1 . LEU B 2 64 ? -3.594  8.928   1.426   1.00 62.32  ? 62  LEU B CD1 1 
ATOM   865  C CD2 . LEU B 2 64 ? -3.473  8.515   -1.057  1.00 63.78  ? 62  LEU B CD2 1 
ATOM   866  N N   . ASP B 2 65 ? -8.690  9.134   -0.396  1.00 63.62  ? 63  ASP B N   1 
ATOM   867  C CA  . ASP B 2 65 ? -10.055 8.635   -0.232  1.00 63.30  ? 63  ASP B CA  1 
ATOM   868  C C   . ASP B 2 65 ? -10.700 8.407   -1.592  1.00 59.09  ? 63  ASP B C   1 
ATOM   869  O O   . ASP B 2 65 ? -11.177 7.306   -1.901  1.00 60.68  ? 63  ASP B O   1 
ATOM   870  C CB  . ASP B 2 65 ? -10.912 9.618   0.576   1.00 66.27  ? 63  ASP B CB  1 
ATOM   871  C CG  . ASP B 2 65 ? -10.353 9.884   1.968   1.00 76.36  ? 63  ASP B CG  1 
ATOM   872  O OD1 . ASP B 2 65 ? -9.753  8.964   2.564   1.00 74.27  ? 63  ASP B OD1 1 
ATOM   873  O OD2 . ASP B 2 65 ? -10.533 11.016  2.472   1.00 78.51  ? 63  ASP B OD2 1 
ATOM   874  N N   . ARG B 2 66 ? -10.708 9.453   -2.409  1.00 58.06  ? 64  ARG B N   1 
ATOM   875  C CA  . ARG B 2 66 ? -11.295 9.368   -3.735  1.00 56.14  ? 64  ARG B CA  1 
ATOM   876  C C   . ARG B 2 66 ? -10.570 8.352   -4.603  1.00 60.99  ? 64  ARG B C   1 
ATOM   877  O O   . ARG B 2 66 ? -11.204 7.684   -5.424  1.00 66.68  ? 64  ARG B O   1 
ATOM   878  C CB  . ARG B 2 66 ? -11.279 10.740  -4.392  1.00 56.91  ? 64  ARG B CB  1 
ATOM   879  C CG  . ARG B 2 66 ? -12.042 11.757  -3.577  1.00 51.55  ? 64  ARG B CG  1 
ATOM   880  C CD  . ARG B 2 66 ? -11.882 13.152  -4.108  1.00 55.24  ? 64  ARG B CD  1 
ATOM   881  N NE  . ARG B 2 66 ? -12.415 14.115  -3.154  1.00 64.89  ? 64  ARG B NE  1 
ATOM   882  C CZ  . ARG B 2 66 ? -12.375 15.430  -3.317  1.00 75.92  ? 64  ARG B CZ  1 
ATOM   883  N NH1 . ARG B 2 66 ? -11.823 15.946  -4.408  1.00 83.15  ? 64  ARG B NH1 1 
ATOM   884  N NH2 . ARG B 2 66 ? -12.883 16.229  -2.385  1.00 79.53  ? 64  ARG B NH2 1 
ATOM   885  N N   . CYS B 2 67 ? -9.253  8.222   -4.410  1.00 56.18  ? 65  CYS B N   1 
ATOM   886  C CA  . CYS B 2 67 ? -8.469  7.266   -5.184  1.00 50.64  ? 65  CYS B CA  1 
ATOM   887  C C   . CYS B 2 67 ? -8.894  5.843   -4.847  1.00 48.62  ? 65  CYS B C   1 
ATOM   888  O O   . CYS B 2 67 ? -9.143  5.032   -5.741  1.00 46.45  ? 65  CYS B O   1 
ATOM   889  C CB  . CYS B 2 67 ? -6.961  7.424   -4.919  1.00 54.73  ? 65  CYS B CB  1 
ATOM   890  S SG  . CYS B 2 67 ? -5.928  6.297   -5.932  1.00 59.97  ? 65  CYS B SG  1 
ATOM   891  N N   . VAL B 2 68 ? -8.971  5.549   -3.550  1.00 52.30  ? 66  VAL B N   1 
ATOM   892  C CA  . VAL B 2 68 ? -9.377  4.230   -3.069  1.00 57.23  ? 66  VAL B CA  1 
ATOM   893  C C   . VAL B 2 68 ? -10.782 3.903   -3.558  1.00 59.54  ? 66  VAL B C   1 
ATOM   894  O O   . VAL B 2 68 ? -11.081 2.764   -3.922  1.00 59.30  ? 66  VAL B O   1 
ATOM   895  C CB  . VAL B 2 68 ? -9.352  4.174   -1.534  1.00 59.50  ? 66  VAL B CB  1 
ATOM   896  C CG1 . VAL B 2 68 ? -9.829  2.811   -1.048  1.00 49.16  ? 66  VAL B CG1 1 
ATOM   897  C CG2 . VAL B 2 68 ? -7.941  4.452   -1.041  1.00 58.43  ? 66  VAL B CG2 1 
ATOM   898  N N   . ALA B 2 69 ? -11.639 4.917   -3.581  1.00 62.75  ? 67  ALA B N   1 
ATOM   899  C CA  . ALA B 2 69 ? -13.006 4.736   -4.043  1.00 61.04  ? 67  ALA B CA  1 
ATOM   900  C C   . ALA B 2 69 ? -13.061 4.428   -5.543  1.00 60.74  ? 67  ALA B C   1 
ATOM   901  O O   . ALA B 2 69 ? -13.728 3.479   -5.954  1.00 61.14  ? 67  ALA B O   1 
ATOM   902  C CB  . ALA B 2 69 ? -13.815 5.987   -3.737  1.00 67.34  ? 67  ALA B CB  1 
ATOM   903  N N   . LYS B 2 70 ? -12.374 5.224   -6.366  1.00 50.84  ? 68  LYS B N   1 
ATOM   904  C CA  . LYS B 2 70 ? -12.399 4.968   -7.806  1.00 51.32  ? 68  LYS B CA  1 
ATOM   905  C C   . LYS B 2 70 ? -11.747 3.634   -8.159  1.00 50.15  ? 68  LYS B C   1 
ATOM   906  O O   . LYS B 2 70 ? -12.042 3.049   -9.196  1.00 53.64  ? 68  LYS B O   1 
ATOM   907  C CB  . LYS B 2 70 ? -11.714 6.086   -8.585  1.00 49.86  ? 68  LYS B CB  1 
ATOM   908  C CG  . LYS B 2 70 ? -12.426 7.411   -8.546  1.00 52.98  ? 68  LYS B CG  1 
ATOM   909  C CD  . LYS B 2 70 ? -11.910 8.301   -9.661  1.00 65.65  ? 68  LYS B CD  1 
ATOM   910  C CE  . LYS B 2 70 ? -12.706 9.582   -9.777  1.00 69.18  ? 68  LYS B CE  1 
ATOM   911  N NZ  . LYS B 2 70 ? -12.409 10.263  -11.065 1.00 63.16  ? 68  LYS B NZ  1 
ATOM   912  N N   . TYR B 2 71 ? -10.858 3.156   -7.297  1.00 48.55  ? 69  TYR B N   1 
ATOM   913  C CA  . TYR B 2 71 ? -10.191 1.886   -7.538  1.00 50.10  ? 69  TYR B CA  1 
ATOM   914  C C   . TYR B 2 71 ? -11.192 0.739   -7.399  1.00 51.72  ? 69  TYR B C   1 
ATOM   915  O O   . TYR B 2 71 ? -11.137 -0.237  -8.139  1.00 57.04  ? 69  TYR B O   1 
ATOM   916  C CB  . TYR B 2 71 ? -9.050  1.688   -6.548  1.00 54.44  ? 69  TYR B CB  1 
ATOM   917  C CG  . TYR B 2 71 ? -8.059  0.647   -6.981  1.00 63.18  ? 69  TYR B CG  1 
ATOM   918  C CD1 . TYR B 2 71 ? -7.021  0.977   -7.850  1.00 64.92  ? 69  TYR B CD1 1 
ATOM   919  C CD2 . TYR B 2 71 ? -8.162  -0.676  -6.538  1.00 65.29  ? 69  TYR B CD2 1 
ATOM   920  C CE1 . TYR B 2 71 ? -6.107  0.026   -8.268  1.00 62.03  ? 69  TYR B CE1 1 
ATOM   921  C CE2 . TYR B 2 71 ? -7.248  -1.641  -6.955  1.00 66.22  ? 69  TYR B CE2 1 
ATOM   922  C CZ  . TYR B 2 71 ? -6.222  -1.278  -7.823  1.00 63.21  ? 69  TYR B CZ  1 
ATOM   923  O OH  . TYR B 2 71 ? -5.309  -2.214  -8.266  1.00 73.80  ? 69  TYR B OH  1 
ATOM   924  N N   . PHE B 2 72 ? -12.098 0.844   -6.433  1.00 56.01  ? 70  PHE B N   1 
ATOM   925  C CA  . PHE B 2 72 ? -13.111 -0.190  -6.264  1.00 58.10  ? 70  PHE B CA  1 
ATOM   926  C C   . PHE B 2 72 ? -14.124 -0.055  -7.381  1.00 50.52  ? 70  PHE B C   1 
ATOM   927  O O   . PHE B 2 72 ? -14.587 -1.045  -7.943  1.00 56.72  ? 70  PHE B O   1 
ATOM   928  C CB  . PHE B 2 72 ? -13.814 -0.064  -4.912  1.00 54.73  ? 70  PHE B CB  1 
ATOM   929  C CG  . PHE B 2 72 ? -13.082 -0.741  -3.796  1.00 72.78  ? 70  PHE B CG  1 
ATOM   930  C CD1 . PHE B 2 72 ? -12.003 -0.122  -3.178  1.00 63.46  ? 70  PHE B CD1 1 
ATOM   931  C CD2 . PHE B 2 72 ? -13.449 -2.023  -3.383  1.00 72.20  ? 70  PHE B CD2 1 
ATOM   932  C CE1 . PHE B 2 72 ? -11.294 -0.768  -2.159  1.00 76.73  ? 70  PHE B CE1 1 
ATOM   933  C CE2 . PHE B 2 72 ? -12.748 -2.676  -2.368  1.00 75.98  ? 70  PHE B CE2 1 
ATOM   934  C CZ  . PHE B 2 72 ? -11.669 -2.047  -1.755  1.00 72.09  ? 70  PHE B CZ  1 
ATOM   935  N N   . GLU B 2 73 ? -14.462 1.182   -7.713  1.00 53.28  ? 71  GLU B N   1 
ATOM   936  C CA  . GLU B 2 73 ? -15.413 1.402   -8.785  1.00 61.57  ? 71  GLU B CA  1 
ATOM   937  C C   . GLU B 2 73 ? -14.826 0.803   -10.063 1.00 59.25  ? 71  GLU B C   1 
ATOM   938  O O   . GLU B 2 73 ? -15.553 0.244   -10.880 1.00 63.69  ? 71  GLU B O   1 
ATOM   939  C CB  . GLU B 2 73 ? -15.689 2.897   -8.953  1.00 53.22  ? 71  GLU B CB  1 
ATOM   940  C CG  . GLU B 2 73 ? -16.957 3.200   -9.728  1.00 72.44  ? 71  GLU B CG  1 
ATOM   941  C CD  . GLU B 2 73 ? -17.257 4.683   -9.789  1.00 91.04  ? 71  GLU B CD  1 
ATOM   942  O OE1 . GLU B 2 73 ? -16.584 5.452   -9.068  1.00 99.14  ? 71  GLU B OE1 1 
ATOM   943  O OE2 . GLU B 2 73 ? -18.165 5.079   -10.551 1.00 98.00  ? 71  GLU B OE2 1 
ATOM   944  N N   . THR B 2 74 ? -13.504 0.896   -10.207 1.00 63.82  ? 72  THR B N   1 
ATOM   945  C CA  . THR B 2 74 ? -12.814 0.360   -11.376 1.00 58.49  ? 72  THR B CA  1 
ATOM   946  C C   . THR B 2 74 ? -12.862 -1.165  -11.364 1.00 57.36  ? 72  THR B C   1 
ATOM   947  O O   . THR B 2 74 ? -13.008 -1.780  -12.415 1.00 55.94  ? 72  THR B O   1 
ATOM   948  C CB  . THR B 2 74 ? -11.337 0.889   -11.448 1.00 62.34  ? 72  THR B CB  1 
ATOM   949  O OG1 . THR B 2 74 ? -11.361 2.309   -11.675 1.00 47.06  ? 72  THR B OG1 1 
ATOM   950  C CG2 . THR B 2 74 ? -10.548 0.215   -12.601 1.00 38.84  ? 72  THR B CG2 1 
ATOM   951  N N   . ASN B 2 75 ? -12.749 -1.769  -10.181 1.00 60.97  ? 73  ASN B N   1 
ATOM   952  C CA  . ASN B 2 75 ? -12.825 -3.229  -10.038 1.00 64.78  ? 73  ASN B CA  1 
ATOM   953  C C   . ASN B 2 75 ? -14.109 -3.742  -10.672 1.00 66.25  ? 73  ASN B C   1 
ATOM   954  O O   . ASN B 2 75 ? -14.087 -4.523  -11.621 1.00 67.78  ? 73  ASN B O   1 
ATOM   955  C CB  . ASN B 2 75 ? -12.857 -3.654  -8.565  1.00 68.77  ? 73  ASN B CB  1 
ATOM   956  C CG  . ASN B 2 75 ? -11.490 -3.884  -7.989  1.00 75.44  ? 73  ASN B CG  1 
ATOM   957  O OD1 . ASN B 2 75 ? -10.878 -2.974  -7.430  1.00 87.20  ? 73  ASN B OD1 1 
ATOM   958  N ND2 . ASN B 2 75 ? -10.993 -5.105  -8.127  1.00 78.85  ? 73  ASN B ND2 1 
ATOM   959  N N   . VAL B 2 76 ? -15.230 -3.296  -10.111 1.00 69.08  ? 74  VAL B N   1 
ATOM   960  C CA  . VAL B 2 76 ? -16.557 -3.684  -10.569 1.00 70.38  ? 74  VAL B CA  1 
ATOM   961  C C   . VAL B 2 76 ? -16.691 -3.411  -12.054 1.00 72.35  ? 74  VAL B C   1 
ATOM   962  O O   . VAL B 2 76 ? -17.143 -4.267  -12.811 1.00 74.42  ? 74  VAL B O   1 
ATOM   963  C CB  . VAL B 2 76 ? -17.658 -2.897  -9.807  1.00 72.11  ? 74  VAL B CB  1 
ATOM   964  C CG1 . VAL B 2 76 ? -19.023 -3.235  -10.373 1.00 81.00  ? 74  VAL B CG1 1 
ATOM   965  C CG2 . VAL B 2 76 ? -17.599 -3.241  -8.326  1.00 74.75  ? 74  VAL B CG2 1 
ATOM   966  N N   . GLN B 2 77 ? -16.294 -2.213  -12.465 1.00 75.16  ? 75  GLN B N   1 
ATOM   967  C CA  . GLN B 2 77 ? -16.352 -1.835  -13.871 1.00 75.97  ? 75  GLN B CA  1 
ATOM   968  C C   . GLN B 2 77 ? -15.640 -2.899  -14.714 1.00 75.25  ? 75  GLN B C   1 
ATOM   969  O O   . GLN B 2 77 ? -16.222 -3.460  -15.640 1.00 73.59  ? 75  GLN B O   1 
ATOM   970  C CB  . GLN B 2 77 ? -15.676 -0.479  -14.080 1.00 78.60  ? 75  GLN B CB  1 
ATOM   971  C CG  . GLN B 2 77 ? -15.920 0.114   -15.450 1.00 87.43  ? 75  GLN B CG  1 
ATOM   972  C CD  . GLN B 2 77 ? -17.304 0.712   -15.577 1.00 93.66  ? 75  GLN B CD  1 
ATOM   973  O OE1 . GLN B 2 77 ? -18.198 0.411   -14.787 1.00 105.07 ? 75  GLN B OE1 1 
ATOM   974  N NE2 . GLN B 2 77 ? -17.493 1.556   -16.581 1.00 95.39  ? 75  GLN B NE2 1 
ATOM   975  N N   . VAL B 2 78 ? -14.380 -3.169  -14.385 1.00 76.48  ? 76  VAL B N   1 
ATOM   976  C CA  . VAL B 2 78 ? -13.587 -4.165  -15.100 1.00 80.72  ? 76  VAL B CA  1 
ATOM   977  C C   . VAL B 2 78 ? -14.194 -5.556  -14.928 1.00 82.71  ? 76  VAL B C   1 
ATOM   978  O O   . VAL B 2 78 ? -14.039 -6.424  -15.782 1.00 85.08  ? 76  VAL B O   1 
ATOM   979  C CB  . VAL B 2 78 ? -12.125 -4.168  -14.586 1.00 80.48  ? 76  VAL B CB  1 
ATOM   980  C CG1 . VAL B 2 78 ? -11.343 -5.323  -15.193 1.00 69.66  ? 76  VAL B CG1 1 
ATOM   981  C CG2 . VAL B 2 78 ? -11.464 -2.849  -14.933 1.00 71.42  ? 76  VAL B CG2 1 
ATOM   982  N N   . GLY B 2 79 ? -14.882 -5.765  -13.814 1.00 86.38  ? 77  GLY B N   1 
ATOM   983  C CA  . GLY B 2 79 ? -15.513 -7.051  -13.572 1.00 89.66  ? 77  GLY B CA  1 
ATOM   984  C C   . GLY B 2 79 ? -16.689 -7.248  -14.516 1.00 90.12  ? 77  GLY B C   1 
ATOM   985  O O   . GLY B 2 79 ? -16.916 -8.343  -15.025 1.00 89.55  ? 77  GLY B O   1 
ATOM   986  N N   . GLU B 2 80 ? -17.442 -6.179  -14.753 1.00 91.99  ? 78  GLU B N   1 
ATOM   987  C CA  . GLU B 2 80 ? -18.589 -6.237  -15.648 1.00 91.57  ? 78  GLU B CA  1 
ATOM   988  C C   . GLU B 2 80 ? -18.143 -6.319  -17.109 1.00 94.66  ? 78  GLU B C   1 
ATOM   989  O O   . GLU B 2 80 ? -18.882 -6.817  -17.955 1.00 96.89  ? 78  GLU B O   1 
ATOM   990  C CB  . GLU B 2 80 ? -19.496 -5.012  -15.442 1.00 86.97  ? 78  GLU B CB  1 
ATOM   991  C CG  . GLU B 2 80 ? -20.070 -4.891  -14.030 1.00 92.46  ? 78  GLU B CG  1 
ATOM   992  C CD  . GLU B 2 80 ? -21.050 -3.735  -13.872 1.00 101.09 ? 78  GLU B CD  1 
ATOM   993  O OE1 . GLU B 2 80 ? -20.684 -2.589  -14.210 1.00 108.03 ? 78  GLU B OE1 1 
ATOM   994  O OE2 . GLU B 2 80 ? -22.185 -3.971  -13.402 1.00 98.36  ? 78  GLU B OE2 1 
ATOM   995  N N   . ASN B 2 81 ? -16.936 -5.833  -17.401 1.00 99.22  ? 79  ASN B N   1 
ATOM   996  C CA  . ASN B 2 81 ? -16.408 -5.865  -18.766 1.00 99.41  ? 79  ASN B CA  1 
ATOM   997  C C   . ASN B 2 81 ? -16.000 -7.284  -19.153 1.00 99.30  ? 79  ASN B C   1 
ATOM   998  O O   . ASN B 2 81 ? -16.125 -7.681  -20.313 1.00 98.20  ? 79  ASN B O   1 
ATOM   999  C CB  . ASN B 2 81 ? -15.198 -4.933  -18.912 1.00 99.41  ? 79  ASN B CB  1 
ATOM   1000 C CG  . ASN B 2 81 ? -15.558 -3.465  -18.741 1.00 102.67 ? 79  ASN B CG  1 
ATOM   1001 O OD1 . ASN B 2 81 ? -16.488 -2.962  -19.373 1.00 91.15  ? 79  ASN B OD1 1 
ATOM   1002 N ND2 . ASN B 2 81 ? -14.809 -2.767  -17.891 1.00 103.87 ? 79  ASN B ND2 1 
ATOM   1003 N N   . MET B 2 82 ? -15.501 -8.040  -18.180 1.00 96.65  ? 80  MET B N   1 
ATOM   1004 C CA  . MET B 2 82 ? -15.096 -9.419  -18.423 1.00 99.73  ? 80  MET B CA  1 
ATOM   1005 C C   . MET B 2 82 ? -16.338 -10.303 -18.527 1.00 103.39 ? 80  MET B C   1 
ATOM   1006 O O   . MET B 2 82 ? -16.343 -11.309 -19.238 1.00 104.09 ? 80  MET B O   1 
ATOM   1007 C CB  . MET B 2 82 ? -14.196 -9.918  -17.290 1.00 97.74  ? 80  MET B CB  1 
ATOM   1008 C CG  . MET B 2 82 ? -12.890 -9.156  -17.152 1.00 96.49  ? 80  MET B CG  1 
ATOM   1009 S SD  . MET B 2 82 ? -11.737 -9.947  -16.004 1.00 96.96  ? 80  MET B SD  1 
ATOM   1010 C CE  . MET B 2 82 ? -11.147 -11.272 -17.014 1.00 97.78  ? 80  MET B CE  1 
ATOM   1011 N N   . GLN B 2 83 ? -17.389 -9.915  -17.810 1.00 104.07 ? 81  GLN B N   1 
ATOM   1012 C CA  . GLN B 2 83 ? -18.644 -10.656 -17.822 1.00 105.83 ? 81  GLN B CA  1 
ATOM   1013 C C   . GLN B 2 83 ? -19.350 -10.487 -19.164 1.00 107.06 ? 81  GLN B C   1 
ATOM   1014 O O   . GLN B 2 83 ? -20.076 -11.375 -19.608 1.00 107.67 ? 81  GLN B O   1 
ATOM   1015 C CB  . GLN B 2 83 ? -19.562 -10.166 -16.696 1.00 107.24 ? 81  GLN B CB  1 
ATOM   1016 N N   . LYS B 2 84 ? -19.134 -9.346  -19.808 1.00 108.39 ? 82  LYS B N   1 
ATOM   1017 C CA  . LYS B 2 84 ? -19.754 -9.086  -21.096 1.00 114.03 ? 82  LYS B CA  1 
ATOM   1018 C C   . LYS B 2 84 ? -19.150 -9.988  -22.157 1.00 118.55 ? 82  LYS B C   1 
ATOM   1019 O O   . LYS B 2 84 ? -19.871 -10.647 -22.902 1.00 122.86 ? 82  LYS B O   1 
ATOM   1020 C CB  . LYS B 2 84 ? -19.570 -7.624  -21.493 1.00 115.72 ? 82  LYS B CB  1 
ATOM   1021 C CG  . LYS B 2 84 ? -20.224 -7.265  -22.812 1.00 121.14 ? 82  LYS B CG  1 
ATOM   1022 C CD  . LYS B 2 84 ? -20.114 -5.778  -23.085 1.00 122.63 ? 82  LYS B CD  1 
ATOM   1023 C CE  . LYS B 2 84 ? -20.792 -5.411  -24.387 1.00 125.74 ? 82  LYS B CE  1 
ATOM   1024 N NZ  . LYS B 2 84 ? -20.663 -3.956  -24.665 1.00 129.60 ? 82  LYS B NZ  1 
ATOM   1025 N N   . MET B 2 85 ? -17.825 -10.017 -22.224 1.00 120.10 ? 83  MET B N   1 
ATOM   1026 C CA  . MET B 2 85 ? -17.134 -10.852 -23.195 1.00 122.10 ? 83  MET B CA  1 
ATOM   1027 C C   . MET B 2 85 ? -16.382 -11.970 -22.484 1.00 124.37 ? 83  MET B C   1 
ATOM   1028 O O   . MET B 2 85 ? -15.764 -12.783 -23.201 1.00 128.87 ? 83  MET B O   1 
ATOM   1029 C CB  . MET B 2 85 ? -16.152 -10.010 -24.019 1.00 119.33 ? 83  MET B CB  1 
HETATM 1030 O O   . HOH C 3 .  ? 20.781  12.031  -7.717  1.00 72.34  ? 88  HOH A O   1 
HETATM 1031 O O   . HOH C 3 .  ? 16.692  4.682   -8.686  1.00 67.34  ? 89  HOH A O   1 
HETATM 1032 O O   . HOH C 3 .  ? 25.060  12.179  -6.228  1.00 86.12  ? 90  HOH A O   1 
HETATM 1033 O O   . HOH C 3 .  ? 2.289   -3.038  0.792   1.00 103.05 ? 91  HOH A O   1 
HETATM 1034 O O   . HOH C 3 .  ? 2.213   -1.254  2.914   1.00 69.00  ? 92  HOH A O   1 
HETATM 1035 O O   . HOH C 3 .  ? 8.452   8.259   -6.320  1.00 56.73  ? 93  HOH A O   1 
HETATM 1036 O O   . HOH C 3 .  ? 18.953  16.309  -0.969  1.00 74.55  ? 94  HOH A O   1 
HETATM 1037 O O   . HOH C 3 .  ? 19.466  12.993  0.025   1.00 68.99  ? 95  HOH A O   1 
HETATM 1038 O O   . HOH C 3 .  ? 21.707  10.582  -1.212  1.00 65.44  ? 96  HOH A O   1 
HETATM 1039 O O   . HOH C 3 .  ? 8.821   5.399   -7.545  1.00 88.67  ? 97  HOH A O   1 
HETATM 1040 O O   . HOH C 3 .  ? 6.088   4.608   -7.421  1.00 83.79  ? 98  HOH A O   1 
HETATM 1041 O O   . HOH C 3 .  ? 27.211  10.760  -6.118  1.00 77.10  ? 99  HOH A O   1 
HETATM 1042 O O   . HOH C 3 .  ? -4.627  -3.533  6.037   1.00 77.28  ? 100 HOH A O   1 
HETATM 1043 O O   . HOH C 3 .  ? 19.343  7.683   -7.126  1.00 75.87  ? 101 HOH A O   1 
HETATM 1044 O O   . HOH C 3 .  ? 16.706  14.441  0.270   1.00 84.99  ? 102 HOH A O   1 
HETATM 1045 O O   . HOH C 3 .  ? 8.748   -1.030  -2.549  1.00 111.37 ? 103 HOH A O   1 
HETATM 1046 O O   . HOH C 3 .  ? -3.188  -0.693  10.610  1.00 95.48  ? 104 HOH A O   1 
HETATM 1047 O O   . HOH C 3 .  ? 8.000   -3.374  -8.044  1.00 96.62  ? 105 HOH A O   1 
HETATM 1048 O O   . HOH C 3 .  ? -0.233  -7.652  10.042  1.00 89.81  ? 106 HOH A O   1 
HETATM 1049 O O   . HOH C 3 .  ? 11.240  -0.629  -7.499  1.00 86.58  ? 107 HOH A O   1 
HETATM 1050 O O   . HOH C 3 .  ? 9.623   2.458   -4.950  1.00 76.00  ? 108 HOH A O   1 
HETATM 1051 O O   . HOH C 3 .  ? 8.997   9.239   -4.385  1.00 74.84  ? 109 HOH A O   1 
HETATM 1052 O O   . HOH C 3 .  ? 18.784  5.489   -9.978  1.00 61.19  ? 110 HOH A O   1 
HETATM 1053 O O   . HOH C 3 .  ? 19.282  11.508  -2.280  1.00 78.71  ? 111 HOH A O   1 
HETATM 1054 O O   . HOH C 3 .  ? 16.267  5.345   -6.689  1.00 95.46  ? 112 HOH A O   1 
HETATM 1055 O O   . HOH C 3 .  ? 16.506  2.238   -6.953  1.00 75.28  ? 113 HOH A O   1 
HETATM 1056 O O   . HOH C 3 .  ? -9.194  -6.224  5.994   1.00 97.84  ? 114 HOH A O   1 
HETATM 1057 O O   . HOH C 3 .  ? 18.228  8.763   -5.044  1.00 59.10  ? 115 HOH A O   1 
HETATM 1058 O O   . HOH C 3 .  ? 10.461  6.166   -9.241  1.00 70.24  ? 116 HOH A O   1 
HETATM 1059 O O   . HOH C 3 .  ? 17.865  21.699  6.121   1.00 71.56  ? 117 HOH A O   1 
HETATM 1060 O O   . HOH D 3 .  ? -16.861 3.957   -5.001  1.00 68.53  ? 94  HOH B O   1 
HETATM 1061 O O   . HOH D 3 .  ? -2.961  11.225  -10.530 1.00 86.76  ? 95  HOH B O   1 
HETATM 1062 O O   . HOH D 3 .  ? 5.526   2.912   -3.206  1.00 61.69  ? 96  HOH B O   1 
HETATM 1063 O O   . HOH D 3 .  ? 6.216   -0.437  -7.530  1.00 89.65  ? 97  HOH B O   1 
HETATM 1064 O O   . HOH D 3 .  ? 8.854   15.921  -9.992  1.00 80.74  ? 98  HOH B O   1 
HETATM 1065 O O   . HOH D 3 .  ? -7.631  15.445  -9.287  1.00 77.76  ? 99  HOH B O   1 
HETATM 1066 O O   . HOH D 3 .  ? -6.982  15.994  -3.828  1.00 88.69  ? 100 HOH B O   1 
HETATM 1067 O O   . HOH D 3 .  ? 2.307   19.316  0.054   1.00 103.80 ? 101 HOH B O   1 
HETATM 1068 O O   . HOH D 3 .  ? 4.002   2.689   -5.519  1.00 88.33  ? 102 HOH B O   1 
HETATM 1069 O O   . HOH D 3 .  ? 6.732   12.643  -7.219  1.00 75.63  ? 103 HOH B O   1 
HETATM 1070 O O   . HOH D 3 .  ? 6.935   15.555  -7.573  1.00 56.91  ? 104 HOH B O   1 
HETATM 1071 O O   . HOH D 3 .  ? 8.445   11.034  -6.128  1.00 110.00 ? 105 HOH B O   1 
HETATM 1072 O O   . HOH D 3 .  ? 0.042   20.479  8.735   1.00 81.35  ? 106 HOH B O   1 
# 
